data_2MGR
#
_entry.id   2MGR
#
_entity_poly.entity_id   1
_entity_poly.type   'polypeptide(L)'
_entity_poly.pdbx_seq_one_letter_code
;GVDPKHVCVDTRDIPKNAGCFRDDDGTKEWRCLLGYKKGEGNTCVENNNPTCDINNGGCDPTASCQNAESTENSKKIICT
CKEPTPNAYYEGVFCSSSS
;
_entity_poly.pdbx_strand_id   A
#
# COMPACT_ATOMS: atom_id res chain seq x y z
N GLY A 1 -6.90 -3.39 -12.21
CA GLY A 1 -6.56 -4.84 -12.16
C GLY A 1 -7.66 -5.66 -11.51
N VAL A 2 -7.35 -6.23 -10.36
CA VAL A 2 -8.28 -7.06 -9.62
C VAL A 2 -9.09 -6.23 -8.63
N ASP A 3 -10.15 -6.83 -8.12
CA ASP A 3 -11.05 -6.20 -7.18
C ASP A 3 -10.55 -6.38 -5.76
N PRO A 4 -10.22 -5.28 -5.10
CA PRO A 4 -9.84 -5.17 -3.67
C PRO A 4 -10.59 -6.08 -2.65
N LYS A 5 -11.71 -6.70 -3.04
CA LYS A 5 -12.51 -7.65 -2.18
C LYS A 5 -11.70 -8.70 -1.38
N HIS A 6 -10.40 -8.60 -1.47
CA HIS A 6 -9.45 -9.54 -0.87
C HIS A 6 -9.54 -9.53 0.65
N VAL A 7 -10.10 -8.43 1.17
CA VAL A 7 -10.26 -8.18 2.62
C VAL A 7 -8.97 -8.42 3.42
N CYS A 8 -9.10 -8.38 4.74
CA CYS A 8 -8.03 -8.79 5.62
C CYS A 8 -8.60 -9.22 6.96
N VAL A 9 -8.01 -10.27 7.54
CA VAL A 9 -8.55 -10.88 8.74
C VAL A 9 -7.48 -11.00 9.84
N ASP A 10 -6.36 -11.60 9.47
CA ASP A 10 -5.34 -11.98 10.45
C ASP A 10 -4.18 -11.00 10.42
N THR A 11 -3.45 -11.02 9.32
CA THR A 11 -2.37 -10.06 9.07
C THR A 11 -1.36 -9.99 10.23
N ARG A 12 -0.89 -11.16 10.66
CA ARG A 12 0.17 -11.23 11.65
C ARG A 12 1.53 -11.13 10.98
N ASP A 13 1.55 -11.45 9.69
CA ASP A 13 2.75 -11.36 8.87
C ASP A 13 3.07 -9.91 8.56
N ILE A 14 2.14 -9.05 8.97
CA ILE A 14 2.15 -7.64 8.62
C ILE A 14 2.99 -6.84 9.63
N PRO A 15 4.16 -6.37 9.19
CA PRO A 15 5.11 -5.59 10.01
C PRO A 15 4.64 -4.18 10.34
N LYS A 16 5.54 -3.42 10.98
CA LYS A 16 5.26 -2.04 11.36
C LYS A 16 5.40 -1.12 10.16
N ASN A 17 4.84 0.09 10.30
CA ASN A 17 4.68 1.06 9.21
C ASN A 17 4.10 0.41 7.95
N ALA A 18 3.49 -0.75 8.13
CA ALA A 18 2.94 -1.50 7.03
C ALA A 18 1.46 -1.68 7.22
N GLY A 19 0.71 -1.50 6.15
CA GLY A 19 -0.71 -1.68 6.19
C GLY A 19 -1.08 -3.15 6.06
N CYS A 20 -2.27 -3.52 6.48
CA CYS A 20 -2.65 -4.91 6.46
C CYS A 20 -3.57 -5.23 5.29
N PHE A 21 -3.31 -6.36 4.63
CA PHE A 21 -4.09 -6.76 3.47
C PHE A 21 -4.12 -8.29 3.36
N ARG A 22 -5.13 -8.81 2.72
CA ARG A 22 -5.18 -10.21 2.35
C ARG A 22 -5.35 -10.30 0.85
N ASP A 23 -4.81 -11.32 0.20
CA ASP A 23 -5.00 -11.45 -1.23
C ASP A 23 -6.05 -12.53 -1.55
N ASP A 24 -6.49 -12.61 -2.81
CA ASP A 24 -7.46 -13.63 -3.22
C ASP A 24 -6.89 -15.02 -3.01
N ASP A 25 -5.57 -15.11 -3.06
CA ASP A 25 -4.86 -16.37 -2.86
C ASP A 25 -5.08 -16.88 -1.44
N GLY A 26 -5.43 -15.98 -0.54
CA GLY A 26 -5.59 -16.33 0.84
C GLY A 26 -4.42 -15.82 1.65
N THR A 27 -3.32 -15.57 0.96
CA THR A 27 -2.14 -15.03 1.58
C THR A 27 -2.37 -13.62 2.08
N LYS A 28 -2.01 -13.39 3.34
CA LYS A 28 -2.13 -12.06 3.91
C LYS A 28 -0.92 -11.25 3.51
N GLU A 29 -1.16 -10.11 2.92
CA GLU A 29 -0.09 -9.28 2.44
C GLU A 29 0.11 -8.05 3.30
N TRP A 30 1.22 -7.41 3.06
CA TRP A 30 1.54 -6.16 3.66
C TRP A 30 2.34 -5.32 2.69
N ARG A 31 2.19 -4.04 2.82
CA ARG A 31 2.87 -3.10 1.97
C ARG A 31 3.34 -1.97 2.84
N CYS A 32 4.14 -1.13 2.26
CA CYS A 32 4.79 -0.10 3.01
C CYS A 32 4.12 1.18 2.64
N LEU A 33 3.66 1.85 3.68
CA LEU A 33 2.81 3.03 3.58
C LEU A 33 3.27 4.03 2.53
N LEU A 34 2.44 5.03 2.26
CA LEU A 34 2.70 5.97 1.20
C LEU A 34 4.03 6.67 1.41
N GLY A 35 4.94 6.43 0.48
CA GLY A 35 6.27 7.00 0.56
C GLY A 35 7.18 6.24 1.50
N TYR A 36 6.74 5.08 1.96
CA TYR A 36 7.54 4.22 2.81
C TYR A 36 8.32 3.18 1.99
N LYS A 37 9.08 2.34 2.68
CA LYS A 37 9.91 1.32 2.03
C LYS A 37 10.33 0.27 3.07
N LYS A 38 10.74 -0.91 2.63
CA LYS A 38 11.26 -1.91 3.54
C LYS A 38 12.63 -1.52 4.07
N GLY A 39 12.74 -1.44 5.38
CA GLY A 39 13.99 -1.02 6.00
C GLY A 39 14.52 -2.00 7.01
N GLU A 40 13.67 -2.36 7.97
CA GLU A 40 14.09 -3.20 9.10
C GLU A 40 14.50 -4.60 8.65
N GLY A 41 13.64 -5.21 7.85
CA GLY A 41 13.82 -6.59 7.44
C GLY A 41 12.48 -7.30 7.46
N ASN A 42 11.83 -7.36 6.30
CA ASN A 42 10.41 -7.68 6.23
C ASN A 42 9.66 -6.71 7.12
N THR A 43 9.76 -5.43 6.79
CA THR A 43 9.21 -4.36 7.61
C THR A 43 9.24 -3.07 6.83
N CYS A 44 8.46 -2.09 7.24
CA CYS A 44 8.39 -0.85 6.50
C CYS A 44 8.86 0.32 7.37
N VAL A 45 9.40 1.32 6.70
CA VAL A 45 9.90 2.53 7.33
C VAL A 45 9.68 3.70 6.41
N GLU A 46 9.87 4.90 6.93
CA GLU A 46 9.66 6.11 6.17
C GLU A 46 10.77 6.31 5.14
N ASN A 47 10.42 6.18 3.87
CA ASN A 47 11.36 6.37 2.78
C ASN A 47 11.37 7.82 2.33
N ASN A 48 12.45 8.52 2.66
CA ASN A 48 12.54 9.95 2.42
C ASN A 48 12.73 10.29 0.94
N ASN A 49 12.44 9.34 0.07
CA ASN A 49 12.56 9.55 -1.36
C ASN A 49 11.79 8.45 -2.11
N PRO A 50 10.46 8.55 -2.12
CA PRO A 50 9.60 7.55 -2.72
C PRO A 50 9.48 7.72 -4.23
N THR A 51 9.60 6.60 -4.92
CA THR A 51 9.44 6.56 -6.36
C THR A 51 8.30 5.60 -6.68
N CYS A 52 7.59 5.85 -7.76
CA CYS A 52 6.52 4.97 -8.16
C CYS A 52 7.11 3.79 -8.92
N ASP A 53 6.27 2.80 -9.23
CA ASP A 53 6.71 1.52 -9.83
C ASP A 53 7.33 0.62 -8.76
N ILE A 54 8.19 1.20 -7.95
CA ILE A 54 8.87 0.48 -6.89
C ILE A 54 8.10 0.65 -5.61
N ASN A 55 7.47 -0.44 -5.17
CA ASN A 55 6.56 -0.40 -4.03
C ASN A 55 5.36 0.45 -4.38
N ASN A 56 5.28 0.80 -5.67
CA ASN A 56 4.29 1.72 -6.19
C ASN A 56 4.39 3.06 -5.45
N GLY A 57 5.57 3.35 -4.89
CA GLY A 57 5.76 4.54 -4.08
C GLY A 57 5.05 4.42 -2.75
N GLY A 58 4.84 3.19 -2.32
CA GLY A 58 4.15 2.93 -1.09
C GLY A 58 2.66 2.77 -1.30
N CYS A 59 2.29 2.53 -2.54
CA CYS A 59 0.90 2.43 -2.94
C CYS A 59 0.58 1.01 -3.41
N ASP A 60 -0.68 0.78 -3.77
CA ASP A 60 -1.12 -0.54 -4.21
C ASP A 60 -1.16 -0.59 -5.73
N PRO A 61 -0.78 -1.74 -6.32
CA PRO A 61 -0.73 -1.92 -7.77
C PRO A 61 -2.03 -1.56 -8.49
N THR A 62 -3.15 -1.60 -7.77
CA THR A 62 -4.43 -1.17 -8.33
C THR A 62 -4.58 0.34 -8.18
N ALA A 63 -3.99 0.87 -7.12
CA ALA A 63 -4.01 2.29 -6.85
C ALA A 63 -2.97 3.02 -7.70
N SER A 64 -3.45 3.76 -8.70
CA SER A 64 -2.58 4.50 -9.61
C SER A 64 -1.68 5.46 -8.85
N CYS A 65 -0.37 5.20 -8.89
CA CYS A 65 0.61 5.99 -8.16
C CYS A 65 1.07 7.22 -8.93
N GLN A 66 1.53 8.21 -8.18
CA GLN A 66 2.20 9.37 -8.74
C GLN A 66 3.51 9.57 -8.01
N ASN A 67 4.58 9.78 -8.76
CA ASN A 67 5.90 9.97 -8.17
C ASN A 67 6.16 11.46 -7.98
N ALA A 68 6.40 11.85 -6.74
CA ALA A 68 6.49 13.25 -6.40
C ALA A 68 7.45 13.48 -5.24
N GLU A 69 7.85 14.73 -5.05
CA GLU A 69 8.69 15.12 -3.93
C GLU A 69 7.96 16.11 -3.03
N SER A 70 8.28 16.07 -1.75
CA SER A 70 7.64 16.91 -0.74
C SER A 70 8.43 16.82 0.56
N THR A 71 8.07 17.63 1.56
CA THR A 71 8.76 17.57 2.84
C THR A 71 8.45 16.25 3.53
N GLU A 72 7.22 15.79 3.34
CA GLU A 72 6.78 14.53 3.88
C GLU A 72 6.86 13.45 2.82
N ASN A 73 7.45 12.32 3.18
CA ASN A 73 7.51 11.19 2.26
C ASN A 73 6.12 10.63 2.05
N SER A 74 5.28 10.78 3.05
CA SER A 74 3.93 10.24 3.00
C SER A 74 2.95 11.24 2.40
N LYS A 75 3.48 12.36 1.92
CA LYS A 75 2.67 13.36 1.22
C LYS A 75 3.19 13.57 -0.19
N LYS A 76 3.98 12.60 -0.67
CA LYS A 76 4.55 12.70 -2.00
C LYS A 76 3.78 11.87 -3.00
N ILE A 77 3.76 10.57 -2.77
CA ILE A 77 3.18 9.65 -3.72
C ILE A 77 1.67 9.63 -3.57
N ILE A 78 1.00 9.75 -4.70
CA ILE A 78 -0.46 9.74 -4.74
C ILE A 78 -0.94 8.39 -5.24
N CYS A 79 -1.87 7.79 -4.51
CA CYS A 79 -2.49 6.54 -4.93
C CYS A 79 -3.94 6.76 -5.30
N THR A 80 -4.40 6.05 -6.31
CA THR A 80 -5.75 6.20 -6.81
C THR A 80 -6.49 4.87 -6.88
N CYS A 81 -7.52 4.73 -6.07
CA CYS A 81 -8.44 3.62 -6.21
C CYS A 81 -9.57 4.04 -7.13
N LYS A 82 -10.18 3.09 -7.80
CA LYS A 82 -11.14 3.38 -8.86
C LYS A 82 -12.49 2.74 -8.57
N GLU A 83 -13.41 2.84 -9.51
CA GLU A 83 -14.70 2.18 -9.38
C GLU A 83 -14.54 0.65 -9.24
N PRO A 84 -13.74 -0.01 -10.11
CA PRO A 84 -13.49 -1.47 -10.01
C PRO A 84 -12.65 -1.86 -8.81
N THR A 85 -12.56 -0.99 -7.82
CA THR A 85 -11.79 -1.29 -6.63
C THR A 85 -12.58 -1.02 -5.36
N PRO A 86 -13.13 -2.10 -4.77
CA PRO A 86 -13.83 -2.09 -3.48
C PRO A 86 -13.29 -1.10 -2.42
N ASN A 87 -11.97 -0.93 -2.30
CA ASN A 87 -11.41 -0.03 -1.26
C ASN A 87 -10.01 0.45 -1.59
N ALA A 88 -9.48 1.33 -0.75
CA ALA A 88 -8.08 1.71 -0.75
C ALA A 88 -7.61 1.81 0.70
N TYR A 89 -6.79 0.86 1.14
CA TYR A 89 -6.30 0.82 2.51
C TYR A 89 -5.15 1.78 2.66
N TYR A 90 -5.09 2.47 3.79
CA TYR A 90 -4.01 3.40 4.05
C TYR A 90 -3.87 4.36 2.88
N GLU A 91 -5.01 4.95 2.50
CA GLU A 91 -5.08 5.97 1.46
C GLU A 91 -4.95 5.37 0.06
N GLY A 92 -4.56 4.11 0.01
CA GLY A 92 -4.37 3.44 -1.25
C GLY A 92 -3.05 2.69 -1.31
N VAL A 93 -2.52 2.35 -0.15
CA VAL A 93 -1.38 1.44 -0.06
C VAL A 93 -1.84 0.05 -0.46
N PHE A 94 -3.14 -0.17 -0.28
CA PHE A 94 -3.79 -1.41 -0.69
C PHE A 94 -5.17 -1.09 -1.15
N CYS A 95 -5.87 -2.12 -1.55
CA CYS A 95 -7.28 -2.00 -1.83
C CYS A 95 -7.99 -3.26 -1.33
N SER A 96 -8.95 -3.03 -0.44
CA SER A 96 -9.66 -4.10 0.28
C SER A 96 -11.14 -4.12 -0.09
N SER A 97 -11.89 -5.07 0.45
CA SER A 97 -13.32 -5.16 0.19
C SER A 97 -14.06 -4.07 0.95
N SER A 98 -13.80 -2.84 0.55
CA SER A 98 -14.36 -1.62 1.16
C SER A 98 -14.08 -1.52 2.66
N SER A 99 -14.31 -0.33 3.19
CA SER A 99 -14.14 -0.06 4.61
C SER A 99 -15.01 1.13 5.00
N GLY A 1 -6.39 -3.73 -13.34
CA GLY A 1 -7.79 -3.71 -12.85
C GLY A 1 -8.11 -4.91 -12.00
N VAL A 2 -7.99 -4.75 -10.68
CA VAL A 2 -8.26 -5.84 -9.75
C VAL A 2 -9.46 -5.50 -8.88
N ASP A 3 -9.98 -6.52 -8.22
CA ASP A 3 -11.08 -6.37 -7.29
C ASP A 3 -10.57 -6.55 -5.87
N PRO A 4 -10.32 -5.44 -5.18
CA PRO A 4 -9.94 -5.37 -3.76
C PRO A 4 -10.60 -6.38 -2.80
N LYS A 5 -11.70 -7.03 -3.20
CA LYS A 5 -12.42 -8.07 -2.40
C LYS A 5 -11.53 -9.14 -1.68
N HIS A 6 -10.23 -8.97 -1.74
CA HIS A 6 -9.23 -9.85 -1.14
C HIS A 6 -9.35 -9.86 0.37
N VAL A 7 -10.00 -8.80 0.89
CA VAL A 7 -10.23 -8.59 2.33
C VAL A 7 -8.98 -8.73 3.18
N CYS A 8 -9.18 -8.64 4.49
CA CYS A 8 -8.15 -8.96 5.45
C CYS A 8 -8.78 -9.35 6.77
N VAL A 9 -8.28 -10.43 7.37
CA VAL A 9 -8.86 -10.94 8.60
C VAL A 9 -7.84 -10.97 9.73
N ASP A 10 -6.67 -11.54 9.43
CA ASP A 10 -5.65 -11.77 10.44
C ASP A 10 -4.61 -10.66 10.41
N THR A 11 -3.82 -10.64 9.34
CA THR A 11 -2.83 -9.60 9.10
C THR A 11 -1.88 -9.38 10.29
N ARG A 12 -1.55 -10.47 10.99
CA ARG A 12 -0.51 -10.43 12.01
C ARG A 12 0.86 -10.69 11.38
N ASP A 13 0.84 -11.03 10.11
CA ASP A 13 2.07 -11.13 9.31
C ASP A 13 2.54 -9.72 8.94
N ILE A 14 1.71 -8.75 9.29
CA ILE A 14 1.87 -7.38 8.84
C ILE A 14 2.70 -6.56 9.85
N PRO A 15 3.89 -6.12 9.43
CA PRO A 15 4.83 -5.32 10.24
C PRO A 15 4.33 -3.92 10.58
N LYS A 16 5.19 -3.15 11.26
CA LYS A 16 4.88 -1.75 11.57
C LYS A 16 5.03 -0.89 10.32
N ASN A 17 4.43 0.29 10.38
CA ASN A 17 4.39 1.24 9.26
C ASN A 17 3.86 0.59 7.99
N ALA A 18 3.28 -0.59 8.15
CA ALA A 18 2.78 -1.36 7.04
C ALA A 18 1.29 -1.56 7.20
N GLY A 19 0.58 -1.37 6.11
CA GLY A 19 -0.85 -1.57 6.12
C GLY A 19 -1.19 -3.04 6.02
N CYS A 20 -2.38 -3.42 6.43
CA CYS A 20 -2.73 -4.82 6.48
C CYS A 20 -3.65 -5.20 5.32
N PHE A 21 -3.31 -6.27 4.61
CA PHE A 21 -4.08 -6.73 3.48
C PHE A 21 -4.06 -8.26 3.40
N ARG A 22 -5.09 -8.84 2.82
CA ARG A 22 -5.03 -10.21 2.36
C ARG A 22 -5.15 -10.18 0.86
N ASP A 23 -4.45 -11.06 0.17
CA ASP A 23 -4.55 -11.07 -1.28
C ASP A 23 -5.54 -12.12 -1.74
N ASP A 24 -5.94 -12.03 -3.00
CA ASP A 24 -6.96 -12.93 -3.57
C ASP A 24 -6.42 -14.36 -3.62
N ASP A 25 -5.09 -14.47 -3.51
CA ASP A 25 -4.42 -15.76 -3.42
C ASP A 25 -4.77 -16.46 -2.11
N GLY A 26 -5.10 -15.66 -1.09
CA GLY A 26 -5.34 -16.21 0.23
C GLY A 26 -4.19 -15.89 1.16
N THR A 27 -3.14 -15.35 0.58
CA THR A 27 -1.98 -14.91 1.34
C THR A 27 -2.20 -13.49 1.86
N LYS A 28 -2.03 -13.29 3.16
CA LYS A 28 -2.12 -11.95 3.71
C LYS A 28 -0.87 -11.18 3.37
N GLU A 29 -1.04 -10.01 2.82
CA GLU A 29 0.06 -9.21 2.42
C GLU A 29 0.18 -7.97 3.26
N TRP A 30 1.31 -7.32 3.12
CA TRP A 30 1.56 -6.06 3.76
C TRP A 30 2.41 -5.22 2.84
N ARG A 31 2.18 -3.95 2.90
CA ARG A 31 2.85 -3.00 2.06
C ARG A 31 3.25 -1.83 2.90
N CYS A 32 4.01 -0.97 2.33
CA CYS A 32 4.63 0.08 3.08
C CYS A 32 3.92 1.34 2.70
N LEU A 33 3.45 2.04 3.72
CA LEU A 33 2.58 3.21 3.60
C LEU A 33 3.03 4.21 2.54
N LEU A 34 2.21 5.21 2.31
CA LEU A 34 2.46 6.16 1.23
C LEU A 34 3.77 6.90 1.43
N GLY A 35 4.69 6.64 0.52
CA GLY A 35 6.02 7.22 0.60
C GLY A 35 6.94 6.43 1.51
N TYR A 36 6.56 5.20 1.80
CA TYR A 36 7.32 4.32 2.66
C TYR A 36 8.04 3.23 1.86
N LYS A 37 8.84 2.43 2.56
CA LYS A 37 9.60 1.35 1.95
C LYS A 37 9.97 0.36 3.04
N LYS A 38 10.65 -0.71 2.69
CA LYS A 38 11.17 -1.61 3.71
C LYS A 38 12.50 -1.11 4.23
N GLY A 39 12.62 -1.03 5.55
CA GLY A 39 13.83 -0.54 6.15
C GLY A 39 14.38 -1.47 7.21
N GLU A 40 13.55 -1.82 8.16
CA GLU A 40 13.95 -2.66 9.29
C GLU A 40 14.41 -4.04 8.81
N GLY A 41 13.42 -4.89 8.54
CA GLY A 41 13.67 -6.24 8.06
C GLY A 41 12.37 -7.00 8.00
N ASN A 42 11.78 -7.07 6.82
CA ASN A 42 10.38 -7.43 6.68
C ASN A 42 9.54 -6.45 7.47
N THR A 43 9.61 -5.20 7.05
CA THR A 43 8.99 -4.09 7.79
C THR A 43 8.93 -2.87 6.90
N CYS A 44 8.31 -1.80 7.37
CA CYS A 44 8.18 -0.59 6.59
C CYS A 44 8.65 0.62 7.38
N VAL A 45 9.16 1.61 6.66
CA VAL A 45 9.66 2.84 7.21
C VAL A 45 9.44 3.94 6.19
N GLU A 46 9.49 5.18 6.63
CA GLU A 46 9.32 6.32 5.73
C GLU A 46 10.47 6.39 4.74
N ASN A 47 10.16 6.19 3.47
CA ASN A 47 11.17 6.20 2.43
C ASN A 47 11.46 7.62 2.00
N ASN A 48 12.69 8.04 2.22
CA ASN A 48 13.08 9.41 2.05
C ASN A 48 13.33 9.73 0.58
N ASN A 49 12.78 8.90 -0.29
CA ASN A 49 12.89 9.09 -1.73
C ASN A 49 11.94 8.12 -2.42
N PRO A 50 10.61 8.30 -2.24
CA PRO A 50 9.63 7.35 -2.74
C PRO A 50 9.38 7.51 -4.23
N THR A 51 9.53 6.41 -4.94
CA THR A 51 9.36 6.39 -6.38
C THR A 51 8.27 5.40 -6.72
N CYS A 52 7.59 5.63 -7.84
CA CYS A 52 6.56 4.72 -8.29
C CYS A 52 7.21 3.52 -8.98
N ASP A 53 6.42 2.48 -9.28
CA ASP A 53 6.90 1.19 -9.78
C ASP A 53 7.44 0.34 -8.64
N ILE A 54 8.23 0.96 -7.79
CA ILE A 54 8.85 0.28 -6.67
C ILE A 54 8.00 0.49 -5.44
N ASN A 55 7.28 -0.58 -5.06
CA ASN A 55 6.33 -0.51 -3.96
C ASN A 55 5.17 0.39 -4.34
N ASN A 56 5.16 0.77 -5.64
CA ASN A 56 4.22 1.74 -6.16
C ASN A 56 4.30 3.04 -5.35
N GLY A 57 5.49 3.33 -4.84
CA GLY A 57 5.71 4.49 -4.00
C GLY A 57 5.02 4.38 -2.66
N GLY A 58 4.65 3.16 -2.30
CA GLY A 58 3.95 2.92 -1.06
C GLY A 58 2.47 2.76 -1.30
N CYS A 59 2.12 2.52 -2.54
CA CYS A 59 0.74 2.44 -2.98
C CYS A 59 0.40 1.02 -3.44
N ASP A 60 -0.85 0.81 -3.82
CA ASP A 60 -1.32 -0.49 -4.28
C ASP A 60 -1.35 -0.52 -5.79
N PRO A 61 -1.03 -1.65 -6.44
CA PRO A 61 -1.00 -1.73 -7.90
C PRO A 61 -2.24 -1.13 -8.57
N THR A 62 -3.41 -1.31 -7.97
CA THR A 62 -4.63 -0.75 -8.51
C THR A 62 -4.66 0.76 -8.28
N ALA A 63 -4.11 1.18 -7.14
CA ALA A 63 -4.02 2.57 -6.79
C ALA A 63 -3.06 3.30 -7.74
N SER A 64 -3.62 4.11 -8.61
CA SER A 64 -2.84 4.90 -9.54
C SER A 64 -1.93 5.86 -8.77
N CYS A 65 -0.68 5.45 -8.63
CA CYS A 65 0.30 6.19 -7.87
C CYS A 65 0.87 7.38 -8.63
N GLN A 66 1.27 8.37 -7.87
CA GLN A 66 1.97 9.52 -8.39
C GLN A 66 3.37 9.56 -7.79
N ASN A 67 4.36 9.68 -8.65
CA ASN A 67 5.75 9.76 -8.24
C ASN A 67 6.15 11.22 -8.11
N ALA A 68 6.50 11.63 -6.90
CA ALA A 68 6.75 13.02 -6.62
C ALA A 68 7.80 13.19 -5.53
N GLU A 69 8.36 14.40 -5.46
CA GLU A 69 9.35 14.73 -4.46
C GLU A 69 8.82 15.79 -3.49
N SER A 70 9.21 15.66 -2.24
CA SER A 70 8.92 16.63 -1.20
C SER A 70 9.91 16.42 -0.08
N THR A 71 9.73 17.11 1.03
CA THR A 71 10.46 16.77 2.24
C THR A 71 9.70 15.72 3.03
N GLU A 72 8.38 15.84 3.01
CA GLU A 72 7.51 14.87 3.64
C GLU A 72 7.35 13.64 2.75
N ASN A 73 8.08 12.59 3.09
CA ASN A 73 8.09 11.37 2.30
C ASN A 73 6.68 10.83 2.10
N SER A 74 5.82 11.06 3.09
CA SER A 74 4.49 10.49 3.08
C SER A 74 3.54 11.34 2.23
N LYS A 75 3.92 12.58 1.95
CA LYS A 75 3.06 13.48 1.18
C LYS A 75 3.41 13.42 -0.30
N LYS A 76 4.50 12.77 -0.62
CA LYS A 76 5.00 12.75 -2.00
C LYS A 76 4.14 11.90 -2.91
N ILE A 77 3.99 10.64 -2.55
CA ILE A 77 3.30 9.70 -3.42
C ILE A 77 1.80 9.77 -3.19
N ILE A 78 1.07 9.75 -4.28
CA ILE A 78 -0.39 9.80 -4.23
C ILE A 78 -0.99 8.53 -4.84
N CYS A 79 -1.92 7.91 -4.14
CA CYS A 79 -2.57 6.69 -4.61
C CYS A 79 -3.99 6.98 -5.10
N THR A 80 -4.45 6.20 -6.07
CA THR A 80 -5.82 6.27 -6.53
C THR A 80 -6.43 4.89 -6.72
N CYS A 81 -7.27 4.47 -5.81
CA CYS A 81 -8.06 3.28 -6.02
C CYS A 81 -9.34 3.69 -6.71
N LYS A 82 -9.73 2.89 -7.68
CA LYS A 82 -10.73 3.28 -8.66
C LYS A 82 -12.14 3.00 -8.15
N GLU A 83 -13.11 3.18 -9.02
CA GLU A 83 -14.50 2.88 -8.68
C GLU A 83 -14.74 1.36 -8.70
N PRO A 84 -14.26 0.64 -9.74
CA PRO A 84 -14.32 -0.83 -9.79
C PRO A 84 -13.56 -1.52 -8.65
N THR A 85 -12.99 -0.75 -7.75
CA THR A 85 -12.20 -1.34 -6.68
C THR A 85 -12.88 -1.18 -5.31
N PRO A 86 -13.32 -2.32 -4.73
CA PRO A 86 -13.98 -2.40 -3.41
C PRO A 86 -13.42 -1.48 -2.29
N ASN A 87 -12.12 -1.20 -2.27
CA ASN A 87 -11.51 -0.45 -1.16
C ASN A 87 -10.20 0.24 -1.53
N ALA A 88 -9.81 1.17 -0.68
CA ALA A 88 -8.46 1.74 -0.66
C ALA A 88 -7.97 1.77 0.78
N TYR A 89 -7.07 0.87 1.11
CA TYR A 89 -6.57 0.76 2.46
C TYR A 89 -5.38 1.67 2.63
N TYR A 90 -5.36 2.40 3.74
CA TYR A 90 -4.27 3.32 4.00
C TYR A 90 -4.14 4.27 2.83
N GLU A 91 -5.28 4.88 2.49
CA GLU A 91 -5.37 5.90 1.45
C GLU A 91 -5.29 5.30 0.05
N GLY A 92 -4.75 4.09 -0.04
CA GLY A 92 -4.55 3.45 -1.32
C GLY A 92 -3.25 2.67 -1.37
N VAL A 93 -2.72 2.34 -0.20
CA VAL A 93 -1.58 1.43 -0.12
C VAL A 93 -2.02 0.03 -0.52
N PHE A 94 -3.32 -0.22 -0.35
CA PHE A 94 -3.93 -1.48 -0.79
C PHE A 94 -5.35 -1.25 -1.23
N CYS A 95 -6.00 -2.34 -1.57
CA CYS A 95 -7.42 -2.31 -1.82
C CYS A 95 -8.07 -3.60 -1.32
N SER A 96 -8.98 -3.45 -0.38
CA SER A 96 -9.64 -4.57 0.32
C SER A 96 -11.12 -4.71 -0.07
N SER A 97 -11.79 -5.73 0.43
CA SER A 97 -13.24 -5.81 0.25
C SER A 97 -13.87 -4.93 1.32
N SER A 98 -13.54 -3.63 1.24
CA SER A 98 -13.84 -2.62 2.27
C SER A 98 -13.06 -2.88 3.57
N SER A 99 -13.00 -4.13 3.98
CA SER A 99 -12.18 -4.55 5.12
C SER A 99 -11.46 -5.84 4.80
N GLY A 1 -7.68 -4.09 -12.70
CA GLY A 1 -7.01 -5.40 -12.56
C GLY A 1 -7.55 -6.21 -11.39
N VAL A 2 -7.10 -5.89 -10.19
CA VAL A 2 -7.50 -6.63 -9.01
C VAL A 2 -8.76 -6.05 -8.40
N ASP A 3 -9.42 -6.87 -7.61
CA ASP A 3 -10.66 -6.50 -6.94
C ASP A 3 -10.43 -6.53 -5.44
N PRO A 4 -10.12 -5.36 -4.86
CA PRO A 4 -9.89 -5.13 -3.42
C PRO A 4 -10.70 -5.95 -2.40
N LYS A 5 -11.87 -6.47 -2.79
CA LYS A 5 -12.82 -7.22 -1.91
C LYS A 5 -12.20 -8.30 -0.97
N HIS A 6 -10.89 -8.43 -0.95
CA HIS A 6 -10.20 -9.53 -0.27
C HIS A 6 -10.33 -9.43 1.24
N VAL A 7 -10.29 -8.20 1.72
CA VAL A 7 -10.18 -7.85 3.17
C VAL A 7 -9.24 -8.76 3.98
N CYS A 8 -8.89 -8.30 5.17
CA CYS A 8 -7.89 -8.99 5.98
C CYS A 8 -8.42 -9.27 7.37
N VAL A 9 -7.90 -10.33 7.98
CA VAL A 9 -8.34 -10.75 9.30
C VAL A 9 -7.19 -10.79 10.28
N ASP A 10 -6.22 -11.64 9.98
CA ASP A 10 -5.10 -11.89 10.88
C ASP A 10 -4.07 -10.79 10.79
N THR A 11 -3.34 -10.76 9.68
CA THR A 11 -2.32 -9.76 9.43
C THR A 11 -1.33 -9.62 10.60
N ARG A 12 -1.04 -10.76 11.21
CA ARG A 12 -0.04 -10.83 12.28
C ARG A 12 1.34 -11.03 11.68
N ASP A 13 1.35 -11.25 10.37
CA ASP A 13 2.58 -11.39 9.60
C ASP A 13 3.00 -10.02 9.09
N ILE A 14 2.24 -9.01 9.47
CA ILE A 14 2.39 -7.66 8.94
C ILE A 14 3.31 -6.83 9.84
N PRO A 15 4.47 -6.45 9.28
CA PRO A 15 5.51 -5.69 9.99
C PRO A 15 5.15 -4.24 10.30
N LYS A 16 6.09 -3.57 10.96
CA LYS A 16 5.99 -2.16 11.28
C LYS A 16 5.81 -1.30 10.06
N ASN A 17 5.03 -0.22 10.22
CA ASN A 17 4.87 0.81 9.19
C ASN A 17 4.28 0.21 7.93
N ALA A 18 3.81 -1.01 8.06
CA ALA A 18 3.24 -1.73 6.97
C ALA A 18 1.75 -1.88 7.17
N GLY A 19 1.01 -1.54 6.14
CA GLY A 19 -0.42 -1.74 6.17
C GLY A 19 -0.77 -3.19 6.02
N CYS A 20 -1.95 -3.58 6.44
CA CYS A 20 -2.32 -4.96 6.43
C CYS A 20 -3.33 -5.25 5.31
N PHE A 21 -3.17 -6.39 4.64
CA PHE A 21 -4.04 -6.76 3.54
C PHE A 21 -4.06 -8.28 3.35
N ARG A 22 -5.14 -8.80 2.80
CA ARG A 22 -5.19 -10.18 2.38
C ARG A 22 -5.40 -10.22 0.89
N ASP A 23 -4.83 -11.18 0.19
CA ASP A 23 -5.07 -11.26 -1.25
C ASP A 23 -6.15 -12.29 -1.56
N ASP A 24 -6.63 -12.28 -2.80
CA ASP A 24 -7.69 -13.19 -3.24
C ASP A 24 -7.24 -14.64 -3.06
N ASP A 25 -5.94 -14.85 -3.10
CA ASP A 25 -5.33 -16.16 -2.90
C ASP A 25 -5.59 -16.67 -1.48
N GLY A 26 -5.77 -15.74 -0.56
CA GLY A 26 -5.87 -16.09 0.84
C GLY A 26 -4.64 -15.66 1.58
N THR A 27 -3.56 -15.49 0.82
CA THR A 27 -2.30 -15.02 1.35
C THR A 27 -2.43 -13.62 1.92
N LYS A 28 -1.96 -13.43 3.14
CA LYS A 28 -1.94 -12.11 3.73
C LYS A 28 -0.72 -11.39 3.23
N GLU A 29 -0.90 -10.12 2.97
CA GLU A 29 0.15 -9.30 2.46
C GLU A 29 0.34 -8.10 3.34
N TRP A 30 1.42 -7.43 3.06
CA TRP A 30 1.79 -6.22 3.74
C TRP A 30 2.63 -5.38 2.82
N ARG A 31 2.49 -4.09 2.93
CA ARG A 31 3.18 -3.16 2.10
C ARG A 31 3.61 -2.01 2.94
N CYS A 32 4.38 -1.15 2.37
CA CYS A 32 4.98 -0.09 3.11
C CYS A 32 4.22 1.14 2.77
N LEU A 33 3.80 1.80 3.82
CA LEU A 33 2.90 2.95 3.76
C LEU A 33 3.30 3.97 2.70
N LEU A 34 2.45 4.95 2.49
CA LEU A 34 2.66 5.92 1.42
C LEU A 34 3.97 6.66 1.61
N GLY A 35 4.89 6.42 0.71
CA GLY A 35 6.21 7.02 0.78
C GLY A 35 7.17 6.21 1.62
N TYR A 36 6.74 5.04 2.05
CA TYR A 36 7.57 4.14 2.84
C TYR A 36 8.27 3.10 1.96
N LYS A 37 9.09 2.27 2.60
CA LYS A 37 9.84 1.21 1.93
C LYS A 37 10.28 0.20 2.99
N LYS A 38 10.75 -0.98 2.59
CA LYS A 38 11.38 -1.87 3.55
C LYS A 38 12.70 -1.33 4.01
N GLY A 39 12.85 -1.31 5.31
CA GLY A 39 14.00 -0.69 5.93
C GLY A 39 14.71 -1.64 6.86
N GLU A 40 13.96 -2.12 7.84
CA GLU A 40 14.51 -3.02 8.82
C GLU A 40 14.37 -4.48 8.40
N GLY A 41 14.23 -4.69 7.08
CA GLY A 41 14.18 -6.02 6.51
C GLY A 41 12.89 -6.77 6.81
N ASN A 42 12.06 -6.92 5.78
CA ASN A 42 10.69 -7.40 5.93
C ASN A 42 9.99 -6.56 6.97
N THR A 43 10.20 -5.26 6.85
CA THR A 43 9.61 -4.26 7.71
C THR A 43 9.67 -2.93 6.99
N CYS A 44 8.76 -2.04 7.28
CA CYS A 44 8.68 -0.81 6.53
C CYS A 44 9.19 0.37 7.35
N VAL A 45 9.65 1.39 6.65
CA VAL A 45 10.18 2.60 7.24
C VAL A 45 9.90 3.77 6.31
N GLU A 46 10.12 4.97 6.81
CA GLU A 46 9.92 6.19 6.04
C GLU A 46 10.97 6.35 4.97
N ASN A 47 10.62 5.95 3.76
CA ASN A 47 11.48 6.13 2.59
C ASN A 47 11.46 7.59 2.14
N ASN A 48 12.48 8.33 2.49
CA ASN A 48 12.48 9.77 2.28
C ASN A 48 12.74 10.16 0.82
N ASN A 49 12.45 9.24 -0.08
CA ASN A 49 12.61 9.46 -1.51
C ASN A 49 11.76 8.45 -2.28
N PRO A 50 10.43 8.54 -2.14
CA PRO A 50 9.52 7.55 -2.68
C PRO A 50 9.22 7.76 -4.16
N THR A 51 9.35 6.69 -4.93
CA THR A 51 9.05 6.71 -6.35
C THR A 51 8.00 5.67 -6.67
N CYS A 52 7.19 5.92 -7.70
CA CYS A 52 6.23 4.93 -8.15
C CYS A 52 6.93 3.91 -9.03
N ASP A 53 6.25 2.82 -9.37
CA ASP A 53 6.83 1.65 -10.06
C ASP A 53 7.54 0.74 -9.06
N ILE A 54 8.21 1.35 -8.10
CA ILE A 54 8.89 0.61 -7.05
C ILE A 54 8.09 0.72 -5.78
N ASN A 55 7.39 -0.37 -5.45
CA ASN A 55 6.50 -0.41 -4.29
C ASN A 55 5.31 0.51 -4.54
N ASN A 56 5.22 1.00 -5.77
CA ASN A 56 4.21 1.97 -6.18
C ASN A 56 4.28 3.21 -5.29
N GLY A 57 5.49 3.52 -4.81
CA GLY A 57 5.67 4.63 -3.88
C GLY A 57 4.98 4.37 -2.55
N GLY A 58 4.81 3.10 -2.24
CA GLY A 58 4.13 2.70 -1.03
C GLY A 58 2.63 2.63 -1.24
N CYS A 59 2.24 2.43 -2.48
CA CYS A 59 0.83 2.39 -2.88
C CYS A 59 0.44 0.99 -3.35
N ASP A 60 -0.83 0.83 -3.72
CA ASP A 60 -1.36 -0.44 -4.18
C ASP A 60 -1.37 -0.44 -5.68
N PRO A 61 -0.99 -1.58 -6.30
CA PRO A 61 -0.89 -1.73 -7.75
C PRO A 61 -2.15 -1.29 -8.50
N THR A 62 -3.30 -1.34 -7.84
CA THR A 62 -4.54 -0.87 -8.44
C THR A 62 -4.72 0.62 -8.15
N ALA A 63 -4.17 1.07 -7.02
CA ALA A 63 -4.14 2.48 -6.70
C ALA A 63 -3.19 3.19 -7.65
N SER A 64 -3.76 3.90 -8.61
CA SER A 64 -2.99 4.66 -9.58
C SER A 64 -2.09 5.66 -8.87
N CYS A 65 -0.84 5.28 -8.72
CA CYS A 65 0.13 6.08 -8.01
C CYS A 65 0.77 7.15 -8.89
N GLN A 66 1.03 8.28 -8.27
CA GLN A 66 1.76 9.36 -8.89
C GLN A 66 3.00 9.67 -8.07
N ASN A 67 4.14 9.75 -8.74
CA ASN A 67 5.40 9.98 -8.06
C ASN A 67 5.64 11.47 -7.89
N ALA A 68 6.02 11.86 -6.67
CA ALA A 68 6.19 13.25 -6.34
C ALA A 68 7.27 13.42 -5.28
N GLU A 69 7.74 14.64 -5.12
CA GLU A 69 8.80 14.92 -4.16
C GLU A 69 8.34 15.95 -3.14
N SER A 70 8.83 15.81 -1.92
CA SER A 70 8.48 16.69 -0.80
C SER A 70 9.40 16.43 0.38
N THR A 71 9.12 17.06 1.50
CA THR A 71 9.86 16.77 2.73
C THR A 71 9.25 15.54 3.40
N GLU A 72 7.93 15.44 3.35
CA GLU A 72 7.21 14.30 3.91
C GLU A 72 7.03 13.25 2.85
N ASN A 73 7.62 12.09 3.06
CA ASN A 73 7.45 10.97 2.14
C ASN A 73 6.01 10.52 2.07
N SER A 74 5.28 10.73 3.15
CA SER A 74 3.88 10.32 3.20
C SER A 74 2.99 11.36 2.53
N LYS A 75 3.58 12.50 2.20
CA LYS A 75 2.82 13.57 1.56
C LYS A 75 3.27 13.75 0.11
N LYS A 76 4.15 12.88 -0.36
CA LYS A 76 4.65 12.98 -1.73
C LYS A 76 3.79 12.16 -2.68
N ILE A 77 3.70 10.87 -2.40
CA ILE A 77 3.09 9.93 -3.32
C ILE A 77 1.58 10.01 -3.27
N ILE A 78 0.98 9.88 -4.44
CA ILE A 78 -0.46 9.92 -4.59
C ILE A 78 -0.98 8.55 -4.96
N CYS A 79 -1.93 8.06 -4.20
CA CYS A 79 -2.54 6.78 -4.49
C CYS A 79 -4.01 6.96 -4.86
N THR A 80 -4.46 6.25 -5.87
CA THR A 80 -5.85 6.32 -6.28
C THR A 80 -6.42 4.94 -6.59
N CYS A 81 -7.27 4.42 -5.72
CA CYS A 81 -7.99 3.21 -6.04
C CYS A 81 -9.29 3.62 -6.74
N LYS A 82 -9.51 2.99 -7.88
CA LYS A 82 -10.50 3.43 -8.85
C LYS A 82 -11.82 2.71 -8.68
N GLU A 83 -12.76 2.96 -9.59
CA GLU A 83 -14.08 2.35 -9.53
C GLU A 83 -14.03 0.81 -9.52
N PRO A 84 -13.23 0.17 -10.41
CA PRO A 84 -13.12 -1.30 -10.44
C PRO A 84 -12.43 -1.86 -9.20
N THR A 85 -12.13 -1.01 -8.25
CA THR A 85 -11.43 -1.44 -7.05
C THR A 85 -12.15 -1.02 -5.78
N PRO A 86 -12.80 -2.00 -5.12
CA PRO A 86 -13.57 -1.83 -3.87
C PRO A 86 -13.02 -0.80 -2.84
N ASN A 87 -11.73 -0.83 -2.46
CA ASN A 87 -11.25 0.05 -1.37
C ASN A 87 -9.79 0.50 -1.54
N ALA A 88 -9.42 1.57 -0.82
CA ALA A 88 -8.03 2.00 -0.69
C ALA A 88 -7.62 1.93 0.78
N TYR A 89 -6.80 0.94 1.09
CA TYR A 89 -6.35 0.68 2.43
C TYR A 89 -5.13 1.54 2.72
N TYR A 90 -5.11 2.18 3.88
CA TYR A 90 -4.02 3.09 4.22
C TYR A 90 -3.88 4.11 3.11
N GLU A 91 -5.00 4.80 2.84
CA GLU A 91 -5.08 5.86 1.85
C GLU A 91 -5.08 5.30 0.43
N GLY A 92 -4.27 4.28 0.22
CA GLY A 92 -4.17 3.64 -1.07
C GLY A 92 -2.92 2.79 -1.17
N VAL A 93 -2.45 2.29 -0.03
CA VAL A 93 -1.32 1.36 0.01
C VAL A 93 -1.82 -0.01 -0.43
N PHE A 94 -3.11 -0.22 -0.20
CA PHE A 94 -3.78 -1.45 -0.60
C PHE A 94 -5.21 -1.15 -0.92
N CYS A 95 -5.95 -2.21 -0.98
CA CYS A 95 -7.33 -2.18 -1.33
C CYS A 95 -8.08 -3.15 -0.40
N SER A 96 -9.40 -3.17 -0.44
CA SER A 96 -10.19 -4.06 0.42
C SER A 96 -11.67 -4.03 0.01
N SER A 97 -12.50 -4.88 0.61
CA SER A 97 -13.91 -4.95 0.25
C SER A 97 -14.67 -3.83 0.94
N SER A 98 -14.48 -2.61 0.46
CA SER A 98 -15.23 -1.48 1.00
C SER A 98 -16.73 -1.68 0.74
N SER A 99 -17.04 -2.32 -0.37
CA SER A 99 -18.41 -2.63 -0.72
C SER A 99 -18.48 -3.95 -1.47
N GLY A 1 -7.24 -4.17 -12.40
CA GLY A 1 -6.89 -5.61 -12.48
C GLY A 1 -7.77 -6.45 -11.59
N VAL A 2 -7.42 -6.53 -10.31
CA VAL A 2 -8.17 -7.32 -9.36
C VAL A 2 -9.06 -6.41 -8.51
N ASP A 3 -10.08 -7.01 -7.93
CA ASP A 3 -11.05 -6.30 -7.13
C ASP A 3 -10.65 -6.36 -5.66
N PRO A 4 -10.28 -5.21 -5.09
CA PRO A 4 -9.91 -5.00 -3.68
C PRO A 4 -10.64 -5.85 -2.62
N LYS A 5 -11.82 -6.38 -2.94
CA LYS A 5 -12.65 -7.22 -2.03
C LYS A 5 -11.89 -8.35 -1.27
N HIS A 6 -10.57 -8.39 -1.39
CA HIS A 6 -9.72 -9.44 -0.83
C HIS A 6 -9.80 -9.45 0.70
N VAL A 7 -10.12 -8.27 1.24
CA VAL A 7 -10.21 -8.01 2.71
C VAL A 7 -8.95 -8.39 3.45
N CYS A 8 -9.07 -8.49 4.76
CA CYS A 8 -7.99 -8.97 5.60
C CYS A 8 -8.57 -9.61 6.85
N VAL A 9 -7.87 -10.59 7.39
CA VAL A 9 -8.37 -11.36 8.51
C VAL A 9 -7.36 -11.39 9.64
N ASP A 10 -6.17 -11.91 9.34
CA ASP A 10 -5.17 -12.15 10.37
C ASP A 10 -4.16 -11.02 10.38
N THR A 11 -3.35 -10.96 9.32
CA THR A 11 -2.36 -9.90 9.14
C THR A 11 -1.47 -9.75 10.38
N ARG A 12 -1.04 -10.89 10.91
CA ARG A 12 -0.11 -10.92 12.02
C ARG A 12 1.32 -10.89 11.48
N ASP A 13 1.45 -11.24 10.21
CA ASP A 13 2.72 -11.21 9.49
C ASP A 13 3.08 -9.78 9.14
N ILE A 14 2.14 -8.89 9.38
CA ILE A 14 2.22 -7.51 8.95
C ILE A 14 3.06 -6.67 9.92
N PRO A 15 4.23 -6.23 9.46
CA PRO A 15 5.18 -5.44 10.26
C PRO A 15 4.75 -4.01 10.53
N LYS A 16 5.59 -3.32 11.30
CA LYS A 16 5.46 -1.91 11.57
C LYS A 16 5.44 -1.08 10.30
N ASN A 17 4.67 0.01 10.35
CA ASN A 17 4.61 1.00 9.27
C ASN A 17 4.12 0.36 7.99
N ALA A 18 3.61 -0.84 8.13
CA ALA A 18 3.11 -1.60 7.02
C ALA A 18 1.61 -1.78 7.18
N GLY A 19 0.91 -1.55 6.09
CA GLY A 19 -0.52 -1.74 6.10
C GLY A 19 -0.86 -3.20 5.95
N CYS A 20 -2.05 -3.60 6.35
CA CYS A 20 -2.41 -4.99 6.34
C CYS A 20 -3.39 -5.30 5.20
N PHE A 21 -3.15 -6.38 4.46
CA PHE A 21 -3.99 -6.75 3.34
C PHE A 21 -4.05 -8.27 3.18
N ARG A 22 -5.15 -8.78 2.67
CA ARG A 22 -5.22 -10.14 2.18
C ARG A 22 -5.25 -10.06 0.67
N ASP A 23 -4.65 -10.99 -0.02
CA ASP A 23 -4.76 -10.98 -1.47
C ASP A 23 -5.84 -11.95 -1.90
N ASP A 24 -6.22 -11.89 -3.17
CA ASP A 24 -7.28 -12.74 -3.72
C ASP A 24 -6.82 -14.18 -3.69
N ASP A 25 -5.51 -14.34 -3.64
CA ASP A 25 -4.88 -15.65 -3.52
C ASP A 25 -5.17 -16.30 -2.17
N GLY A 26 -5.39 -15.47 -1.16
CA GLY A 26 -5.58 -15.98 0.18
C GLY A 26 -4.39 -15.63 1.07
N THR A 27 -3.29 -15.26 0.43
CA THR A 27 -2.12 -14.83 1.15
C THR A 27 -2.34 -13.46 1.79
N LYS A 28 -1.92 -13.31 3.03
CA LYS A 28 -1.98 -12.01 3.68
C LYS A 28 -0.70 -11.28 3.38
N GLU A 29 -0.85 -10.11 2.86
CA GLU A 29 0.28 -9.32 2.44
C GLU A 29 0.43 -8.10 3.30
N TRP A 30 1.54 -7.47 3.10
CA TRP A 30 1.85 -6.22 3.74
C TRP A 30 2.69 -5.39 2.82
N ARG A 31 2.49 -4.11 2.90
CA ARG A 31 3.19 -3.17 2.09
C ARG A 31 3.58 -2.03 2.96
N CYS A 32 4.38 -1.18 2.43
CA CYS A 32 4.94 -0.13 3.20
C CYS A 32 4.24 1.12 2.78
N LEU A 33 3.73 1.81 3.79
CA LEU A 33 2.86 2.96 3.65
C LEU A 33 3.32 3.94 2.57
N LEU A 34 2.51 4.93 2.27
CA LEU A 34 2.80 5.80 1.15
C LEU A 34 4.13 6.50 1.33
N GLY A 35 5.02 6.23 0.41
CA GLY A 35 6.37 6.77 0.49
C GLY A 35 7.21 6.07 1.53
N TYR A 36 6.84 4.86 1.89
CA TYR A 36 7.60 4.03 2.80
C TYR A 36 8.37 2.95 2.04
N LYS A 37 9.23 2.24 2.75
CA LYS A 37 10.07 1.22 2.16
C LYS A 37 10.50 0.23 3.24
N LYS A 38 10.94 -0.96 2.84
CA LYS A 38 11.53 -1.89 3.78
C LYS A 38 12.83 -1.35 4.35
N GLY A 39 12.83 -1.11 5.64
CA GLY A 39 14.01 -0.63 6.31
C GLY A 39 14.51 -1.63 7.32
N GLU A 40 13.60 -2.07 8.16
CA GLU A 40 13.89 -3.10 9.14
C GLU A 40 13.76 -4.47 8.45
N GLY A 41 14.21 -5.52 9.11
CA GLY A 41 14.10 -6.85 8.53
C GLY A 41 12.67 -7.32 8.43
N ASN A 42 12.15 -7.37 7.19
CA ASN A 42 10.74 -7.64 6.95
C ASN A 42 9.90 -6.62 7.68
N THR A 43 10.04 -5.35 7.30
CA THR A 43 9.36 -4.27 7.98
C THR A 43 9.36 -3.04 7.09
N CYS A 44 8.67 -1.98 7.51
CA CYS A 44 8.55 -0.80 6.71
C CYS A 44 8.95 0.43 7.50
N VAL A 45 9.46 1.42 6.79
CA VAL A 45 9.90 2.68 7.37
C VAL A 45 9.69 3.79 6.37
N GLU A 46 9.84 5.01 6.82
CA GLU A 46 9.68 6.18 5.98
C GLU A 46 10.79 6.29 4.94
N ASN A 47 10.40 6.19 3.68
CA ASN A 47 11.32 6.37 2.56
C ASN A 47 11.24 7.80 2.07
N ASN A 48 12.29 8.53 2.34
CA ASN A 48 12.29 9.95 2.19
C ASN A 48 12.41 10.36 0.73
N ASN A 49 12.41 9.39 -0.17
CA ASN A 49 12.50 9.64 -1.60
C ASN A 49 11.82 8.51 -2.36
N PRO A 50 10.49 8.49 -2.29
CA PRO A 50 9.68 7.43 -2.85
C PRO A 50 9.42 7.61 -4.34
N THR A 51 9.55 6.54 -5.08
CA THR A 51 9.29 6.53 -6.50
C THR A 51 8.18 5.52 -6.80
N CYS A 52 7.42 5.75 -7.85
CA CYS A 52 6.40 4.81 -8.24
C CYS A 52 7.06 3.69 -9.04
N ASP A 53 6.27 2.70 -9.46
CA ASP A 53 6.80 1.51 -10.16
C ASP A 53 7.49 0.56 -9.19
N ILE A 54 8.19 1.14 -8.22
CA ILE A 54 8.89 0.38 -7.21
C ILE A 54 8.10 0.43 -5.93
N ASN A 55 7.46 -0.68 -5.59
CA ASN A 55 6.58 -0.75 -4.43
C ASN A 55 5.36 0.12 -4.71
N ASN A 56 5.24 0.51 -5.98
CA ASN A 56 4.19 1.41 -6.45
C ASN A 56 4.23 2.74 -5.69
N GLY A 57 5.37 3.05 -5.07
CA GLY A 57 5.47 4.25 -4.27
C GLY A 57 4.93 4.05 -2.87
N GLY A 58 4.92 2.79 -2.45
CA GLY A 58 4.28 2.44 -1.19
C GLY A 58 2.80 2.34 -1.39
N CYS A 59 2.43 2.10 -2.65
CA CYS A 59 1.03 2.09 -3.05
C CYS A 59 0.57 0.69 -3.49
N ASP A 60 -0.71 0.60 -3.85
CA ASP A 60 -1.33 -0.66 -4.25
C ASP A 60 -1.39 -0.75 -5.78
N PRO A 61 -1.09 -1.94 -6.34
CA PRO A 61 -1.06 -2.16 -7.79
C PRO A 61 -2.33 -1.72 -8.53
N THR A 62 -3.46 -1.66 -7.82
CA THR A 62 -4.70 -1.18 -8.41
C THR A 62 -4.84 0.31 -8.20
N ALA A 63 -4.15 0.82 -7.17
CA ALA A 63 -4.11 2.24 -6.91
C ALA A 63 -3.16 2.94 -7.88
N SER A 64 -3.64 4.00 -8.50
CA SER A 64 -2.87 4.75 -9.47
C SER A 64 -1.85 5.65 -8.79
N CYS A 65 -0.59 5.20 -8.78
CA CYS A 65 0.49 5.92 -8.12
C CYS A 65 0.96 7.12 -8.92
N GLN A 66 1.29 8.18 -8.20
CA GLN A 66 1.95 9.34 -8.77
C GLN A 66 3.23 9.61 -7.98
N ASN A 67 4.38 9.46 -8.61
CA ASN A 67 5.64 9.73 -7.98
C ASN A 67 5.89 11.23 -7.88
N ALA A 68 6.28 11.69 -6.71
CA ALA A 68 6.52 13.10 -6.46
C ALA A 68 7.44 13.29 -5.27
N GLU A 69 7.98 14.49 -5.13
CA GLU A 69 8.76 14.84 -3.98
C GLU A 69 8.02 15.89 -3.15
N SER A 70 8.01 15.68 -1.84
CA SER A 70 7.29 16.53 -0.92
C SER A 70 8.00 16.57 0.43
N THR A 71 7.55 17.43 1.33
CA THR A 71 8.16 17.52 2.66
C THR A 71 7.80 16.28 3.49
N GLU A 72 6.66 15.70 3.17
CA GLU A 72 6.22 14.46 3.81
C GLU A 72 6.52 13.29 2.91
N ASN A 73 6.99 12.19 3.48
CA ASN A 73 7.24 10.98 2.70
C ASN A 73 5.93 10.44 2.18
N SER A 74 4.90 10.55 3.00
CA SER A 74 3.60 9.97 2.71
C SER A 74 2.76 10.89 1.83
N LYS A 75 3.20 12.12 1.67
CA LYS A 75 2.47 13.07 0.85
C LYS A 75 3.26 13.39 -0.41
N LYS A 76 4.15 12.47 -0.77
CA LYS A 76 4.87 12.56 -2.04
C LYS A 76 4.18 11.72 -3.07
N ILE A 77 4.03 10.43 -2.76
CA ILE A 77 3.36 9.54 -3.67
C ILE A 77 1.86 9.65 -3.48
N ILE A 78 1.18 9.76 -4.58
CA ILE A 78 -0.27 9.89 -4.57
C ILE A 78 -0.89 8.61 -5.08
N CYS A 79 -1.87 8.09 -4.38
CA CYS A 79 -2.61 6.95 -4.88
C CYS A 79 -4.09 7.09 -4.66
N THR A 80 -4.82 6.53 -5.59
CA THR A 80 -6.25 6.42 -5.49
C THR A 80 -6.66 5.03 -5.91
N CYS A 81 -7.72 4.53 -5.33
CA CYS A 81 -8.37 3.38 -5.87
C CYS A 81 -9.64 3.85 -6.54
N LYS A 82 -9.93 3.27 -7.67
CA LYS A 82 -10.90 3.81 -8.59
C LYS A 82 -12.19 3.01 -8.55
N GLU A 83 -13.11 3.33 -9.44
CA GLU A 83 -14.43 2.73 -9.44
C GLU A 83 -14.39 1.19 -9.47
N PRO A 84 -13.58 0.56 -10.35
CA PRO A 84 -13.48 -0.90 -10.42
C PRO A 84 -12.80 -1.53 -9.20
N THR A 85 -12.48 -0.72 -8.19
CA THR A 85 -11.73 -1.22 -7.06
C THR A 85 -12.41 -0.88 -5.73
N PRO A 86 -13.02 -1.90 -5.09
CA PRO A 86 -13.72 -1.79 -3.79
C PRO A 86 -13.15 -0.82 -2.73
N ASN A 87 -11.83 -0.74 -2.55
CA ASN A 87 -11.29 0.12 -1.46
C ASN A 87 -9.85 0.58 -1.69
N ALA A 88 -9.45 1.60 -0.92
CA ALA A 88 -8.07 2.05 -0.83
C ALA A 88 -7.62 2.02 0.63
N TYR A 89 -6.75 1.08 0.97
CA TYR A 89 -6.26 0.91 2.32
C TYR A 89 -5.04 1.78 2.53
N TYR A 90 -4.96 2.46 3.67
CA TYR A 90 -3.83 3.31 3.98
C TYR A 90 -3.59 4.30 2.84
N GLU A 91 -4.66 5.02 2.50
CA GLU A 91 -4.62 6.09 1.51
C GLU A 91 -4.39 5.55 0.09
N GLY A 92 -4.23 4.25 -0.02
CA GLY A 92 -4.06 3.62 -1.33
C GLY A 92 -2.81 2.75 -1.40
N VAL A 93 -2.24 2.44 -0.24
CA VAL A 93 -1.19 1.43 -0.16
C VAL A 93 -1.76 0.08 -0.54
N PHE A 94 -3.05 -0.09 -0.30
CA PHE A 94 -3.77 -1.30 -0.70
C PHE A 94 -5.18 -0.97 -1.07
N CYS A 95 -5.93 -2.04 -1.16
CA CYS A 95 -7.31 -2.02 -1.48
C CYS A 95 -8.00 -3.01 -0.54
N SER A 96 -9.33 -3.08 -0.55
CA SER A 96 -10.05 -4.01 0.33
C SER A 96 -11.51 -4.04 -0.06
N SER A 97 -12.29 -4.89 0.57
CA SER A 97 -13.71 -4.96 0.31
C SER A 97 -14.39 -3.79 1.02
N SER A 98 -13.97 -2.59 0.65
CA SER A 98 -14.44 -1.36 1.25
C SER A 98 -14.04 -1.26 2.72
N SER A 99 -14.89 -1.76 3.61
CA SER A 99 -14.69 -1.65 5.05
C SER A 99 -14.81 -0.18 5.47
N GLY A 1 -7.69 -3.38 -12.90
CA GLY A 1 -6.77 -4.51 -12.60
C GLY A 1 -7.43 -5.57 -11.74
N VAL A 2 -7.11 -5.56 -10.46
CA VAL A 2 -7.66 -6.55 -9.54
C VAL A 2 -8.88 -6.00 -8.81
N ASP A 3 -9.53 -6.88 -8.06
CA ASP A 3 -10.72 -6.55 -7.31
C ASP A 3 -10.46 -6.72 -5.83
N PRO A 4 -10.17 -5.59 -5.18
CA PRO A 4 -9.88 -5.44 -3.75
C PRO A 4 -10.63 -6.31 -2.74
N LYS A 5 -11.78 -6.91 -3.09
CA LYS A 5 -12.61 -7.73 -2.13
C LYS A 5 -11.84 -8.81 -1.32
N HIS A 6 -10.53 -8.82 -1.42
CA HIS A 6 -9.64 -9.81 -0.81
C HIS A 6 -9.71 -9.79 0.70
N VAL A 7 -10.18 -8.65 1.24
CA VAL A 7 -10.29 -8.41 2.69
C VAL A 7 -9.04 -8.80 3.43
N CYS A 8 -9.17 -8.94 4.75
CA CYS A 8 -8.09 -9.44 5.57
C CYS A 8 -8.65 -10.08 6.83
N VAL A 9 -7.98 -11.12 7.31
CA VAL A 9 -8.43 -11.85 8.48
C VAL A 9 -7.40 -11.77 9.60
N ASP A 10 -6.20 -12.24 9.30
CA ASP A 10 -5.14 -12.31 10.29
C ASP A 10 -4.35 -11.02 10.28
N THR A 11 -3.45 -10.91 9.32
CA THR A 11 -2.61 -9.72 9.13
C THR A 11 -1.88 -9.34 10.43
N ARG A 12 -1.55 -10.35 11.23
CA ARG A 12 -0.69 -10.17 12.40
C ARG A 12 0.76 -10.28 11.97
N ASP A 13 0.91 -10.82 10.77
CA ASP A 13 2.20 -11.04 10.13
C ASP A 13 2.68 -9.73 9.50
N ILE A 14 1.85 -8.70 9.67
CA ILE A 14 2.05 -7.42 9.05
C ILE A 14 2.88 -6.51 9.96
N PRO A 15 4.08 -6.16 9.49
CA PRO A 15 5.08 -5.38 10.24
C PRO A 15 4.74 -3.90 10.45
N LYS A 16 5.70 -3.21 11.06
CA LYS A 16 5.63 -1.78 11.33
C LYS A 16 5.56 -0.97 10.06
N ASN A 17 4.74 0.09 10.10
CA ASN A 17 4.65 1.06 9.00
C ASN A 17 4.13 0.39 7.75
N ALA A 18 3.63 -0.80 7.93
CA ALA A 18 3.09 -1.58 6.85
C ALA A 18 1.60 -1.75 7.05
N GLY A 19 0.86 -1.55 5.98
CA GLY A 19 -0.56 -1.77 6.02
C GLY A 19 -0.88 -3.23 5.86
N CYS A 20 -2.06 -3.64 6.28
CA CYS A 20 -2.40 -5.04 6.24
C CYS A 20 -3.37 -5.34 5.10
N PHE A 21 -3.10 -6.44 4.39
CA PHE A 21 -3.92 -6.85 3.26
C PHE A 21 -3.92 -8.37 3.14
N ARG A 22 -4.99 -8.91 2.58
CA ARG A 22 -5.04 -10.31 2.18
C ARG A 22 -5.29 -10.34 0.70
N ASP A 23 -4.77 -11.33 0.00
CA ASP A 23 -5.22 -11.56 -1.35
C ASP A 23 -6.27 -12.66 -1.30
N ASP A 24 -7.22 -12.65 -2.23
CA ASP A 24 -8.28 -13.66 -2.23
C ASP A 24 -7.71 -15.01 -2.65
N ASP A 25 -6.43 -14.96 -3.03
CA ASP A 25 -5.63 -16.17 -3.21
C ASP A 25 -5.46 -16.90 -1.88
N GLY A 26 -5.52 -16.13 -0.80
CA GLY A 26 -5.36 -16.69 0.53
C GLY A 26 -4.11 -16.16 1.19
N THR A 27 -3.21 -15.64 0.38
CA THR A 27 -1.98 -15.07 0.88
C THR A 27 -2.23 -13.69 1.47
N LYS A 28 -1.79 -13.47 2.71
CA LYS A 28 -1.85 -12.14 3.28
C LYS A 28 -0.63 -11.38 2.83
N GLU A 29 -0.76 -10.10 2.74
CA GLU A 29 0.32 -9.26 2.33
C GLU A 29 0.43 -8.07 3.22
N TRP A 30 1.55 -7.39 3.07
CA TRP A 30 1.80 -6.16 3.74
C TRP A 30 2.68 -5.31 2.87
N ARG A 31 2.47 -4.04 2.92
CA ARG A 31 3.18 -3.10 2.09
C ARG A 31 3.57 -1.94 2.91
N CYS A 32 4.39 -1.11 2.35
CA CYS A 32 5.00 -0.05 3.09
C CYS A 32 4.32 1.20 2.67
N LEU A 33 3.84 1.89 3.69
CA LEU A 33 2.97 3.06 3.58
C LEU A 33 3.41 4.07 2.52
N LEU A 34 2.59 5.06 2.31
CA LEU A 34 2.81 6.01 1.24
C LEU A 34 4.13 6.75 1.43
N GLY A 35 5.06 6.48 0.52
CA GLY A 35 6.39 7.07 0.60
C GLY A 35 7.35 6.24 1.45
N TYR A 36 6.87 5.11 1.93
CA TYR A 36 7.64 4.20 2.76
C TYR A 36 8.33 3.10 1.95
N LYS A 37 9.04 2.23 2.65
CA LYS A 37 9.76 1.11 2.04
C LYS A 37 10.18 0.15 3.14
N LYS A 38 10.74 -1.00 2.79
CA LYS A 38 11.28 -1.88 3.81
C LYS A 38 12.63 -1.39 4.30
N GLY A 39 12.75 -1.23 5.61
CA GLY A 39 13.99 -0.81 6.21
C GLY A 39 14.44 -1.80 7.24
N GLU A 40 13.57 -2.07 8.18
CA GLU A 40 13.80 -3.08 9.18
C GLU A 40 13.47 -4.44 8.56
N GLY A 41 14.14 -5.49 9.02
CA GLY A 41 13.99 -6.82 8.43
C GLY A 41 12.55 -7.30 8.42
N ASN A 42 11.99 -7.40 7.21
CA ASN A 42 10.58 -7.70 7.03
C ASN A 42 9.75 -6.66 7.74
N THR A 43 9.92 -5.41 7.33
CA THR A 43 9.28 -4.29 8.02
C THR A 43 9.32 -3.08 7.13
N CYS A 44 8.63 -2.03 7.50
CA CYS A 44 8.57 -0.84 6.68
C CYS A 44 8.99 0.38 7.46
N VAL A 45 9.50 1.37 6.74
CA VAL A 45 10.03 2.59 7.29
C VAL A 45 9.81 3.70 6.29
N GLU A 46 10.01 4.93 6.73
CA GLU A 46 9.96 6.07 5.85
C GLU A 46 11.10 6.02 4.85
N ASN A 47 10.76 5.77 3.59
CA ASN A 47 11.73 5.77 2.52
C ASN A 47 12.20 7.19 2.27
N ASN A 48 11.27 8.12 2.46
CA ASN A 48 11.57 9.56 2.49
C ASN A 48 11.91 10.11 1.10
N ASN A 49 11.97 9.22 0.12
CA ASN A 49 12.23 9.60 -1.26
C ASN A 49 11.56 8.59 -2.17
N PRO A 50 10.24 8.65 -2.23
CA PRO A 50 9.40 7.64 -2.86
C PRO A 50 9.25 7.82 -4.36
N THR A 51 9.39 6.71 -5.07
CA THR A 51 9.26 6.66 -6.50
C THR A 51 8.17 5.68 -6.89
N CYS A 52 7.56 5.89 -8.04
CA CYS A 52 6.63 4.91 -8.59
C CYS A 52 7.45 3.79 -9.26
N ASP A 53 6.77 2.68 -9.58
CA ASP A 53 7.41 1.45 -10.10
C ASP A 53 7.96 0.59 -8.97
N ILE A 54 8.44 1.23 -7.92
CA ILE A 54 9.01 0.54 -6.78
C ILE A 54 8.09 0.69 -5.59
N ASN A 55 7.43 -0.41 -5.23
CA ASN A 55 6.45 -0.43 -4.15
C ASN A 55 5.27 0.47 -4.52
N ASN A 56 5.22 0.84 -5.80
CA ASN A 56 4.22 1.77 -6.31
C ASN A 56 4.28 3.09 -5.53
N GLY A 57 5.45 3.38 -4.97
CA GLY A 57 5.63 4.56 -4.13
C GLY A 57 4.99 4.40 -2.76
N GLY A 58 4.72 3.16 -2.39
CA GLY A 58 4.05 2.88 -1.14
C GLY A 58 2.58 2.69 -1.36
N CYS A 59 2.21 2.45 -2.60
CA CYS A 59 0.82 2.39 -3.03
C CYS A 59 0.43 0.99 -3.49
N ASP A 60 -0.83 0.85 -3.85
CA ASP A 60 -1.39 -0.41 -4.34
C ASP A 60 -1.42 -0.37 -5.85
N PRO A 61 -1.13 -1.52 -6.49
CA PRO A 61 -1.07 -1.63 -7.95
C PRO A 61 -2.30 -1.05 -8.67
N THR A 62 -3.45 -1.06 -7.99
CA THR A 62 -4.67 -0.47 -8.54
C THR A 62 -4.67 1.04 -8.27
N ALA A 63 -4.11 1.42 -7.13
CA ALA A 63 -4.01 2.80 -6.75
C ALA A 63 -3.06 3.55 -7.68
N SER A 64 -3.60 4.47 -8.46
CA SER A 64 -2.80 5.26 -9.37
C SER A 64 -1.81 6.11 -8.58
N CYS A 65 -0.57 5.63 -8.54
CA CYS A 65 0.51 6.31 -7.85
C CYS A 65 1.01 7.51 -8.65
N GLN A 66 1.36 8.56 -7.92
CA GLN A 66 2.00 9.72 -8.51
C GLN A 66 3.35 9.96 -7.85
N ASN A 67 4.42 9.79 -8.62
CA ASN A 67 5.76 10.01 -8.14
C ASN A 67 6.06 11.50 -8.03
N ALA A 68 6.37 11.94 -6.82
CA ALA A 68 6.59 13.36 -6.57
C ALA A 68 7.62 13.54 -5.44
N GLU A 69 8.13 14.75 -5.31
CA GLU A 69 9.05 15.08 -4.24
C GLU A 69 8.41 16.08 -3.28
N SER A 70 8.85 16.04 -2.02
CA SER A 70 8.31 16.91 -0.98
C SER A 70 9.11 16.72 0.29
N THR A 71 8.76 17.42 1.35
CA THR A 71 9.39 17.21 2.64
C THR A 71 8.92 15.88 3.24
N GLU A 72 7.64 15.61 3.06
CA GLU A 72 7.04 14.37 3.57
C GLU A 72 6.96 13.34 2.49
N ASN A 73 7.49 12.16 2.72
CA ASN A 73 7.38 11.07 1.77
C ASN A 73 5.94 10.64 1.62
N SER A 74 5.14 10.87 2.66
CA SER A 74 3.77 10.42 2.66
C SER A 74 2.86 11.43 1.97
N LYS A 75 3.41 12.60 1.64
CA LYS A 75 2.64 13.63 0.97
C LYS A 75 3.10 13.78 -0.48
N LYS A 76 3.97 12.87 -0.92
CA LYS A 76 4.49 12.94 -2.29
C LYS A 76 3.71 12.03 -3.21
N ILE A 77 3.70 10.74 -2.89
CA ILE A 77 3.05 9.78 -3.75
C ILE A 77 1.55 9.80 -3.51
N ILE A 78 0.83 9.90 -4.58
CA ILE A 78 -0.62 9.88 -4.53
C ILE A 78 -1.11 8.50 -4.93
N CYS A 79 -2.04 7.95 -4.17
CA CYS A 79 -2.62 6.66 -4.49
C CYS A 79 -4.10 6.81 -4.81
N THR A 80 -4.54 6.17 -5.87
CA THR A 80 -5.94 6.24 -6.24
C THR A 80 -6.52 4.88 -6.63
N CYS A 81 -7.27 4.30 -5.72
CA CYS A 81 -8.08 3.14 -6.03
C CYS A 81 -9.44 3.64 -6.49
N LYS A 82 -9.98 3.02 -7.51
CA LYS A 82 -11.10 3.55 -8.23
C LYS A 82 -12.37 2.74 -8.03
N GLU A 83 -13.42 3.07 -8.76
CA GLU A 83 -14.70 2.41 -8.58
C GLU A 83 -14.66 0.90 -8.87
N PRO A 84 -13.92 0.43 -9.90
CA PRO A 84 -13.74 -1.01 -10.14
C PRO A 84 -13.03 -1.71 -8.99
N THR A 85 -12.52 -0.93 -8.05
CA THR A 85 -11.74 -1.49 -6.96
C THR A 85 -12.44 -1.23 -5.62
N PRO A 86 -12.99 -2.32 -5.02
CA PRO A 86 -13.70 -2.31 -3.74
C PRO A 86 -13.15 -1.37 -2.63
N ASN A 87 -11.82 -1.13 -2.54
CA ASN A 87 -11.30 -0.24 -1.48
C ASN A 87 -9.88 0.27 -1.74
N ALA A 88 -9.51 1.29 -0.96
CA ALA A 88 -8.13 1.77 -0.84
C ALA A 88 -7.71 1.74 0.63
N TYR A 89 -6.85 0.79 0.97
CA TYR A 89 -6.38 0.64 2.34
C TYR A 89 -5.20 1.54 2.58
N TYR A 90 -5.14 2.18 3.75
CA TYR A 90 -4.04 3.09 4.06
C TYR A 90 -3.90 4.11 2.95
N GLU A 91 -5.03 4.76 2.67
CA GLU A 91 -5.11 5.84 1.70
C GLU A 91 -5.02 5.32 0.26
N GLY A 92 -4.50 4.11 0.10
CA GLY A 92 -4.30 3.53 -1.21
C GLY A 92 -3.03 2.71 -1.30
N VAL A 93 -2.46 2.35 -0.16
CA VAL A 93 -1.34 1.41 -0.13
C VAL A 93 -1.84 0.04 -0.58
N PHE A 94 -3.12 -0.19 -0.37
CA PHE A 94 -3.77 -1.42 -0.81
C PHE A 94 -5.20 -1.15 -1.20
N CYS A 95 -5.89 -2.24 -1.37
CA CYS A 95 -7.27 -2.26 -1.68
C CYS A 95 -7.92 -3.29 -0.78
N SER A 96 -9.24 -3.38 -0.75
CA SER A 96 -9.93 -4.38 0.07
C SER A 96 -11.42 -4.37 -0.26
N SER A 97 -12.17 -5.31 0.31
CA SER A 97 -13.61 -5.35 0.06
C SER A 97 -14.29 -4.25 0.87
N SER A 98 -13.99 -3.02 0.48
CA SER A 98 -14.41 -1.80 1.17
C SER A 98 -13.80 -1.71 2.57
N SER A 99 -13.74 -0.50 3.11
CA SER A 99 -13.15 -0.28 4.42
C SER A 99 -14.26 -0.13 5.46
N GLY A 1 -6.37 -3.97 -13.41
CA GLY A 1 -7.78 -4.15 -13.00
C GLY A 1 -7.97 -5.35 -12.10
N VAL A 2 -8.15 -5.07 -10.81
CA VAL A 2 -8.45 -6.11 -9.82
C VAL A 2 -9.52 -5.59 -8.89
N ASP A 3 -10.17 -6.47 -8.15
CA ASP A 3 -11.21 -6.06 -7.22
C ASP A 3 -10.81 -6.35 -5.78
N PRO A 4 -10.32 -5.29 -5.11
CA PRO A 4 -9.91 -5.22 -3.70
C PRO A 4 -10.65 -6.09 -2.67
N LYS A 5 -11.84 -6.60 -2.98
CA LYS A 5 -12.63 -7.47 -2.05
C LYS A 5 -11.85 -8.65 -1.41
N HIS A 6 -10.54 -8.64 -1.58
CA HIS A 6 -9.60 -9.66 -1.11
C HIS A 6 -9.59 -9.77 0.41
N VAL A 7 -10.17 -8.77 1.05
CA VAL A 7 -10.31 -8.66 2.53
C VAL A 7 -9.02 -8.87 3.30
N CYS A 8 -9.18 -8.88 4.62
CA CYS A 8 -8.12 -9.22 5.54
C CYS A 8 -8.74 -9.69 6.85
N VAL A 9 -8.11 -10.64 7.50
CA VAL A 9 -8.64 -11.16 8.76
C VAL A 9 -7.57 -11.17 9.83
N ASP A 10 -6.45 -11.79 9.51
CA ASP A 10 -5.40 -12.05 10.47
C ASP A 10 -4.35 -10.95 10.44
N THR A 11 -3.67 -10.83 9.32
CA THR A 11 -2.65 -9.79 9.09
C THR A 11 -1.70 -9.64 10.28
N ARG A 12 -1.29 -10.76 10.85
CA ARG A 12 -0.32 -10.76 11.94
C ARG A 12 1.10 -10.77 11.39
N ASP A 13 1.20 -11.18 10.13
CA ASP A 13 2.47 -11.17 9.41
C ASP A 13 2.84 -9.74 9.03
N ILE A 14 1.93 -8.83 9.30
CA ILE A 14 2.01 -7.46 8.86
C ILE A 14 2.86 -6.62 9.82
N PRO A 15 4.08 -6.25 9.38
CA PRO A 15 5.07 -5.49 10.16
C PRO A 15 4.64 -4.06 10.49
N LYS A 16 5.52 -3.34 11.19
CA LYS A 16 5.26 -1.94 11.52
C LYS A 16 5.41 -1.08 10.27
N ASN A 17 4.72 0.06 10.29
CA ASN A 17 4.69 1.00 9.16
C ASN A 17 4.18 0.32 7.90
N ALA A 18 3.60 -0.85 8.08
CA ALA A 18 3.06 -1.61 6.99
C ALA A 18 1.56 -1.76 7.15
N GLY A 19 0.86 -1.57 6.06
CA GLY A 19 -0.58 -1.75 6.06
C GLY A 19 -0.95 -3.21 5.89
N CYS A 20 -2.15 -3.58 6.26
CA CYS A 20 -2.56 -4.96 6.25
C CYS A 20 -3.51 -5.26 5.09
N PHE A 21 -3.22 -6.33 4.35
CA PHE A 21 -4.02 -6.73 3.19
C PHE A 21 -4.04 -8.25 3.08
N ARG A 22 -5.07 -8.80 2.47
CA ARG A 22 -5.09 -10.19 2.08
C ARG A 22 -5.39 -10.28 0.61
N ASP A 23 -4.85 -11.26 -0.08
CA ASP A 23 -5.21 -11.49 -1.46
C ASP A 23 -6.41 -12.45 -1.52
N ASP A 24 -7.03 -12.61 -2.70
CA ASP A 24 -8.18 -13.52 -2.84
C ASP A 24 -7.81 -14.91 -2.35
N ASP A 25 -6.54 -15.26 -2.51
CA ASP A 25 -6.01 -16.56 -2.12
C ASP A 25 -6.07 -16.77 -0.60
N GLY A 26 -6.21 -15.67 0.13
CA GLY A 26 -6.21 -15.73 1.57
C GLY A 26 -4.85 -15.49 2.15
N THR A 27 -3.87 -15.31 1.27
CA THR A 27 -2.54 -14.95 1.70
C THR A 27 -2.51 -13.48 2.09
N LYS A 28 -2.16 -13.24 3.35
CA LYS A 28 -2.11 -11.88 3.85
C LYS A 28 -0.83 -11.23 3.40
N GLU A 29 -0.97 -10.08 2.78
CA GLU A 29 0.15 -9.32 2.33
C GLU A 29 0.31 -8.08 3.17
N TRP A 30 1.44 -7.45 3.01
CA TRP A 30 1.73 -6.20 3.66
C TRP A 30 2.60 -5.37 2.75
N ARG A 31 2.45 -4.08 2.86
CA ARG A 31 3.17 -3.14 2.05
C ARG A 31 3.62 -2.02 2.92
N CYS A 32 4.42 -1.18 2.35
CA CYS A 32 5.03 -0.14 3.11
C CYS A 32 4.32 1.11 2.74
N LEU A 33 3.85 1.79 3.78
CA LEU A 33 2.96 2.93 3.69
C LEU A 33 3.38 3.96 2.65
N LEU A 34 2.56 4.97 2.45
CA LEU A 34 2.79 5.92 1.39
C LEU A 34 4.12 6.63 1.57
N GLY A 35 5.01 6.43 0.63
CA GLY A 35 6.33 6.98 0.72
C GLY A 35 7.23 6.20 1.66
N TYR A 36 6.82 5.00 2.00
CA TYR A 36 7.63 4.12 2.83
C TYR A 36 8.38 3.09 1.99
N LYS A 37 9.18 2.28 2.66
CA LYS A 37 9.99 1.25 2.01
C LYS A 37 10.43 0.24 3.07
N LYS A 38 10.76 -0.98 2.65
CA LYS A 38 11.31 -1.96 3.57
C LYS A 38 12.67 -1.52 4.08
N GLY A 39 12.77 -1.36 5.40
CA GLY A 39 13.99 -0.87 5.99
C GLY A 39 14.51 -1.76 7.10
N GLU A 40 13.61 -2.19 7.97
CA GLU A 40 13.99 -2.93 9.16
C GLU A 40 14.36 -4.37 8.83
N GLY A 41 13.73 -4.89 7.80
CA GLY A 41 13.90 -6.30 7.45
C GLY A 41 12.61 -7.05 7.63
N ASN A 42 11.87 -7.25 6.54
CA ASN A 42 10.49 -7.69 6.60
C ASN A 42 9.70 -6.68 7.42
N THR A 43 9.84 -5.42 7.05
CA THR A 43 9.27 -4.31 7.81
C THR A 43 9.31 -3.06 6.95
N CYS A 44 8.65 -2.02 7.38
CA CYS A 44 8.59 -0.81 6.58
C CYS A 44 9.07 0.38 7.39
N VAL A 45 9.63 1.34 6.69
CA VAL A 45 10.15 2.57 7.26
C VAL A 45 9.89 3.70 6.28
N GLU A 46 9.98 4.91 6.77
CA GLU A 46 9.80 6.08 5.95
C GLU A 46 10.89 6.21 4.89
N ASN A 47 10.47 6.21 3.64
CA ASN A 47 11.38 6.36 2.52
C ASN A 47 11.37 7.81 2.06
N ASN A 48 12.41 8.54 2.41
CA ASN A 48 12.45 9.98 2.25
C ASN A 48 12.61 10.40 0.79
N ASN A 49 12.44 9.46 -0.11
CA ASN A 49 12.55 9.70 -1.54
C ASN A 49 11.78 8.60 -2.27
N PRO A 50 10.44 8.68 -2.21
CA PRO A 50 9.58 7.66 -2.77
C PRO A 50 9.40 7.80 -4.27
N THR A 51 9.59 6.70 -4.97
CA THR A 51 9.46 6.64 -6.40
C THR A 51 8.40 5.61 -6.77
N CYS A 52 7.74 5.81 -7.90
CA CYS A 52 6.73 4.87 -8.36
C CYS A 52 7.44 3.71 -9.06
N ASP A 53 6.69 2.65 -9.39
CA ASP A 53 7.23 1.38 -9.92
C ASP A 53 7.83 0.54 -8.81
N ILE A 54 8.51 1.20 -7.88
CA ILE A 54 9.13 0.52 -6.76
C ILE A 54 8.26 0.66 -5.54
N ASN A 55 7.55 -0.42 -5.22
CA ASN A 55 6.60 -0.43 -4.11
C ASN A 55 5.44 0.48 -4.46
N ASN A 56 5.41 0.92 -5.72
CA ASN A 56 4.43 1.88 -6.21
C ASN A 56 4.49 3.15 -5.37
N GLY A 57 5.67 3.43 -4.79
CA GLY A 57 5.83 4.57 -3.92
C GLY A 57 5.11 4.36 -2.60
N GLY A 58 4.88 3.12 -2.25
CA GLY A 58 4.16 2.80 -1.03
C GLY A 58 2.68 2.61 -1.29
N CYS A 59 2.34 2.43 -2.55
CA CYS A 59 0.96 2.35 -2.97
C CYS A 59 0.60 0.96 -3.49
N ASP A 60 -0.66 0.81 -3.88
CA ASP A 60 -1.17 -0.46 -4.40
C ASP A 60 -1.18 -0.42 -5.92
N PRO A 61 -0.81 -1.54 -6.57
CA PRO A 61 -0.69 -1.64 -8.03
C PRO A 61 -1.93 -1.14 -8.78
N THR A 62 -3.10 -1.24 -8.15
CA THR A 62 -4.32 -0.76 -8.75
C THR A 62 -4.59 0.69 -8.35
N ALA A 63 -4.00 1.10 -7.22
CA ALA A 63 -4.06 2.48 -6.79
C ALA A 63 -3.10 3.29 -7.64
N SER A 64 -3.64 4.01 -8.62
CA SER A 64 -2.85 4.75 -9.59
C SER A 64 -1.91 5.72 -8.87
N CYS A 65 -0.66 5.31 -8.74
CA CYS A 65 0.35 6.06 -8.05
C CYS A 65 1.00 7.13 -8.92
N GLN A 66 1.47 8.16 -8.27
CA GLN A 66 2.25 9.21 -8.90
C GLN A 66 3.54 9.42 -8.13
N ASN A 67 4.63 9.53 -8.86
CA ASN A 67 5.92 9.81 -8.29
C ASN A 67 6.09 11.31 -8.11
N ALA A 68 6.21 11.75 -6.88
CA ALA A 68 6.27 13.16 -6.57
C ALA A 68 7.19 13.41 -5.40
N GLU A 69 7.61 14.66 -5.24
CA GLU A 69 8.46 15.04 -4.13
C GLU A 69 7.75 16.06 -3.24
N SER A 70 8.13 16.08 -1.98
CA SER A 70 7.53 16.97 -1.00
C SER A 70 8.48 17.12 0.19
N THR A 71 8.02 17.76 1.24
CA THR A 71 8.77 17.79 2.49
C THR A 71 8.48 16.53 3.32
N GLU A 72 7.37 15.87 2.98
CA GLU A 72 6.89 14.69 3.69
C GLU A 72 6.94 13.46 2.82
N ASN A 73 7.72 12.47 3.20
CA ASN A 73 7.86 11.26 2.39
C ASN A 73 6.49 10.64 2.12
N SER A 74 5.55 10.82 3.05
CA SER A 74 4.24 10.21 2.93
C SER A 74 3.27 11.09 2.18
N LYS A 75 3.64 12.36 1.99
CA LYS A 75 2.77 13.30 1.29
C LYS A 75 3.28 13.53 -0.12
N LYS A 76 4.13 12.63 -0.59
CA LYS A 76 4.71 12.74 -1.92
C LYS A 76 3.94 11.91 -2.91
N ILE A 77 3.90 10.61 -2.67
CA ILE A 77 3.28 9.70 -3.62
C ILE A 77 1.78 9.76 -3.51
N ILE A 78 1.13 9.77 -4.65
CA ILE A 78 -0.32 9.82 -4.69
C ILE A 78 -0.88 8.46 -5.13
N CYS A 79 -1.70 7.88 -4.29
CA CYS A 79 -2.39 6.65 -4.64
C CYS A 79 -3.83 6.97 -5.06
N THR A 80 -4.34 6.19 -5.98
CA THR A 80 -5.70 6.40 -6.47
C THR A 80 -6.47 5.10 -6.61
N CYS A 81 -7.48 4.91 -5.78
CA CYS A 81 -8.40 3.82 -5.95
C CYS A 81 -9.55 4.31 -6.83
N LYS A 82 -10.17 3.40 -7.56
CA LYS A 82 -11.16 3.77 -8.55
C LYS A 82 -12.42 2.92 -8.40
N GLU A 83 -13.36 3.08 -9.32
CA GLU A 83 -14.60 2.33 -9.32
C GLU A 83 -14.38 0.80 -9.23
N PRO A 84 -13.50 0.22 -10.07
CA PRO A 84 -13.25 -1.23 -10.07
C PRO A 84 -12.63 -1.73 -8.77
N THR A 85 -12.37 -0.82 -7.84
CA THR A 85 -11.62 -1.17 -6.66
C THR A 85 -12.41 -0.85 -5.37
N PRO A 86 -12.99 -1.92 -4.77
CA PRO A 86 -13.67 -1.88 -3.46
C PRO A 86 -13.05 -0.93 -2.41
N ASN A 87 -11.75 -1.00 -2.13
CA ASN A 87 -11.18 -0.18 -1.04
C ASN A 87 -9.83 0.40 -1.37
N ALA A 88 -9.45 1.38 -0.58
CA ALA A 88 -8.08 1.84 -0.48
C ALA A 88 -7.67 1.86 0.99
N TYR A 89 -6.86 0.90 1.38
CA TYR A 89 -6.34 0.83 2.73
C TYR A 89 -5.13 1.71 2.83
N TYR A 90 -5.02 2.46 3.92
CA TYR A 90 -3.87 3.30 4.14
C TYR A 90 -3.73 4.23 2.95
N GLU A 91 -4.86 4.86 2.63
CA GLU A 91 -4.97 5.88 1.58
C GLU A 91 -4.93 5.28 0.18
N GLY A 92 -4.39 4.08 0.08
CA GLY A 92 -4.24 3.45 -1.22
C GLY A 92 -2.96 2.65 -1.30
N VAL A 93 -2.38 2.33 -0.15
CA VAL A 93 -1.29 1.39 -0.09
C VAL A 93 -1.79 0.02 -0.53
N PHE A 94 -3.09 -0.18 -0.36
CA PHE A 94 -3.75 -1.38 -0.84
C PHE A 94 -5.14 -1.05 -1.26
N CYS A 95 -5.63 -1.80 -2.20
CA CYS A 95 -7.03 -1.81 -2.49
C CYS A 95 -7.59 -3.11 -1.93
N SER A 96 -8.58 -2.98 -1.08
CA SER A 96 -8.97 -4.02 -0.15
C SER A 96 -10.48 -4.15 -0.01
N SER A 97 -10.90 -5.08 0.83
CA SER A 97 -12.31 -5.20 1.12
C SER A 97 -12.81 -3.93 1.77
N SER A 98 -13.50 -3.14 0.98
CA SER A 98 -14.23 -1.98 1.48
C SER A 98 -15.06 -2.37 2.70
N SER A 99 -15.64 -3.56 2.64
CA SER A 99 -16.41 -4.11 3.75
C SER A 99 -16.37 -5.64 3.66
N GLY A 1 -6.06 -3.78 -13.06
CA GLY A 1 -7.19 -3.60 -12.13
C GLY A 1 -7.61 -4.89 -11.46
N VAL A 2 -7.82 -4.83 -10.16
CA VAL A 2 -8.27 -5.98 -9.38
C VAL A 2 -9.43 -5.53 -8.51
N ASP A 3 -10.11 -6.46 -7.87
CA ASP A 3 -11.22 -6.13 -6.98
C ASP A 3 -10.83 -6.32 -5.51
N PRO A 4 -10.43 -5.21 -4.89
CA PRO A 4 -10.06 -5.08 -3.46
C PRO A 4 -10.84 -5.89 -2.43
N LYS A 5 -12.01 -6.43 -2.77
CA LYS A 5 -12.86 -7.25 -1.86
C LYS A 5 -12.09 -8.36 -1.07
N HIS A 6 -10.78 -8.40 -1.21
CA HIS A 6 -9.92 -9.45 -0.67
C HIS A 6 -9.91 -9.47 0.86
N VAL A 7 -10.31 -8.33 1.43
CA VAL A 7 -10.37 -8.10 2.90
C VAL A 7 -9.08 -8.44 3.62
N CYS A 8 -9.17 -8.49 4.94
CA CYS A 8 -8.08 -8.94 5.78
C CYS A 8 -8.65 -9.50 7.08
N VAL A 9 -7.97 -10.51 7.62
CA VAL A 9 -8.53 -11.25 8.74
C VAL A 9 -7.57 -11.24 9.93
N ASP A 10 -6.35 -11.67 9.67
CA ASP A 10 -5.35 -11.87 10.71
C ASP A 10 -4.22 -10.87 10.59
N THR A 11 -3.45 -10.96 9.51
CA THR A 11 -2.38 -10.02 9.21
C THR A 11 -1.44 -9.82 10.41
N ARG A 12 -1.03 -10.95 10.99
CA ARG A 12 -0.08 -10.96 12.09
C ARG A 12 1.34 -10.97 11.53
N ASP A 13 1.45 -11.43 10.30
CA ASP A 13 2.73 -11.47 9.56
C ASP A 13 3.13 -10.07 9.15
N ILE A 14 2.21 -9.15 9.34
CA ILE A 14 2.32 -7.80 8.83
C ILE A 14 3.23 -6.94 9.73
N PRO A 15 4.37 -6.52 9.18
CA PRO A 15 5.40 -5.73 9.89
C PRO A 15 4.96 -4.33 10.30
N LYS A 16 5.93 -3.55 10.80
CA LYS A 16 5.67 -2.20 11.25
C LYS A 16 5.62 -1.24 10.07
N ASN A 17 4.98 -0.08 10.31
CA ASN A 17 4.67 0.92 9.27
C ASN A 17 4.09 0.28 8.01
N ALA A 18 3.56 -0.91 8.17
CA ALA A 18 3.01 -1.66 7.06
C ALA A 18 1.52 -1.84 7.26
N GLY A 19 0.79 -1.64 6.18
CA GLY A 19 -0.64 -1.86 6.21
C GLY A 19 -0.96 -3.32 6.00
N CYS A 20 -2.14 -3.74 6.40
CA CYS A 20 -2.47 -5.14 6.34
C CYS A 20 -3.49 -5.44 5.24
N PHE A 21 -3.27 -6.52 4.50
CA PHE A 21 -4.17 -6.89 3.41
C PHE A 21 -4.25 -8.42 3.28
N ARG A 22 -5.38 -8.92 2.82
CA ARG A 22 -5.49 -10.29 2.39
C ARG A 22 -5.61 -10.28 0.89
N ASP A 23 -5.07 -11.26 0.21
CA ASP A 23 -5.28 -11.33 -1.22
C ASP A 23 -6.33 -12.40 -1.53
N ASP A 24 -6.87 -12.37 -2.75
CA ASP A 24 -7.87 -13.35 -3.16
C ASP A 24 -7.28 -14.76 -3.12
N ASP A 25 -5.96 -14.82 -3.17
CA ASP A 25 -5.22 -16.07 -3.08
C ASP A 25 -5.44 -16.72 -1.72
N GLY A 26 -5.91 -15.93 -0.77
CA GLY A 26 -6.04 -16.41 0.59
C GLY A 26 -4.82 -16.04 1.40
N THR A 27 -3.83 -15.55 0.69
CA THR A 27 -2.58 -15.13 1.30
C THR A 27 -2.73 -13.74 1.90
N LYS A 28 -2.11 -13.52 3.04
CA LYS A 28 -2.13 -12.20 3.65
C LYS A 28 -0.87 -11.47 3.23
N GLU A 29 -1.02 -10.21 2.96
CA GLU A 29 0.08 -9.41 2.49
C GLU A 29 0.24 -8.15 3.30
N TRP A 30 1.36 -7.52 3.09
CA TRP A 30 1.68 -6.28 3.74
C TRP A 30 2.48 -5.41 2.79
N ARG A 31 2.31 -4.13 2.93
CA ARG A 31 2.98 -3.17 2.09
C ARG A 31 3.34 -1.99 2.94
N CYS A 32 4.11 -1.11 2.38
CA CYS A 32 4.68 -0.06 3.13
C CYS A 32 3.96 1.20 2.75
N LEU A 33 3.50 1.88 3.78
CA LEU A 33 2.62 3.04 3.67
C LEU A 33 3.04 4.05 2.61
N LEU A 34 2.19 5.04 2.37
CA LEU A 34 2.42 5.96 1.26
C LEU A 34 3.71 6.74 1.46
N GLY A 35 4.60 6.62 0.49
CA GLY A 35 5.89 7.26 0.58
C GLY A 35 6.83 6.52 1.51
N TYR A 36 6.51 5.25 1.77
CA TYR A 36 7.32 4.39 2.59
C TYR A 36 8.05 3.36 1.73
N LYS A 37 8.84 2.53 2.38
CA LYS A 37 9.60 1.49 1.73
C LYS A 37 9.98 0.44 2.75
N LYS A 38 10.60 -0.62 2.30
CA LYS A 38 11.16 -1.57 3.22
C LYS A 38 12.53 -1.10 3.67
N GLY A 39 12.70 -0.96 4.96
CA GLY A 39 13.97 -0.51 5.49
C GLY A 39 14.61 -1.62 6.28
N GLU A 40 13.90 -2.01 7.31
CA GLU A 40 14.28 -3.15 8.12
C GLU A 40 13.77 -4.43 7.46
N GLY A 41 14.41 -5.55 7.77
CA GLY A 41 14.12 -6.80 7.08
C GLY A 41 12.68 -7.22 7.18
N ASN A 42 12.01 -7.26 6.02
CA ASN A 42 10.57 -7.49 5.97
C ASN A 42 9.85 -6.52 6.87
N THR A 43 9.91 -5.24 6.52
CA THR A 43 9.33 -4.21 7.35
C THR A 43 9.26 -2.92 6.55
N CYS A 44 8.61 -1.91 7.10
CA CYS A 44 8.40 -0.69 6.36
C CYS A 44 8.82 0.53 7.16
N VAL A 45 9.30 1.54 6.46
CA VAL A 45 9.79 2.77 7.05
C VAL A 45 9.51 3.94 6.10
N GLU A 46 9.55 5.15 6.64
CA GLU A 46 9.33 6.34 5.84
C GLU A 46 10.44 6.53 4.82
N ASN A 47 10.08 6.38 3.55
CA ASN A 47 11.03 6.56 2.46
C ASN A 47 11.25 8.06 2.24
N ASN A 48 12.45 8.52 2.52
CA ASN A 48 12.76 9.94 2.47
C ASN A 48 12.92 10.45 1.03
N ASN A 49 12.58 9.62 0.07
CA ASN A 49 12.67 9.97 -1.34
C ASN A 49 11.92 8.92 -2.15
N PRO A 50 10.59 8.86 -1.99
CA PRO A 50 9.82 7.78 -2.54
C PRO A 50 9.59 7.92 -4.04
N THR A 51 9.77 6.82 -4.73
CA THR A 51 9.66 6.75 -6.16
C THR A 51 8.59 5.74 -6.51
N CYS A 52 7.94 5.90 -7.64
CA CYS A 52 6.93 4.98 -8.07
C CYS A 52 7.59 3.75 -8.69
N ASP A 53 6.80 2.69 -8.91
CA ASP A 53 7.28 1.37 -9.34
C ASP A 53 7.83 0.58 -8.18
N ILE A 54 8.66 1.23 -7.38
CA ILE A 54 9.29 0.59 -6.25
C ILE A 54 8.38 0.68 -5.05
N ASN A 55 7.76 -0.45 -4.74
CA ASN A 55 6.75 -0.49 -3.69
C ASN A 55 5.55 0.34 -4.13
N ASN A 56 5.55 0.69 -5.42
CA ASN A 56 4.59 1.61 -6.01
C ASN A 56 4.62 2.93 -5.26
N GLY A 57 5.78 3.24 -4.67
CA GLY A 57 5.93 4.44 -3.86
C GLY A 57 5.15 4.34 -2.56
N GLY A 58 4.87 3.11 -2.15
CA GLY A 58 4.11 2.89 -0.94
C GLY A 58 2.64 2.71 -1.23
N CYS A 59 2.33 2.40 -2.48
CA CYS A 59 0.96 2.29 -2.95
C CYS A 59 0.61 0.85 -3.34
N ASP A 60 -0.64 0.66 -3.74
CA ASP A 60 -1.14 -0.64 -4.16
C ASP A 60 -1.08 -0.72 -5.68
N PRO A 61 -0.65 -1.87 -6.22
CA PRO A 61 -0.53 -2.09 -7.66
C PRO A 61 -1.78 -1.66 -8.45
N THR A 62 -2.95 -1.73 -7.82
CA THR A 62 -4.19 -1.30 -8.45
C THR A 62 -4.38 0.21 -8.26
N ALA A 63 -3.80 0.72 -7.18
CA ALA A 63 -3.83 2.14 -6.90
C ALA A 63 -2.79 2.86 -7.74
N SER A 64 -3.22 3.37 -8.89
CA SER A 64 -2.35 4.04 -9.84
C SER A 64 -1.52 5.13 -9.15
N CYS A 65 -0.28 4.79 -8.88
CA CYS A 65 0.63 5.66 -8.17
C CYS A 65 1.23 6.75 -9.06
N GLN A 66 1.48 7.89 -8.43
CA GLN A 66 2.18 9.00 -9.06
C GLN A 66 3.44 9.30 -8.26
N ASN A 67 4.51 9.65 -8.95
CA ASN A 67 5.76 9.96 -8.31
C ASN A 67 5.84 11.47 -8.05
N ALA A 68 6.20 11.84 -6.82
CA ALA A 68 6.23 13.24 -6.44
C ALA A 68 7.22 13.50 -5.31
N GLU A 69 7.55 14.76 -5.11
CA GLU A 69 8.50 15.18 -4.10
C GLU A 69 7.84 16.15 -3.13
N SER A 70 8.22 16.07 -1.86
CA SER A 70 7.69 16.94 -0.83
C SER A 70 8.66 16.94 0.35
N THR A 71 8.23 17.50 1.46
CA THR A 71 8.94 17.35 2.71
C THR A 71 8.39 16.15 3.47
N GLU A 72 7.07 16.00 3.40
CA GLU A 72 6.38 14.86 3.99
C GLU A 72 6.46 13.65 3.09
N ASN A 73 7.27 12.68 3.47
CA ASN A 73 7.47 11.48 2.67
C ASN A 73 6.14 10.79 2.38
N SER A 74 5.20 10.90 3.31
CA SER A 74 3.93 10.21 3.18
C SER A 74 2.91 11.05 2.42
N LYS A 75 3.31 12.26 2.02
CA LYS A 75 2.44 13.13 1.23
C LYS A 75 2.92 13.22 -0.21
N LYS A 76 4.01 12.54 -0.52
CA LYS A 76 4.60 12.66 -1.85
C LYS A 76 3.89 11.78 -2.85
N ILE A 77 3.84 10.49 -2.58
CA ILE A 77 3.31 9.55 -3.55
C ILE A 77 1.79 9.57 -3.52
N ILE A 78 1.22 9.48 -4.70
CA ILE A 78 -0.24 9.52 -4.85
C ILE A 78 -0.74 8.17 -5.32
N CYS A 79 -1.65 7.60 -4.57
CA CYS A 79 -2.27 6.34 -4.92
C CYS A 79 -3.66 6.58 -5.53
N THR A 80 -4.08 5.70 -6.43
CA THR A 80 -5.35 5.86 -7.10
C THR A 80 -6.18 4.57 -7.09
N CYS A 81 -7.15 4.48 -6.22
CA CYS A 81 -8.09 3.38 -6.29
C CYS A 81 -9.24 3.82 -7.18
N LYS A 82 -9.62 2.94 -8.07
CA LYS A 82 -10.49 3.29 -9.17
C LYS A 82 -11.87 2.65 -9.03
N GLU A 83 -12.70 2.86 -10.05
CA GLU A 83 -14.06 2.33 -10.06
C GLU A 83 -14.12 0.82 -9.78
N PRO A 84 -13.29 -0.01 -10.46
CA PRO A 84 -13.29 -1.46 -10.23
C PRO A 84 -12.67 -1.86 -8.89
N THR A 85 -12.42 -0.91 -8.00
CA THR A 85 -11.73 -1.25 -6.76
C THR A 85 -12.55 -0.87 -5.52
N PRO A 86 -13.14 -1.90 -4.87
CA PRO A 86 -13.85 -1.80 -3.60
C PRO A 86 -13.23 -0.88 -2.51
N ASN A 87 -11.89 -0.68 -2.48
CA ASN A 87 -11.31 0.16 -1.41
C ASN A 87 -9.90 0.65 -1.73
N ALA A 88 -9.45 1.61 -0.93
CA ALA A 88 -8.06 2.01 -0.85
C ALA A 88 -7.63 1.95 0.62
N TYR A 89 -6.82 0.96 0.93
CA TYR A 89 -6.37 0.70 2.26
C TYR A 89 -5.15 1.53 2.57
N TYR A 90 -5.13 2.18 3.72
CA TYR A 90 -4.07 3.12 4.05
C TYR A 90 -3.92 4.12 2.91
N GLU A 91 -5.05 4.76 2.59
CA GLU A 91 -5.12 5.82 1.59
C GLU A 91 -5.00 5.28 0.16
N GLY A 92 -4.42 4.10 0.05
CA GLY A 92 -4.21 3.50 -1.25
C GLY A 92 -2.94 2.67 -1.31
N VAL A 93 -2.40 2.31 -0.15
CA VAL A 93 -1.30 1.36 -0.06
C VAL A 93 -1.80 -0.01 -0.47
N PHE A 94 -3.11 -0.19 -0.27
CA PHE A 94 -3.80 -1.41 -0.66
C PHE A 94 -5.20 -1.05 -1.04
N CYS A 95 -5.98 -2.07 -1.12
CA CYS A 95 -7.37 -1.98 -1.41
C CYS A 95 -8.08 -2.99 -0.49
N SER A 96 -9.40 -3.03 -0.48
CA SER A 96 -10.11 -3.89 0.47
C SER A 96 -11.58 -3.95 0.09
N SER A 97 -12.37 -4.77 0.79
CA SER A 97 -13.79 -4.88 0.50
C SER A 97 -14.51 -3.67 1.12
N SER A 98 -14.00 -2.49 0.78
CA SER A 98 -14.48 -1.22 1.32
C SER A 98 -14.17 -1.11 2.81
N SER A 99 -14.87 -1.89 3.62
CA SER A 99 -14.67 -1.87 5.06
C SER A 99 -14.41 -3.28 5.57
N GLY A 1 -9.55 -2.77 -12.41
CA GLY A 1 -8.75 -3.97 -12.71
C GLY A 1 -9.09 -5.11 -11.76
N VAL A 2 -8.23 -5.32 -10.78
CA VAL A 2 -8.50 -6.29 -9.74
C VAL A 2 -9.46 -5.69 -8.74
N ASP A 3 -10.11 -6.55 -7.99
CA ASP A 3 -11.07 -6.14 -6.99
C ASP A 3 -10.50 -6.36 -5.60
N PRO A 4 -10.15 -5.25 -4.93
CA PRO A 4 -9.76 -5.16 -3.51
C PRO A 4 -10.50 -6.10 -2.52
N LYS A 5 -11.62 -6.68 -2.93
CA LYS A 5 -12.39 -7.69 -2.13
C LYS A 5 -11.54 -8.81 -1.47
N HIS A 6 -10.22 -8.70 -1.56
CA HIS A 6 -9.26 -9.69 -1.06
C HIS A 6 -9.35 -9.83 0.46
N VAL A 7 -9.88 -8.79 1.09
CA VAL A 7 -10.02 -8.68 2.55
C VAL A 7 -8.73 -8.89 3.31
N CYS A 8 -8.85 -8.85 4.64
CA CYS A 8 -7.79 -9.28 5.54
C CYS A 8 -8.39 -9.61 6.89
N VAL A 9 -7.79 -10.56 7.59
CA VAL A 9 -8.28 -10.93 8.91
C VAL A 9 -7.12 -11.02 9.90
N ASP A 10 -6.12 -11.80 9.53
CA ASP A 10 -5.04 -12.14 10.43
C ASP A 10 -3.99 -11.05 10.43
N THR A 11 -3.32 -10.90 9.31
CA THR A 11 -2.32 -9.87 9.11
C THR A 11 -1.25 -9.89 10.21
N ARG A 12 -0.82 -11.09 10.58
CA ARG A 12 0.25 -11.27 11.55
C ARG A 12 1.60 -11.15 10.87
N ASP A 13 1.59 -11.36 9.56
CA ASP A 13 2.79 -11.23 8.73
C ASP A 13 3.13 -9.77 8.54
N ILE A 14 2.23 -8.91 8.99
CA ILE A 14 2.27 -7.49 8.70
C ILE A 14 3.13 -6.73 9.72
N PRO A 15 4.28 -6.23 9.27
CA PRO A 15 5.25 -5.47 10.08
C PRO A 15 4.80 -4.06 10.46
N LYS A 16 5.72 -3.35 11.12
CA LYS A 16 5.53 -1.96 11.49
C LYS A 16 5.54 -1.05 10.28
N ASN A 17 4.77 0.04 10.36
CA ASN A 17 4.72 1.06 9.31
C ASN A 17 4.19 0.45 8.02
N ALA A 18 3.65 -0.74 8.15
CA ALA A 18 3.11 -1.48 7.05
C ALA A 18 1.62 -1.65 7.24
N GLY A 19 0.88 -1.47 6.18
CA GLY A 19 -0.55 -1.67 6.23
C GLY A 19 -0.88 -3.13 6.05
N CYS A 20 -2.06 -3.54 6.47
CA CYS A 20 -2.41 -4.94 6.44
C CYS A 20 -3.35 -5.28 5.28
N PHE A 21 -2.99 -6.30 4.50
CA PHE A 21 -3.78 -6.73 3.35
C PHE A 21 -3.76 -8.24 3.24
N ARG A 22 -4.80 -8.81 2.63
CA ARG A 22 -4.77 -10.18 2.19
C ARG A 22 -4.96 -10.17 0.70
N ASP A 23 -4.36 -11.08 -0.03
CA ASP A 23 -4.67 -11.19 -1.43
C ASP A 23 -5.83 -12.17 -1.60
N ASP A 24 -6.48 -12.14 -2.76
CA ASP A 24 -7.66 -12.98 -2.99
C ASP A 24 -7.27 -14.45 -2.98
N ASP A 25 -5.98 -14.70 -3.12
CA ASP A 25 -5.42 -16.05 -2.99
C ASP A 25 -5.57 -16.54 -1.55
N GLY A 26 -5.57 -15.60 -0.62
CA GLY A 26 -5.61 -15.93 0.80
C GLY A 26 -4.29 -15.66 1.48
N THR A 27 -3.27 -15.43 0.66
CA THR A 27 -1.99 -15.01 1.16
C THR A 27 -2.07 -13.57 1.64
N LYS A 28 -1.80 -13.35 2.92
CA LYS A 28 -1.81 -12.02 3.45
C LYS A 28 -0.55 -11.31 3.04
N GLU A 29 -0.71 -10.05 2.72
CA GLU A 29 0.38 -9.24 2.30
C GLU A 29 0.49 -8.00 3.15
N TRP A 30 1.61 -7.35 2.99
CA TRP A 30 1.83 -6.09 3.61
C TRP A 30 2.64 -5.22 2.68
N ARG A 31 2.43 -3.95 2.80
CA ARG A 31 3.10 -2.98 2.00
C ARG A 31 3.49 -1.87 2.90
N CYS A 32 4.30 -1.01 2.39
CA CYS A 32 4.91 -0.01 3.19
C CYS A 32 4.24 1.27 2.82
N LEU A 33 3.81 1.97 3.86
CA LEU A 33 2.95 3.14 3.76
C LEU A 33 3.40 4.13 2.68
N LEU A 34 2.58 5.12 2.42
CA LEU A 34 2.84 6.01 1.30
C LEU A 34 4.19 6.68 1.46
N GLY A 35 5.04 6.47 0.46
CA GLY A 35 6.38 7.04 0.51
C GLY A 35 7.31 6.25 1.42
N TYR A 36 6.92 5.05 1.77
CA TYR A 36 7.70 4.18 2.64
C TYR A 36 8.38 3.08 1.84
N LYS A 37 9.21 2.30 2.53
CA LYS A 37 9.89 1.18 1.95
C LYS A 37 10.30 0.22 3.05
N LYS A 38 10.89 -0.90 2.67
CA LYS A 38 11.44 -1.83 3.65
C LYS A 38 12.78 -1.34 4.17
N GLY A 39 12.92 -1.30 5.49
CA GLY A 39 14.14 -0.80 6.09
C GLY A 39 14.63 -1.65 7.23
N GLU A 40 13.74 -1.92 8.17
CA GLU A 40 14.08 -2.64 9.40
C GLU A 40 14.56 -4.06 9.07
N GLY A 41 13.64 -4.88 8.59
CA GLY A 41 13.94 -6.26 8.24
C GLY A 41 12.66 -7.02 8.08
N ASN A 42 12.15 -7.08 6.84
CA ASN A 42 10.76 -7.47 6.61
C ASN A 42 9.87 -6.50 7.34
N THR A 43 9.97 -5.22 6.98
CA THR A 43 9.33 -4.16 7.72
C THR A 43 9.25 -2.92 6.85
N CYS A 44 8.73 -1.83 7.39
CA CYS A 44 8.58 -0.62 6.61
C CYS A 44 9.10 0.61 7.37
N VAL A 45 9.63 1.55 6.61
CA VAL A 45 10.20 2.78 7.13
C VAL A 45 9.96 3.89 6.13
N GLU A 46 10.09 5.13 6.58
CA GLU A 46 9.96 6.28 5.70
C GLU A 46 11.09 6.29 4.67
N ASN A 47 10.76 5.92 3.43
CA ASN A 47 11.73 5.85 2.34
C ASN A 47 12.46 7.18 2.17
N ASN A 48 11.71 8.25 2.34
CA ASN A 48 12.25 9.63 2.33
C ASN A 48 12.56 10.10 0.92
N ASN A 49 12.49 9.19 -0.03
CA ASN A 49 12.68 9.50 -1.43
C ASN A 49 11.94 8.46 -2.26
N PRO A 50 10.60 8.46 -2.16
CA PRO A 50 9.78 7.40 -2.72
C PRO A 50 9.62 7.52 -4.23
N THR A 51 9.75 6.39 -4.89
CA THR A 51 9.64 6.30 -6.32
C THR A 51 8.53 5.34 -6.67
N CYS A 52 7.89 5.55 -7.82
CA CYS A 52 6.83 4.65 -8.26
C CYS A 52 7.49 3.42 -8.89
N ASP A 53 6.67 2.41 -9.25
CA ASP A 53 7.15 1.14 -9.78
C ASP A 53 7.63 0.21 -8.66
N ILE A 54 8.33 0.80 -7.70
CA ILE A 54 8.90 0.04 -6.59
C ILE A 54 8.05 0.26 -5.37
N ASN A 55 7.35 -0.81 -4.98
CA ASN A 55 6.40 -0.74 -3.86
C ASN A 55 5.24 0.17 -4.25
N ASN A 56 5.19 0.49 -5.53
CA ASN A 56 4.25 1.47 -6.08
C ASN A 56 4.39 2.79 -5.30
N GLY A 57 5.60 3.08 -4.84
CA GLY A 57 5.85 4.27 -4.03
C GLY A 57 5.17 4.20 -2.68
N GLY A 58 4.80 2.99 -2.27
CA GLY A 58 4.11 2.79 -1.03
C GLY A 58 2.62 2.69 -1.25
N CYS A 59 2.23 2.42 -2.48
CA CYS A 59 0.84 2.39 -2.88
C CYS A 59 0.41 0.98 -3.28
N ASP A 60 -0.85 0.84 -3.63
CA ASP A 60 -1.40 -0.47 -4.03
C ASP A 60 -1.44 -0.56 -5.54
N PRO A 61 -1.18 -1.74 -6.12
CA PRO A 61 -1.12 -1.91 -7.57
C PRO A 61 -2.28 -1.25 -8.30
N THR A 62 -3.49 -1.43 -7.77
CA THR A 62 -4.68 -0.88 -8.41
C THR A 62 -4.81 0.61 -8.08
N ALA A 63 -4.15 1.04 -7.00
CA ALA A 63 -4.07 2.43 -6.66
C ALA A 63 -3.05 3.11 -7.55
N SER A 64 -3.52 3.70 -8.64
CA SER A 64 -2.67 4.34 -9.63
C SER A 64 -1.71 5.32 -8.95
N CYS A 65 -0.44 4.95 -8.91
CA CYS A 65 0.56 5.72 -8.21
C CYS A 65 1.27 6.73 -9.09
N GLN A 66 1.66 7.82 -8.47
CA GLN A 66 2.53 8.81 -9.07
C GLN A 66 3.77 8.97 -8.20
N ASN A 67 4.92 9.12 -8.82
CA ASN A 67 6.14 9.39 -8.11
C ASN A 67 6.35 10.89 -8.00
N ALA A 68 6.61 11.37 -6.79
CA ALA A 68 6.68 12.79 -6.53
C ALA A 68 7.50 13.08 -5.28
N GLU A 69 7.87 14.35 -5.11
CA GLU A 69 8.60 14.77 -3.94
C GLU A 69 7.77 15.80 -3.16
N SER A 70 7.93 15.77 -1.85
CA SER A 70 7.20 16.65 -0.95
C SER A 70 7.88 16.66 0.42
N THR A 71 7.45 17.57 1.29
CA THR A 71 7.98 17.62 2.65
C THR A 71 7.77 16.28 3.33
N GLU A 72 6.51 15.88 3.39
CA GLU A 72 6.14 14.57 3.87
C GLU A 72 6.44 13.52 2.81
N ASN A 73 7.15 12.47 3.19
CA ASN A 73 7.41 11.37 2.29
C ASN A 73 6.12 10.64 2.01
N SER A 74 5.21 10.71 2.96
CA SER A 74 3.93 10.03 2.88
C SER A 74 2.94 10.82 2.04
N LYS A 75 3.29 12.07 1.75
CA LYS A 75 2.42 12.92 0.97
C LYS A 75 3.06 13.23 -0.38
N LYS A 76 4.09 12.45 -0.72
CA LYS A 76 4.75 12.60 -2.01
C LYS A 76 4.04 11.77 -3.05
N ILE A 77 3.97 10.48 -2.80
CA ILE A 77 3.43 9.56 -3.75
C ILE A 77 1.91 9.60 -3.73
N ILE A 78 1.34 9.62 -4.90
CA ILE A 78 -0.11 9.69 -5.02
C ILE A 78 -0.67 8.34 -5.40
N CYS A 79 -1.48 7.79 -4.51
CA CYS A 79 -2.19 6.56 -4.81
C CYS A 79 -3.62 6.87 -5.20
N THR A 80 -4.18 6.06 -6.07
CA THR A 80 -5.53 6.27 -6.54
C THR A 80 -6.33 4.97 -6.60
N CYS A 81 -7.19 4.78 -5.61
CA CYS A 81 -8.13 3.68 -5.65
C CYS A 81 -9.45 4.21 -6.20
N LYS A 82 -10.01 3.48 -7.15
CA LYS A 82 -11.11 3.97 -7.94
C LYS A 82 -12.39 3.21 -7.64
N GLU A 83 -13.44 3.50 -8.39
CA GLU A 83 -14.72 2.84 -8.21
C GLU A 83 -14.64 1.32 -8.43
N PRO A 84 -13.93 0.82 -9.47
CA PRO A 84 -13.77 -0.62 -9.70
C PRO A 84 -12.95 -1.31 -8.62
N THR A 85 -12.57 -0.57 -7.58
CA THR A 85 -11.75 -1.11 -6.52
C THR A 85 -12.39 -0.89 -5.16
N PRO A 86 -12.99 -1.97 -4.61
CA PRO A 86 -13.67 -2.00 -3.32
C PRO A 86 -13.14 -1.07 -2.21
N ASN A 87 -11.82 -1.03 -1.94
CA ASN A 87 -11.34 -0.23 -0.79
C ASN A 87 -9.97 0.40 -1.04
N ALA A 88 -9.60 1.31 -0.15
CA ALA A 88 -8.26 1.88 -0.11
C ALA A 88 -7.74 1.86 1.33
N TYR A 89 -6.77 1.01 1.59
CA TYR A 89 -6.16 0.91 2.91
C TYR A 89 -4.99 1.86 3.00
N TYR A 90 -4.90 2.60 4.10
CA TYR A 90 -3.78 3.50 4.32
C TYR A 90 -3.66 4.46 3.15
N GLU A 91 -4.76 5.15 2.88
CA GLU A 91 -4.84 6.18 1.84
C GLU A 91 -4.79 5.59 0.44
N GLY A 92 -4.46 4.31 0.36
CA GLY A 92 -4.34 3.64 -0.91
C GLY A 92 -3.02 2.89 -1.04
N VAL A 93 -2.43 2.53 0.09
CA VAL A 93 -1.29 1.62 0.10
C VAL A 93 -1.79 0.24 -0.30
N PHE A 94 -3.08 0.04 -0.08
CA PHE A 94 -3.75 -1.17 -0.53
C PHE A 94 -5.16 -0.83 -0.87
N CYS A 95 -5.83 -1.84 -1.31
CA CYS A 95 -7.23 -1.83 -1.54
C CYS A 95 -7.80 -2.96 -0.68
N SER A 96 -9.11 -3.06 -0.53
CA SER A 96 -9.67 -4.05 0.40
C SER A 96 -11.17 -4.26 0.16
N SER A 97 -11.75 -5.18 0.90
CA SER A 97 -13.15 -5.53 0.72
C SER A 97 -14.07 -4.45 1.27
N SER A 98 -14.36 -3.44 0.46
CA SER A 98 -15.37 -2.47 0.84
C SER A 98 -16.34 -2.28 -0.31
N SER A 99 -17.56 -1.88 0.00
CA SER A 99 -18.59 -1.72 -1.00
C SER A 99 -19.11 -0.29 -1.00
N GLY A 1 -8.05 -3.29 -12.53
CA GLY A 1 -7.43 -4.63 -12.70
C GLY A 1 -7.86 -5.60 -11.62
N VAL A 2 -7.53 -5.29 -10.39
CA VAL A 2 -7.85 -6.16 -9.26
C VAL A 2 -9.14 -5.70 -8.59
N ASP A 3 -9.72 -6.59 -7.82
CA ASP A 3 -10.91 -6.30 -7.03
C ASP A 3 -10.54 -6.43 -5.56
N PRO A 4 -10.25 -5.31 -4.91
CA PRO A 4 -9.89 -5.19 -3.49
C PRO A 4 -10.62 -6.10 -2.49
N LYS A 5 -11.65 -6.80 -2.92
CA LYS A 5 -12.40 -7.81 -2.13
C LYS A 5 -11.59 -8.80 -1.27
N HIS A 6 -10.31 -8.59 -1.23
CA HIS A 6 -9.35 -9.45 -0.59
C HIS A 6 -9.28 -9.11 0.90
N VAL A 7 -10.39 -8.63 1.41
CA VAL A 7 -10.53 -8.21 2.80
C VAL A 7 -9.77 -9.13 3.77
N CYS A 8 -9.14 -8.52 4.76
CA CYS A 8 -8.15 -9.21 5.57
C CYS A 8 -8.72 -9.61 6.93
N VAL A 9 -8.12 -10.64 7.50
CA VAL A 9 -8.58 -11.19 8.76
C VAL A 9 -7.48 -11.13 9.82
N ASP A 10 -6.41 -11.88 9.58
CA ASP A 10 -5.32 -12.00 10.54
C ASP A 10 -4.32 -10.85 10.40
N THR A 11 -3.56 -10.87 9.31
CA THR A 11 -2.57 -9.83 9.02
C THR A 11 -1.61 -9.59 10.18
N ARG A 12 -1.29 -10.65 10.91
CA ARG A 12 -0.27 -10.58 11.95
C ARG A 12 1.11 -10.87 11.37
N ASP A 13 1.12 -11.26 10.09
CA ASP A 13 2.35 -11.39 9.32
C ASP A 13 2.86 -10.00 8.99
N ILE A 14 1.95 -9.05 9.10
CA ILE A 14 2.14 -7.68 8.66
C ILE A 14 3.00 -6.89 9.66
N PRO A 15 4.21 -6.47 9.20
CA PRO A 15 5.19 -5.73 10.01
C PRO A 15 4.72 -4.33 10.41
N LYS A 16 5.59 -3.63 11.14
CA LYS A 16 5.31 -2.24 11.53
C LYS A 16 5.41 -1.32 10.34
N ASN A 17 4.81 -0.15 10.49
CA ASN A 17 4.73 0.88 9.42
C ASN A 17 4.19 0.29 8.12
N ALA A 18 3.63 -0.90 8.22
CA ALA A 18 3.09 -1.59 7.09
C ALA A 18 1.60 -1.74 7.24
N GLY A 19 0.88 -1.47 6.18
CA GLY A 19 -0.54 -1.65 6.18
C GLY A 19 -0.88 -3.12 6.01
N CYS A 20 -2.06 -3.51 6.41
CA CYS A 20 -2.42 -4.91 6.36
C CYS A 20 -3.33 -5.21 5.18
N PHE A 21 -3.11 -6.35 4.55
CA PHE A 21 -3.90 -6.77 3.41
C PHE A 21 -3.91 -8.29 3.33
N ARG A 22 -4.94 -8.84 2.77
CA ARG A 22 -4.97 -10.23 2.37
C ARG A 22 -5.26 -10.27 0.90
N ASP A 23 -4.77 -11.24 0.18
CA ASP A 23 -5.11 -11.31 -1.24
C ASP A 23 -6.04 -12.49 -1.49
N ASP A 24 -6.63 -12.55 -2.69
CA ASP A 24 -7.55 -13.63 -3.04
C ASP A 24 -6.79 -14.94 -3.21
N ASP A 25 -5.47 -14.82 -3.24
CA ASP A 25 -4.58 -15.98 -3.18
C ASP A 25 -4.73 -16.66 -1.82
N GLY A 26 -5.14 -15.87 -0.83
CA GLY A 26 -5.24 -16.35 0.53
C GLY A 26 -4.11 -15.84 1.37
N THR A 27 -3.04 -15.44 0.69
CA THR A 27 -1.87 -14.88 1.33
C THR A 27 -2.17 -13.52 1.94
N LYS A 28 -1.71 -13.33 3.17
CA LYS A 28 -1.84 -12.04 3.80
C LYS A 28 -0.63 -11.20 3.44
N GLU A 29 -0.90 -10.09 2.82
CA GLU A 29 0.13 -9.22 2.33
C GLU A 29 0.31 -8.01 3.19
N TRP A 30 1.38 -7.33 2.90
CA TRP A 30 1.72 -6.12 3.60
C TRP A 30 2.60 -5.28 2.70
N ARG A 31 2.48 -4.00 2.86
CA ARG A 31 3.21 -3.05 2.08
C ARG A 31 3.62 -1.93 2.97
N CYS A 32 4.41 -1.08 2.44
CA CYS A 32 4.98 -0.04 3.22
C CYS A 32 4.24 1.20 2.84
N LEU A 33 3.77 1.89 3.86
CA LEU A 33 2.89 3.03 3.73
C LEU A 33 3.33 4.02 2.65
N LEU A 34 2.48 4.98 2.37
CA LEU A 34 2.73 5.90 1.28
C LEU A 34 4.08 6.58 1.43
N GLY A 35 4.91 6.42 0.43
CA GLY A 35 6.23 7.02 0.47
C GLY A 35 7.20 6.27 1.36
N TYR A 36 6.77 5.13 1.88
CA TYR A 36 7.60 4.30 2.76
C TYR A 36 8.38 3.25 1.96
N LYS A 37 9.20 2.49 2.67
CA LYS A 37 10.01 1.46 2.05
C LYS A 37 10.29 0.37 3.08
N LYS A 38 10.94 -0.70 2.65
CA LYS A 38 11.41 -1.71 3.56
C LYS A 38 12.78 -1.34 4.11
N GLY A 39 12.92 -1.36 5.42
CA GLY A 39 14.16 -0.96 6.04
C GLY A 39 14.67 -1.95 7.07
N GLU A 40 13.83 -2.27 8.03
CA GLU A 40 14.22 -3.11 9.16
C GLU A 40 14.65 -4.51 8.70
N GLY A 41 13.68 -5.28 8.27
CA GLY A 41 13.90 -6.62 7.76
C GLY A 41 12.58 -7.32 7.57
N ASN A 42 12.08 -7.33 6.34
CA ASN A 42 10.68 -7.64 6.09
C ASN A 42 9.83 -6.71 6.95
N THR A 43 9.91 -5.42 6.64
CA THR A 43 9.28 -4.41 7.46
C THR A 43 9.16 -3.13 6.66
N CYS A 44 8.67 -2.07 7.27
CA CYS A 44 8.49 -0.82 6.57
C CYS A 44 8.96 0.35 7.43
N VAL A 45 9.47 1.37 6.76
CA VAL A 45 9.94 2.59 7.37
C VAL A 45 9.74 3.71 6.40
N GLU A 46 9.83 4.94 6.85
CA GLU A 46 9.67 6.06 5.95
C GLU A 46 10.78 6.08 4.93
N ASN A 47 10.41 6.45 3.74
CA ASN A 47 11.35 6.53 2.62
C ASN A 47 11.44 7.97 2.14
N ASN A 48 12.61 8.55 2.34
CA ASN A 48 12.82 9.95 2.14
C ASN A 48 12.87 10.32 0.65
N ASN A 49 12.61 9.34 -0.20
CA ASN A 49 12.62 9.53 -1.64
C ASN A 49 11.85 8.40 -2.30
N PRO A 50 10.51 8.44 -2.18
CA PRO A 50 9.65 7.39 -2.71
C PRO A 50 9.55 7.45 -4.23
N THR A 51 9.70 6.30 -4.85
CA THR A 51 9.67 6.20 -6.28
C THR A 51 8.56 5.25 -6.73
N CYS A 52 8.01 5.49 -7.90
CA CYS A 52 7.07 4.55 -8.50
C CYS A 52 7.87 3.42 -9.15
N ASP A 53 7.18 2.33 -9.51
CA ASP A 53 7.80 1.09 -10.02
C ASP A 53 8.22 0.19 -8.87
N ILE A 54 8.55 0.79 -7.74
CA ILE A 54 9.01 0.05 -6.57
C ILE A 54 8.06 0.27 -5.42
N ASN A 55 7.30 -0.78 -5.11
CA ASN A 55 6.31 -0.73 -4.04
C ASN A 55 5.19 0.23 -4.43
N ASN A 56 5.16 0.58 -5.71
CA ASN A 56 4.24 1.56 -6.26
C ASN A 56 4.38 2.91 -5.53
N GLY A 57 5.57 3.13 -4.96
CA GLY A 57 5.80 4.32 -4.16
C GLY A 57 5.13 4.25 -2.81
N GLY A 58 4.85 3.03 -2.37
CA GLY A 58 4.15 2.83 -1.12
C GLY A 58 2.66 2.71 -1.34
N CYS A 59 2.29 2.46 -2.58
CA CYS A 59 0.90 2.43 -2.99
C CYS A 59 0.47 1.02 -3.45
N ASP A 60 -0.80 0.90 -3.80
CA ASP A 60 -1.36 -0.36 -4.26
C ASP A 60 -1.42 -0.38 -5.78
N PRO A 61 -1.17 -1.54 -6.40
CA PRO A 61 -1.13 -1.69 -7.86
C PRO A 61 -2.39 -1.15 -8.58
N THR A 62 -3.51 -1.10 -7.88
CA THR A 62 -4.72 -0.53 -8.45
C THR A 62 -4.77 0.97 -8.15
N ALA A 63 -4.10 1.37 -7.08
CA ALA A 63 -3.95 2.77 -6.74
C ALA A 63 -2.96 3.45 -7.67
N SER A 64 -3.49 4.25 -8.58
CA SER A 64 -2.67 5.00 -9.54
C SER A 64 -1.59 5.82 -8.82
N CYS A 65 -0.36 5.33 -8.90
CA CYS A 65 0.78 5.98 -8.27
C CYS A 65 1.25 7.21 -9.05
N GLN A 66 1.87 8.14 -8.34
CA GLN A 66 2.54 9.28 -8.97
C GLN A 66 3.82 9.58 -8.20
N ASN A 67 4.96 9.50 -8.88
CA ASN A 67 6.25 9.74 -8.25
C ASN A 67 6.43 11.24 -8.03
N ALA A 68 6.71 11.62 -6.79
CA ALA A 68 6.76 13.04 -6.44
C ALA A 68 7.63 13.28 -5.23
N GLU A 69 7.98 14.52 -5.01
CA GLU A 69 8.72 14.94 -3.84
C GLU A 69 7.90 15.97 -3.05
N SER A 70 7.98 15.92 -1.73
CA SER A 70 7.18 16.77 -0.87
C SER A 70 7.79 16.84 0.53
N THR A 71 7.27 17.73 1.38
CA THR A 71 7.73 17.82 2.76
C THR A 71 7.50 16.51 3.49
N GLU A 72 6.32 15.94 3.27
CA GLU A 72 6.00 14.62 3.77
C GLU A 72 6.44 13.60 2.75
N ASN A 73 7.15 12.57 3.19
CA ASN A 73 7.53 11.50 2.31
C ASN A 73 6.28 10.72 1.92
N SER A 74 5.28 10.73 2.79
CA SER A 74 4.07 9.97 2.58
C SER A 74 3.12 10.72 1.66
N LYS A 75 3.21 12.04 1.66
CA LYS A 75 2.31 12.86 0.89
C LYS A 75 2.94 13.20 -0.46
N LYS A 76 4.04 12.51 -0.77
CA LYS A 76 4.68 12.65 -2.07
C LYS A 76 3.94 11.83 -3.10
N ILE A 77 3.91 10.53 -2.87
CA ILE A 77 3.35 9.62 -3.84
C ILE A 77 1.84 9.64 -3.77
N ILE A 78 1.24 9.72 -4.92
CA ILE A 78 -0.21 9.75 -5.04
C ILE A 78 -0.72 8.37 -5.34
N CYS A 79 -1.73 7.94 -4.61
CA CYS A 79 -2.35 6.66 -4.86
C CYS A 79 -3.84 6.85 -5.12
N THR A 80 -4.35 6.13 -6.09
CA THR A 80 -5.74 6.23 -6.43
C THR A 80 -6.40 4.87 -6.68
N CYS A 81 -7.13 4.39 -5.69
CA CYS A 81 -8.02 3.27 -5.90
C CYS A 81 -9.38 3.84 -6.27
N LYS A 82 -10.05 3.19 -7.19
CA LYS A 82 -11.19 3.78 -7.86
C LYS A 82 -12.48 3.02 -7.58
N GLU A 83 -13.54 3.42 -8.26
CA GLU A 83 -14.85 2.77 -8.08
C GLU A 83 -14.81 1.27 -8.39
N PRO A 84 -14.13 0.80 -9.46
CA PRO A 84 -14.00 -0.63 -9.75
C PRO A 84 -13.17 -1.38 -8.72
N THR A 85 -12.76 -0.70 -7.67
CA THR A 85 -11.94 -1.31 -6.65
C THR A 85 -12.54 -1.06 -5.26
N PRO A 86 -13.08 -2.14 -4.65
CA PRO A 86 -13.74 -2.12 -3.33
C PRO A 86 -13.16 -1.13 -2.27
N ASN A 87 -11.83 -0.98 -2.16
CA ASN A 87 -11.27 -0.06 -1.14
C ASN A 87 -9.86 0.42 -1.49
N ALA A 88 -9.47 1.53 -0.87
CA ALA A 88 -8.07 1.95 -0.81
C ALA A 88 -7.60 1.94 0.64
N TYR A 89 -6.77 0.98 0.97
CA TYR A 89 -6.29 0.78 2.31
C TYR A 89 -5.08 1.68 2.57
N TYR A 90 -5.07 2.37 3.70
CA TYR A 90 -3.98 3.29 4.03
C TYR A 90 -3.78 4.30 2.92
N GLU A 91 -4.86 5.01 2.59
CA GLU A 91 -4.83 6.11 1.64
C GLU A 91 -4.60 5.64 0.20
N GLY A 92 -4.30 4.35 0.04
CA GLY A 92 -3.99 3.84 -1.27
C GLY A 92 -2.77 2.93 -1.29
N VAL A 93 -2.34 2.47 -0.11
CA VAL A 93 -1.23 1.51 -0.05
C VAL A 93 -1.73 0.13 -0.47
N PHE A 94 -3.02 -0.09 -0.26
CA PHE A 94 -3.66 -1.32 -0.69
C PHE A 94 -5.09 -1.04 -1.06
N CYS A 95 -5.80 -2.12 -1.21
CA CYS A 95 -7.20 -2.11 -1.49
C CYS A 95 -7.83 -3.14 -0.55
N SER A 96 -9.15 -3.20 -0.45
CA SER A 96 -9.81 -4.19 0.40
C SER A 96 -11.31 -4.22 0.13
N SER A 97 -11.99 -5.25 0.63
CA SER A 97 -13.42 -5.36 0.42
C SER A 97 -14.15 -4.47 1.39
N SER A 98 -13.72 -3.22 1.45
CA SER A 98 -14.33 -2.27 2.35
C SER A 98 -15.24 -1.33 1.60
N SER A 99 -16.49 -1.70 1.59
CA SER A 99 -17.50 -1.01 0.81
C SER A 99 -18.88 -1.27 1.42
N GLY A 1 -5.90 -4.04 -13.22
CA GLY A 1 -7.31 -4.40 -12.92
C GLY A 1 -7.43 -5.51 -11.92
N VAL A 2 -7.82 -5.15 -10.70
CA VAL A 2 -8.00 -6.12 -9.62
C VAL A 2 -9.25 -5.77 -8.85
N ASP A 3 -9.73 -6.73 -8.07
CA ASP A 3 -10.90 -6.53 -7.24
C ASP A 3 -10.48 -6.64 -5.79
N PRO A 4 -10.16 -5.49 -5.18
CA PRO A 4 -9.77 -5.33 -3.78
C PRO A 4 -10.46 -6.23 -2.73
N LYS A 5 -11.66 -6.75 -3.02
CA LYS A 5 -12.47 -7.63 -2.13
C LYS A 5 -11.68 -8.79 -1.43
N HIS A 6 -10.37 -8.79 -1.55
CA HIS A 6 -9.48 -9.83 -1.00
C HIS A 6 -9.56 -9.90 0.51
N VAL A 7 -10.03 -8.80 1.10
CA VAL A 7 -10.19 -8.61 2.55
C VAL A 7 -8.92 -8.84 3.34
N CYS A 8 -9.07 -8.80 4.66
CA CYS A 8 -8.02 -9.14 5.59
C CYS A 8 -8.66 -9.58 6.90
N VAL A 9 -8.04 -10.54 7.56
CA VAL A 9 -8.63 -11.07 8.79
C VAL A 9 -7.60 -11.12 9.92
N ASP A 10 -6.45 -11.71 9.62
CA ASP A 10 -5.44 -11.96 10.65
C ASP A 10 -4.36 -10.89 10.64
N THR A 11 -3.59 -10.82 9.55
CA THR A 11 -2.57 -9.78 9.38
C THR A 11 -1.59 -9.71 10.55
N ARG A 12 -1.23 -10.89 11.09
CA ARG A 12 -0.22 -10.96 12.13
C ARG A 12 1.17 -10.86 11.51
N ASP A 13 1.23 -11.19 10.22
CA ASP A 13 2.46 -11.17 9.44
C ASP A 13 2.80 -9.76 9.00
N ILE A 14 2.01 -8.81 9.46
CA ILE A 14 2.08 -7.44 9.00
C ILE A 14 2.97 -6.60 9.92
N PRO A 15 4.17 -6.25 9.45
CA PRO A 15 5.17 -5.50 10.21
C PRO A 15 4.78 -4.04 10.48
N LYS A 16 5.67 -3.37 11.20
CA LYS A 16 5.56 -1.96 11.49
C LYS A 16 5.51 -1.11 10.25
N ASN A 17 4.75 -0.01 10.32
CA ASN A 17 4.60 0.96 9.23
C ASN A 17 4.06 0.31 7.98
N ALA A 18 3.59 -0.91 8.13
CA ALA A 18 3.05 -1.67 7.03
C ALA A 18 1.55 -1.82 7.19
N GLY A 19 0.85 -1.61 6.10
CA GLY A 19 -0.59 -1.78 6.09
C GLY A 19 -0.96 -3.24 5.98
N CYS A 20 -2.16 -3.59 6.39
CA CYS A 20 -2.56 -4.98 6.42
C CYS A 20 -3.53 -5.32 5.29
N PHE A 21 -3.27 -6.44 4.62
CA PHE A 21 -4.07 -6.85 3.46
C PHE A 21 -4.05 -8.36 3.34
N ARG A 22 -5.08 -8.94 2.72
CA ARG A 22 -5.04 -10.33 2.29
C ARG A 22 -5.14 -10.38 0.79
N ASP A 23 -4.49 -11.32 0.14
CA ASP A 23 -4.63 -11.43 -1.30
C ASP A 23 -5.65 -12.51 -1.65
N ASP A 24 -6.06 -12.59 -2.92
CA ASP A 24 -7.03 -13.58 -3.37
C ASP A 24 -6.54 -14.99 -3.09
N ASP A 25 -5.22 -15.14 -3.06
CA ASP A 25 -4.58 -16.42 -2.76
C ASP A 25 -4.88 -16.86 -1.33
N GLY A 26 -5.14 -15.90 -0.46
CA GLY A 26 -5.36 -16.20 0.94
C GLY A 26 -4.17 -15.77 1.77
N THR A 27 -3.07 -15.48 1.10
CA THR A 27 -1.89 -14.96 1.75
C THR A 27 -2.12 -13.54 2.23
N LYS A 28 -1.88 -13.30 3.51
CA LYS A 28 -2.00 -11.96 4.05
C LYS A 28 -0.77 -11.19 3.66
N GLU A 29 -0.98 -10.12 2.94
CA GLU A 29 0.10 -9.30 2.50
C GLU A 29 0.27 -8.10 3.38
N TRP A 30 1.39 -7.46 3.19
CA TRP A 30 1.69 -6.23 3.84
C TRP A 30 2.55 -5.42 2.90
N ARG A 31 2.37 -4.14 2.96
CA ARG A 31 3.09 -3.21 2.13
C ARG A 31 3.48 -2.06 2.97
N CYS A 32 4.30 -1.23 2.41
CA CYS A 32 4.89 -0.17 3.16
C CYS A 32 4.20 1.09 2.73
N LEU A 33 3.67 1.75 3.76
CA LEU A 33 2.77 2.90 3.64
C LEU A 33 3.18 3.91 2.58
N LEU A 34 2.32 4.87 2.32
CA LEU A 34 2.55 5.83 1.26
C LEU A 34 3.87 6.57 1.47
N GLY A 35 4.79 6.35 0.57
CA GLY A 35 6.11 6.95 0.66
C GLY A 35 7.06 6.13 1.51
N TYR A 36 6.62 4.97 1.97
CA TYR A 36 7.45 4.10 2.79
C TYR A 36 8.17 3.06 1.95
N LYS A 37 8.99 2.25 2.64
CA LYS A 37 9.79 1.21 2.00
C LYS A 37 10.21 0.19 3.06
N LYS A 38 10.71 -0.96 2.63
CA LYS A 38 11.25 -1.94 3.57
C LYS A 38 12.64 -1.54 4.04
N GLY A 39 12.84 -1.55 5.35
CA GLY A 39 14.11 -1.14 5.91
C GLY A 39 14.58 -2.06 7.02
N GLU A 40 13.71 -2.31 7.98
CA GLU A 40 14.07 -3.06 9.19
C GLU A 40 14.47 -4.50 8.86
N GLY A 41 13.69 -5.13 8.00
CA GLY A 41 13.87 -6.53 7.69
C GLY A 41 12.54 -7.26 7.76
N ASN A 42 11.88 -7.36 6.60
CA ASN A 42 10.47 -7.72 6.55
C ASN A 42 9.69 -6.73 7.37
N THR A 43 9.77 -5.47 6.97
CA THR A 43 9.19 -4.37 7.73
C THR A 43 9.09 -3.14 6.86
N CYS A 44 8.58 -2.05 7.41
CA CYS A 44 8.43 -0.83 6.64
C CYS A 44 8.90 0.38 7.43
N VAL A 45 9.45 1.35 6.71
CA VAL A 45 9.96 2.58 7.25
C VAL A 45 9.72 3.69 6.24
N GLU A 46 9.80 4.92 6.69
CA GLU A 46 9.56 6.06 5.82
C GLU A 46 10.69 6.24 4.82
N ASN A 47 10.33 6.13 3.54
CA ASN A 47 11.31 6.32 2.46
C ASN A 47 11.31 7.78 2.04
N ASN A 48 12.43 8.43 2.29
CA ASN A 48 12.57 9.86 2.11
C ASN A 48 12.64 10.25 0.64
N ASN A 49 12.47 9.28 -0.23
CA ASN A 49 12.54 9.49 -1.67
C ASN A 49 11.78 8.38 -2.36
N PRO A 50 10.44 8.45 -2.27
CA PRO A 50 9.57 7.41 -2.74
C PRO A 50 9.29 7.54 -4.23
N THR A 51 9.43 6.45 -4.94
CA THR A 51 9.29 6.44 -6.38
C THR A 51 8.18 5.49 -6.78
N CYS A 52 7.52 5.78 -7.90
CA CYS A 52 6.45 4.94 -8.39
C CYS A 52 7.05 3.75 -9.15
N ASP A 53 6.19 2.77 -9.48
CA ASP A 53 6.62 1.50 -10.11
C ASP A 53 7.21 0.56 -9.09
N ILE A 54 8.03 1.11 -8.22
CA ILE A 54 8.71 0.36 -7.17
C ILE A 54 7.96 0.54 -5.88
N ASN A 55 7.25 -0.53 -5.48
CA ASN A 55 6.41 -0.49 -4.30
C ASN A 55 5.22 0.42 -4.57
N ASN A 56 5.14 0.87 -5.82
CA ASN A 56 4.16 1.86 -6.26
C ASN A 56 4.28 3.12 -5.40
N GLY A 57 5.47 3.36 -4.86
CA GLY A 57 5.66 4.48 -3.96
C GLY A 57 5.00 4.24 -2.62
N GLY A 58 4.81 2.99 -2.27
CA GLY A 58 4.14 2.63 -1.04
C GLY A 58 2.65 2.53 -1.26
N CYS A 59 2.28 2.26 -2.49
CA CYS A 59 0.90 2.28 -2.92
C CYS A 59 0.45 0.91 -3.42
N ASP A 60 -0.82 0.81 -3.80
CA ASP A 60 -1.41 -0.42 -4.28
C ASP A 60 -1.45 -0.39 -5.80
N PRO A 61 -1.15 -1.53 -6.45
CA PRO A 61 -1.09 -1.65 -7.90
C PRO A 61 -2.34 -1.11 -8.61
N THR A 62 -3.48 -1.14 -7.93
CA THR A 62 -4.71 -0.58 -8.49
C THR A 62 -4.81 0.90 -8.17
N ALA A 63 -4.22 1.30 -7.05
CA ALA A 63 -4.14 2.68 -6.69
C ALA A 63 -3.14 3.39 -7.58
N SER A 64 -3.64 4.09 -8.59
CA SER A 64 -2.79 4.81 -9.54
C SER A 64 -1.89 5.79 -8.82
N CYS A 65 -0.65 5.38 -8.65
CA CYS A 65 0.34 6.19 -7.96
C CYS A 65 0.95 7.24 -8.87
N GLN A 66 1.18 8.40 -8.28
CA GLN A 66 1.92 9.46 -8.91
C GLN A 66 3.25 9.64 -8.17
N ASN A 67 4.34 9.68 -8.91
CA ASN A 67 5.66 9.83 -8.30
C ASN A 67 6.00 11.29 -8.12
N ALA A 68 6.18 11.71 -6.87
CA ALA A 68 6.35 13.11 -6.54
C ALA A 68 7.25 13.28 -5.33
N GLU A 69 7.71 14.51 -5.12
CA GLU A 69 8.52 14.83 -3.96
C GLU A 69 7.77 15.79 -3.04
N SER A 70 8.14 15.78 -1.76
CA SER A 70 7.48 16.60 -0.75
C SER A 70 8.34 16.63 0.50
N THR A 71 8.10 17.62 1.37
CA THR A 71 8.84 17.73 2.62
C THR A 71 8.52 16.55 3.54
N GLU A 72 7.39 15.90 3.28
CA GLU A 72 7.01 14.71 3.99
C GLU A 72 7.09 13.52 3.04
N ASN A 73 7.71 12.44 3.50
CA ASN A 73 7.91 11.26 2.68
C ASN A 73 6.57 10.65 2.29
N SER A 74 5.56 10.88 3.12
CA SER A 74 4.25 10.27 2.90
C SER A 74 3.37 11.15 2.02
N LYS A 75 3.66 12.44 1.97
CA LYS A 75 2.82 13.36 1.21
C LYS A 75 3.31 13.46 -0.24
N LYS A 76 4.26 12.62 -0.60
CA LYS A 76 4.85 12.69 -1.92
C LYS A 76 4.04 11.87 -2.91
N ILE A 77 3.90 10.60 -2.61
CA ILE A 77 3.25 9.68 -3.51
C ILE A 77 1.74 9.83 -3.41
N ILE A 78 1.09 9.75 -4.55
CA ILE A 78 -0.35 9.88 -4.63
C ILE A 78 -0.96 8.56 -5.05
N CYS A 79 -1.91 8.06 -4.27
CA CYS A 79 -2.57 6.81 -4.58
C CYS A 79 -3.99 7.07 -5.11
N THR A 80 -4.43 6.27 -6.05
CA THR A 80 -5.79 6.37 -6.55
C THR A 80 -6.46 5.00 -6.74
N CYS A 81 -7.27 4.61 -5.78
CA CYS A 81 -8.13 3.46 -5.97
C CYS A 81 -9.46 3.96 -6.49
N LYS A 82 -10.02 3.25 -7.44
CA LYS A 82 -11.14 3.74 -8.21
C LYS A 82 -12.42 2.98 -7.87
N GLU A 83 -13.49 3.25 -8.60
CA GLU A 83 -14.77 2.59 -8.34
C GLU A 83 -14.74 1.10 -8.67
N PRO A 84 -14.05 0.65 -9.77
CA PRO A 84 -13.90 -0.78 -10.07
C PRO A 84 -13.06 -1.51 -9.01
N THR A 85 -12.62 -0.77 -8.01
CA THR A 85 -11.83 -1.34 -6.93
C THR A 85 -12.50 -1.06 -5.59
N PRO A 86 -13.01 -2.13 -4.95
CA PRO A 86 -13.74 -2.06 -3.67
C PRO A 86 -13.17 -1.09 -2.63
N ASN A 87 -11.85 -0.97 -2.53
CA ASN A 87 -11.26 -0.31 -1.36
C ASN A 87 -9.91 0.33 -1.64
N ALA A 88 -9.52 1.20 -0.71
CA ALA A 88 -8.16 1.73 -0.62
C ALA A 88 -7.74 1.72 0.84
N TYR A 89 -6.85 0.80 1.19
CA TYR A 89 -6.35 0.69 2.55
C TYR A 89 -5.17 1.60 2.74
N TYR A 90 -5.12 2.29 3.88
CA TYR A 90 -4.02 3.19 4.15
C TYR A 90 -3.89 4.19 3.02
N GLU A 91 -5.05 4.80 2.70
CA GLU A 91 -5.16 5.84 1.69
C GLU A 91 -5.14 5.26 0.27
N GLY A 92 -4.45 4.16 0.12
CA GLY A 92 -4.33 3.50 -1.16
C GLY A 92 -3.07 2.67 -1.25
N VAL A 93 -2.58 2.20 -0.11
CA VAL A 93 -1.44 1.30 -0.08
C VAL A 93 -1.90 -0.09 -0.52
N PHE A 94 -3.19 -0.35 -0.32
CA PHE A 94 -3.81 -1.58 -0.77
C PHE A 94 -5.23 -1.34 -1.19
N CYS A 95 -5.89 -2.40 -1.59
CA CYS A 95 -7.28 -2.36 -1.86
C CYS A 95 -7.96 -3.63 -1.34
N SER A 96 -8.90 -3.44 -0.43
CA SER A 96 -9.59 -4.49 0.34
C SER A 96 -11.09 -4.58 0.01
N SER A 97 -11.81 -5.45 0.71
CA SER A 97 -13.26 -5.50 0.55
C SER A 97 -13.92 -4.21 1.03
N SER A 98 -13.87 -3.22 0.16
CA SER A 98 -14.59 -1.93 0.30
C SER A 98 -14.09 -1.07 1.46
N SER A 99 -14.02 0.22 1.20
CA SER A 99 -13.69 1.20 2.22
C SER A 99 -14.95 1.64 2.95
N GLY A 1 -8.92 -2.62 -12.95
CA GLY A 1 -8.46 -4.03 -13.05
C GLY A 1 -8.98 -4.88 -11.91
N VAL A 2 -8.05 -5.41 -11.12
CA VAL A 2 -8.40 -6.27 -10.00
C VAL A 2 -9.19 -5.53 -8.96
N ASP A 3 -9.96 -6.32 -8.28
CA ASP A 3 -10.95 -5.88 -7.35
C ASP A 3 -10.48 -6.10 -5.92
N PRO A 4 -10.11 -5.00 -5.26
CA PRO A 4 -9.74 -4.93 -3.84
C PRO A 4 -10.47 -5.85 -2.85
N LYS A 5 -11.60 -6.48 -3.22
CA LYS A 5 -12.36 -7.41 -2.31
C LYS A 5 -11.50 -8.47 -1.55
N HIS A 6 -10.19 -8.37 -1.69
CA HIS A 6 -9.17 -9.26 -1.11
C HIS A 6 -9.11 -9.19 0.42
N VAL A 7 -10.23 -8.94 1.05
CA VAL A 7 -10.30 -8.75 2.51
C VAL A 7 -9.49 -9.78 3.28
N CYS A 8 -9.16 -9.39 4.49
CA CYS A 8 -8.09 -10.00 5.23
C CYS A 8 -8.61 -10.78 6.41
N VAL A 9 -7.82 -11.76 6.84
CA VAL A 9 -8.20 -12.61 7.95
C VAL A 9 -7.19 -12.49 9.09
N ASP A 10 -5.96 -12.88 8.80
CA ASP A 10 -4.91 -12.89 9.81
C ASP A 10 -4.17 -11.56 9.87
N THR A 11 -3.34 -11.29 8.87
CA THR A 11 -2.52 -10.06 8.80
C THR A 11 -1.73 -9.82 10.10
N ARG A 12 -1.36 -10.90 10.76
CA ARG A 12 -0.52 -10.82 11.94
C ARG A 12 0.94 -10.86 11.51
N ASP A 13 1.15 -11.24 10.25
CA ASP A 13 2.47 -11.25 9.62
C ASP A 13 2.89 -9.84 9.26
N ILE A 14 1.93 -8.94 9.32
CA ILE A 14 2.08 -7.57 8.86
C ILE A 14 2.88 -6.73 9.86
N PRO A 15 4.08 -6.28 9.44
CA PRO A 15 5.03 -5.50 10.27
C PRO A 15 4.55 -4.10 10.65
N LYS A 16 5.44 -3.38 11.32
CA LYS A 16 5.18 -2.00 11.74
C LYS A 16 5.23 -1.06 10.55
N ASN A 17 4.51 0.06 10.66
CA ASN A 17 4.43 1.09 9.61
C ASN A 17 3.92 0.49 8.30
N ALA A 18 3.42 -0.72 8.41
CA ALA A 18 2.90 -1.44 7.28
C ALA A 18 1.41 -1.63 7.44
N GLY A 19 0.69 -1.46 6.35
CA GLY A 19 -0.73 -1.69 6.37
C GLY A 19 -1.02 -3.15 6.10
N CYS A 20 -2.20 -3.62 6.49
CA CYS A 20 -2.50 -5.02 6.33
C CYS A 20 -3.41 -5.26 5.13
N PHE A 21 -3.05 -6.24 4.31
CA PHE A 21 -3.85 -6.61 3.15
C PHE A 21 -3.80 -8.11 2.97
N ARG A 22 -4.82 -8.65 2.35
CA ARG A 22 -4.83 -10.01 1.91
C ARG A 22 -5.06 -10.00 0.42
N ASP A 23 -4.54 -10.95 -0.30
CA ASP A 23 -4.91 -11.07 -1.69
C ASP A 23 -5.92 -12.19 -1.87
N ASP A 24 -6.63 -12.18 -2.99
CA ASP A 24 -7.68 -13.18 -3.27
C ASP A 24 -7.06 -14.56 -3.36
N ASP A 25 -5.75 -14.60 -3.58
CA ASP A 25 -4.98 -15.83 -3.57
C ASP A 25 -4.99 -16.47 -2.19
N GLY A 26 -5.13 -15.63 -1.17
CA GLY A 26 -5.13 -16.10 0.19
C GLY A 26 -3.99 -15.53 1.00
N THR A 27 -2.92 -15.18 0.31
CA THR A 27 -1.76 -14.59 0.95
C THR A 27 -2.10 -13.22 1.51
N LYS A 28 -1.79 -13.02 2.80
CA LYS A 28 -2.01 -11.73 3.41
C LYS A 28 -0.74 -10.92 3.30
N GLU A 29 -0.79 -9.90 2.50
CA GLU A 29 0.36 -9.09 2.22
C GLU A 29 0.45 -7.93 3.18
N TRP A 30 1.58 -7.31 3.15
CA TRP A 30 1.79 -6.08 3.84
C TRP A 30 2.61 -5.19 2.95
N ARG A 31 2.35 -3.92 3.07
CA ARG A 31 3.03 -2.96 2.27
C ARG A 31 3.38 -1.82 3.16
N CYS A 32 4.20 -0.97 2.65
CA CYS A 32 4.77 0.07 3.44
C CYS A 32 4.12 1.33 3.00
N LEU A 33 3.57 2.03 3.99
CA LEU A 33 2.70 3.18 3.82
C LEU A 33 3.17 4.15 2.73
N LEU A 34 2.33 5.10 2.39
CA LEU A 34 2.59 5.97 1.25
C LEU A 34 3.92 6.69 1.40
N GLY A 35 4.81 6.44 0.46
CA GLY A 35 6.14 7.01 0.52
C GLY A 35 7.01 6.32 1.55
N TYR A 36 6.69 5.09 1.86
CA TYR A 36 7.48 4.29 2.78
C TYR A 36 8.24 3.18 2.06
N LYS A 37 9.03 2.42 2.82
CA LYS A 37 9.87 1.37 2.27
C LYS A 37 10.19 0.34 3.34
N LYS A 38 10.77 -0.76 2.92
CA LYS A 38 11.31 -1.74 3.86
C LYS A 38 12.65 -1.27 4.39
N GLY A 39 12.65 -0.87 5.65
CA GLY A 39 13.83 -0.31 6.25
C GLY A 39 14.44 -1.24 7.27
N GLU A 40 13.58 -1.80 8.11
CA GLU A 40 14.00 -2.73 9.14
C GLU A 40 14.32 -4.08 8.50
N GLY A 41 13.91 -4.23 7.24
CA GLY A 41 14.07 -5.49 6.54
C GLY A 41 12.74 -6.02 6.06
N ASN A 42 12.07 -6.74 6.94
CA ASN A 42 10.72 -7.21 6.70
C ASN A 42 9.78 -6.33 7.48
N THR A 43 9.84 -5.05 7.18
CA THR A 43 9.19 -4.04 7.98
C THR A 43 9.18 -2.74 7.19
N CYS A 44 8.43 -1.76 7.65
CA CYS A 44 8.27 -0.56 6.87
C CYS A 44 8.72 0.66 7.65
N VAL A 45 9.24 1.63 6.91
CA VAL A 45 9.74 2.87 7.47
C VAL A 45 9.56 3.96 6.43
N GLU A 46 9.72 5.20 6.86
CA GLU A 46 9.56 6.35 5.98
C GLU A 46 10.64 6.37 4.90
N ASN A 47 10.20 6.46 3.65
CA ASN A 47 11.11 6.61 2.52
C ASN A 47 11.15 8.09 2.13
N ASN A 48 12.31 8.68 2.31
CA ASN A 48 12.49 10.09 2.09
C ASN A 48 12.63 10.42 0.62
N ASN A 49 12.57 9.39 -0.21
CA ASN A 49 12.73 9.54 -1.66
C ASN A 49 11.99 8.39 -2.33
N PRO A 50 10.66 8.39 -2.22
CA PRO A 50 9.86 7.27 -2.66
C PRO A 50 9.60 7.31 -4.16
N THR A 51 9.72 6.15 -4.78
CA THR A 51 9.48 6.00 -6.20
C THR A 51 8.36 4.99 -6.39
N CYS A 52 7.62 5.13 -7.47
CA CYS A 52 6.55 4.23 -7.75
C CYS A 52 7.13 2.97 -8.41
N ASP A 53 6.27 1.98 -8.68
CA ASP A 53 6.69 0.65 -9.16
C ASP A 53 7.25 -0.16 -8.01
N ILE A 54 8.13 0.45 -7.26
CA ILE A 54 8.77 -0.19 -6.12
C ILE A 54 7.93 0.06 -4.91
N ASN A 55 7.25 -0.99 -4.45
CA ASN A 55 6.27 -0.85 -3.38
C ASN A 55 5.11 0.00 -3.89
N ASN A 56 5.11 0.18 -5.21
CA ASN A 56 4.15 1.05 -5.89
C ASN A 56 4.21 2.47 -5.30
N GLY A 57 5.33 2.81 -4.69
CA GLY A 57 5.47 4.09 -4.04
C GLY A 57 4.82 4.12 -2.67
N GLY A 58 4.66 2.94 -2.10
CA GLY A 58 3.94 2.84 -0.85
C GLY A 58 2.47 2.68 -1.12
N CYS A 59 2.15 2.38 -2.37
CA CYS A 59 0.78 2.30 -2.85
C CYS A 59 0.40 0.85 -3.20
N ASP A 60 -0.84 0.68 -3.59
CA ASP A 60 -1.38 -0.64 -3.96
C ASP A 60 -1.39 -0.79 -5.47
N PRO A 61 -1.12 -1.99 -6.01
CA PRO A 61 -1.03 -2.21 -7.45
C PRO A 61 -2.18 -1.56 -8.23
N THR A 62 -3.40 -1.69 -7.71
CA THR A 62 -4.57 -1.12 -8.37
C THR A 62 -4.67 0.38 -8.11
N ALA A 63 -4.07 0.84 -7.01
CA ALA A 63 -4.01 2.25 -6.71
C ALA A 63 -2.96 2.92 -7.59
N SER A 64 -3.42 3.55 -8.67
CA SER A 64 -2.55 4.18 -9.64
C SER A 64 -1.58 5.16 -8.99
N CYS A 65 -0.35 4.70 -8.78
CA CYS A 65 0.70 5.48 -8.15
C CYS A 65 1.33 6.50 -9.08
N GLN A 66 1.72 7.63 -8.50
CA GLN A 66 2.49 8.64 -9.19
C GLN A 66 3.73 9.00 -8.39
N ASN A 67 4.88 9.00 -9.04
CA ASN A 67 6.13 9.35 -8.40
C ASN A 67 6.31 10.87 -8.32
N ALA A 68 6.58 11.36 -7.13
CA ALA A 68 6.72 12.78 -6.88
C ALA A 68 7.55 13.02 -5.64
N GLU A 69 8.01 14.25 -5.47
CA GLU A 69 8.72 14.63 -4.27
C GLU A 69 7.85 15.52 -3.39
N SER A 70 8.19 15.62 -2.12
CA SER A 70 7.47 16.45 -1.17
C SER A 70 8.24 16.54 0.13
N THR A 71 7.80 17.40 1.03
CA THR A 71 8.40 17.47 2.36
C THR A 71 8.02 16.20 3.12
N GLU A 72 6.78 15.79 2.96
CA GLU A 72 6.26 14.62 3.62
C GLU A 72 6.44 13.40 2.75
N ASN A 73 7.02 12.37 3.33
CA ASN A 73 7.24 11.10 2.64
C ASN A 73 5.93 10.55 2.12
N SER A 74 4.86 10.81 2.87
CA SER A 74 3.57 10.24 2.56
C SER A 74 2.78 11.10 1.58
N LYS A 75 3.25 12.32 1.35
CA LYS A 75 2.55 13.24 0.47
C LYS A 75 3.15 13.23 -0.92
N LYS A 76 4.25 12.53 -1.10
CA LYS A 76 4.96 12.54 -2.37
C LYS A 76 4.26 11.65 -3.37
N ILE A 77 4.13 10.39 -3.03
CA ILE A 77 3.54 9.43 -3.94
C ILE A 77 2.03 9.57 -3.94
N ILE A 78 1.45 9.51 -5.11
CA ILE A 78 0.01 9.64 -5.27
C ILE A 78 -0.60 8.29 -5.59
N CYS A 79 -1.48 7.83 -4.71
CA CYS A 79 -2.23 6.62 -4.96
C CYS A 79 -3.55 6.96 -5.63
N THR A 80 -4.08 6.06 -6.41
CA THR A 80 -5.38 6.26 -7.02
C THR A 80 -6.23 5.00 -6.95
N CYS A 81 -7.18 5.00 -6.05
CA CYS A 81 -8.15 3.93 -5.99
C CYS A 81 -9.46 4.42 -6.60
N LYS A 82 -10.04 3.59 -7.42
CA LYS A 82 -11.09 4.01 -8.32
C LYS A 82 -12.40 3.28 -8.01
N GLU A 83 -13.42 3.47 -8.82
CA GLU A 83 -14.67 2.73 -8.64
C GLU A 83 -14.45 1.22 -8.80
N PRO A 84 -13.69 0.76 -9.82
CA PRO A 84 -13.35 -0.66 -9.98
C PRO A 84 -12.57 -1.23 -8.78
N THR A 85 -12.29 -0.39 -7.79
CA THR A 85 -11.56 -0.85 -6.63
C THR A 85 -12.41 -0.69 -5.36
N PRO A 86 -12.98 -1.82 -4.87
CA PRO A 86 -13.74 -1.90 -3.63
C PRO A 86 -13.28 -0.98 -2.47
N ASN A 87 -11.97 -0.81 -2.25
CA ASN A 87 -11.50 0.03 -1.12
C ASN A 87 -10.10 0.58 -1.35
N ALA A 88 -9.65 1.40 -0.39
CA ALA A 88 -8.29 1.90 -0.33
C ALA A 88 -7.81 1.91 1.10
N TYR A 89 -6.92 1.00 1.43
CA TYR A 89 -6.34 0.94 2.77
C TYR A 89 -5.16 1.87 2.85
N TYR A 90 -5.07 2.59 3.96
CA TYR A 90 -3.96 3.46 4.22
C TYR A 90 -3.78 4.43 3.05
N GLU A 91 -4.92 5.01 2.65
CA GLU A 91 -4.97 6.09 1.66
C GLU A 91 -4.79 5.62 0.23
N GLY A 92 -4.16 4.48 0.05
CA GLY A 92 -3.66 4.13 -1.26
C GLY A 92 -2.66 3.00 -1.23
N VAL A 93 -2.36 2.49 -0.04
CA VAL A 93 -1.34 1.47 0.10
C VAL A 93 -1.90 0.11 -0.27
N PHE A 94 -3.20 -0.05 -0.10
CA PHE A 94 -3.87 -1.29 -0.49
C PHE A 94 -5.28 -0.98 -0.87
N CYS A 95 -5.98 -2.01 -1.27
CA CYS A 95 -7.37 -1.88 -1.56
C CYS A 95 -8.10 -3.16 -1.17
N SER A 96 -9.06 -3.04 -0.27
CA SER A 96 -9.86 -4.18 0.21
C SER A 96 -11.31 -4.07 -0.25
N SER A 97 -12.17 -5.03 0.09
CA SER A 97 -13.57 -4.92 -0.30
C SER A 97 -14.16 -3.65 0.30
N SER A 98 -13.83 -3.42 1.57
CA SER A 98 -14.27 -2.24 2.31
C SER A 98 -13.48 -2.19 3.62
N SER A 99 -13.83 -1.25 4.47
CA SER A 99 -13.22 -1.16 5.79
C SER A 99 -14.26 -0.67 6.79
N GLY A 1 -7.32 -2.73 -13.02
CA GLY A 1 -8.33 -2.70 -11.93
C GLY A 1 -8.64 -4.09 -11.40
N VAL A 2 -8.02 -4.45 -10.29
CA VAL A 2 -8.33 -5.69 -9.60
C VAL A 2 -9.50 -5.45 -8.64
N ASP A 3 -9.94 -6.49 -7.97
CA ASP A 3 -11.05 -6.40 -7.04
C ASP A 3 -10.57 -6.50 -5.59
N PRO A 4 -10.30 -5.35 -4.95
CA PRO A 4 -9.96 -5.20 -3.54
C PRO A 4 -10.69 -6.11 -2.52
N LYS A 5 -11.85 -6.66 -2.88
CA LYS A 5 -12.73 -7.49 -1.98
C LYS A 5 -12.03 -8.58 -1.13
N HIS A 6 -10.72 -8.65 -1.20
CA HIS A 6 -9.91 -9.71 -0.59
C HIS A 6 -9.96 -9.66 0.93
N VAL A 7 -10.25 -8.46 1.46
CA VAL A 7 -10.22 -8.16 2.90
C VAL A 7 -8.94 -8.66 3.56
N CYS A 8 -8.91 -8.62 4.87
CA CYS A 8 -7.76 -9.13 5.61
C CYS A 8 -8.21 -9.82 6.88
N VAL A 9 -7.49 -10.87 7.25
CA VAL A 9 -7.88 -11.70 8.39
C VAL A 9 -6.70 -11.98 9.32
N ASP A 10 -5.61 -12.47 8.74
CA ASP A 10 -4.52 -13.05 9.53
C ASP A 10 -3.24 -12.26 9.32
N THR A 11 -3.39 -10.97 9.14
CA THR A 11 -2.29 -10.05 8.89
C THR A 11 -1.37 -9.86 10.10
N ARG A 12 -0.85 -10.98 10.59
CA ARG A 12 0.12 -10.98 11.67
C ARG A 12 1.53 -10.84 11.13
N ASP A 13 1.71 -11.31 9.89
CA ASP A 13 3.00 -11.21 9.18
C ASP A 13 3.25 -9.78 8.73
N ILE A 14 2.38 -8.89 9.18
CA ILE A 14 2.34 -7.52 8.73
C ILE A 14 3.08 -6.63 9.74
N PRO A 15 4.28 -6.15 9.35
CA PRO A 15 5.16 -5.33 10.21
C PRO A 15 4.60 -3.96 10.57
N LYS A 16 5.35 -3.20 11.36
CA LYS A 16 4.96 -1.84 11.72
C LYS A 16 5.04 -0.93 10.52
N ASN A 17 4.25 0.14 10.55
CA ASN A 17 4.19 1.14 9.47
C ASN A 17 3.66 0.53 8.19
N ALA A 18 3.45 -0.77 8.23
CA ALA A 18 3.01 -1.51 7.09
C ALA A 18 1.53 -1.80 7.19
N GLY A 19 0.81 -1.51 6.12
CA GLY A 19 -0.61 -1.76 6.10
C GLY A 19 -0.91 -3.23 5.91
N CYS A 20 -2.09 -3.66 6.30
CA CYS A 20 -2.43 -5.07 6.23
C CYS A 20 -3.51 -5.34 5.18
N PHE A 21 -3.37 -6.46 4.48
CA PHE A 21 -4.33 -6.85 3.46
C PHE A 21 -4.18 -8.35 3.17
N ARG A 22 -5.25 -9.01 2.76
CA ARG A 22 -5.20 -10.38 2.26
C ARG A 22 -5.39 -10.33 0.75
N ASP A 23 -4.77 -11.25 0.02
CA ASP A 23 -5.10 -11.38 -1.38
C ASP A 23 -6.10 -12.53 -1.55
N ASP A 24 -6.87 -12.47 -2.63
CA ASP A 24 -7.91 -13.46 -2.90
C ASP A 24 -7.29 -14.83 -3.16
N ASP A 25 -6.00 -14.81 -3.45
CA ASP A 25 -5.20 -16.02 -3.61
C ASP A 25 -5.07 -16.77 -2.29
N GLY A 26 -5.21 -16.05 -1.19
CA GLY A 26 -5.06 -16.64 0.13
C GLY A 26 -3.81 -16.14 0.81
N THR A 27 -3.02 -15.39 0.07
CA THR A 27 -1.81 -14.79 0.61
C THR A 27 -2.11 -13.48 1.29
N LYS A 28 -1.74 -13.36 2.56
CA LYS A 28 -1.87 -12.09 3.25
C LYS A 28 -0.63 -11.28 2.97
N GLU A 29 -0.83 -10.00 2.77
CA GLU A 29 0.22 -9.13 2.38
C GLU A 29 0.39 -7.99 3.34
N TRP A 30 1.49 -7.34 3.14
CA TRP A 30 1.80 -6.10 3.80
C TRP A 30 2.59 -5.26 2.85
N ARG A 31 2.39 -3.99 2.94
CA ARG A 31 3.11 -3.04 2.15
C ARG A 31 3.49 -1.91 3.04
N CYS A 32 4.33 -1.07 2.55
CA CYS A 32 4.88 -0.03 3.35
C CYS A 32 4.24 1.24 2.90
N LEU A 33 3.66 1.93 3.87
CA LEU A 33 2.76 3.06 3.68
C LEU A 33 3.23 4.03 2.60
N LEU A 34 2.38 4.96 2.25
CA LEU A 34 2.64 5.86 1.15
C LEU A 34 3.95 6.59 1.34
N GLY A 35 4.90 6.30 0.47
CA GLY A 35 6.22 6.90 0.55
C GLY A 35 7.11 6.20 1.58
N TYR A 36 6.76 4.98 1.94
CA TYR A 36 7.56 4.20 2.86
C TYR A 36 8.31 3.06 2.15
N LYS A 37 9.03 2.25 2.93
CA LYS A 37 9.80 1.13 2.42
C LYS A 37 10.23 0.19 3.55
N LYS A 38 10.70 -1.00 3.19
CA LYS A 38 11.28 -1.91 4.15
C LYS A 38 12.61 -1.38 4.68
N GLY A 39 12.65 -1.03 5.96
CA GLY A 39 13.86 -0.47 6.54
C GLY A 39 14.43 -1.31 7.66
N GLU A 40 13.55 -1.94 8.43
CA GLU A 40 13.96 -2.70 9.61
C GLU A 40 14.20 -4.17 9.23
N GLY A 41 14.11 -4.46 7.95
CA GLY A 41 14.08 -5.83 7.48
C GLY A 41 12.67 -6.37 7.56
N ASN A 42 12.06 -6.62 6.38
CA ASN A 42 10.64 -6.98 6.26
C ASN A 42 9.78 -6.13 7.20
N THR A 43 9.66 -4.86 6.85
CA THR A 43 9.02 -3.87 7.70
C THR A 43 8.70 -2.64 6.87
N CYS A 44 8.30 -1.57 7.51
CA CYS A 44 8.06 -0.32 6.81
C CYS A 44 8.58 0.87 7.62
N VAL A 45 9.11 1.85 6.90
CA VAL A 45 9.65 3.07 7.47
C VAL A 45 9.51 4.20 6.45
N GLU A 46 9.68 5.43 6.91
CA GLU A 46 9.52 6.60 6.07
C GLU A 46 10.65 6.72 5.04
N ASN A 47 10.39 6.22 3.85
CA ASN A 47 11.30 6.39 2.72
C ASN A 47 11.39 7.87 2.38
N ASN A 48 12.55 8.46 2.61
CA ASN A 48 12.74 9.88 2.39
C ASN A 48 12.89 10.22 0.92
N ASN A 49 12.63 9.25 0.05
CA ASN A 49 12.74 9.44 -1.38
C ASN A 49 11.99 8.31 -2.09
N PRO A 50 10.66 8.33 -2.00
CA PRO A 50 9.83 7.26 -2.52
C PRO A 50 9.60 7.39 -4.02
N THR A 51 9.74 6.27 -4.72
CA THR A 51 9.63 6.23 -6.16
C THR A 51 8.55 5.25 -6.58
N CYS A 52 7.95 5.47 -7.74
CA CYS A 52 6.95 4.56 -8.26
C CYS A 52 7.68 3.38 -8.94
N ASP A 53 6.91 2.40 -9.43
CA ASP A 53 7.45 1.11 -9.94
C ASP A 53 7.77 0.20 -8.76
N ILE A 54 8.46 0.78 -7.80
CA ILE A 54 8.99 0.04 -6.68
C ILE A 54 8.11 0.20 -5.48
N ASN A 55 7.43 -0.90 -5.13
CA ASN A 55 6.47 -0.88 -4.03
C ASN A 55 5.30 0.02 -4.41
N ASN A 56 5.26 0.35 -5.71
CA ASN A 56 4.34 1.33 -6.24
C ASN A 56 4.45 2.65 -5.45
N GLY A 57 5.65 2.92 -4.93
CA GLY A 57 5.88 4.10 -4.11
C GLY A 57 5.19 4.02 -2.76
N GLY A 58 4.83 2.81 -2.38
CA GLY A 58 4.10 2.59 -1.16
C GLY A 58 2.61 2.55 -1.42
N CYS A 59 2.26 2.28 -2.66
CA CYS A 59 0.88 2.27 -3.10
C CYS A 59 0.44 0.86 -3.51
N ASP A 60 -0.83 0.75 -3.87
CA ASP A 60 -1.41 -0.52 -4.30
C ASP A 60 -1.43 -0.57 -5.81
N PRO A 61 -1.13 -1.75 -6.41
CA PRO A 61 -1.11 -1.93 -7.86
C PRO A 61 -2.36 -1.38 -8.56
N THR A 62 -3.50 -1.37 -7.87
CA THR A 62 -4.73 -0.81 -8.43
C THR A 62 -4.76 0.70 -8.22
N ALA A 63 -4.14 1.16 -7.14
CA ALA A 63 -4.03 2.57 -6.85
C ALA A 63 -3.07 3.24 -7.83
N SER A 64 -3.60 4.09 -8.70
CA SER A 64 -2.79 4.82 -9.66
C SER A 64 -1.74 5.66 -8.94
N CYS A 65 -0.53 5.14 -8.89
CA CYS A 65 0.58 5.80 -8.24
C CYS A 65 1.30 6.78 -9.14
N GLN A 66 1.92 7.78 -8.52
CA GLN A 66 2.77 8.71 -9.20
C GLN A 66 4.02 8.95 -8.35
N ASN A 67 5.16 9.07 -9.01
CA ASN A 67 6.41 9.35 -8.32
C ASN A 67 6.58 10.85 -8.19
N ALA A 68 6.74 11.32 -6.96
CA ALA A 68 6.81 12.74 -6.71
C ALA A 68 7.64 13.04 -5.48
N GLU A 69 8.03 14.29 -5.36
CA GLU A 69 8.79 14.76 -4.22
C GLU A 69 7.93 15.71 -3.40
N SER A 70 8.13 15.69 -2.09
CA SER A 70 7.42 16.55 -1.16
C SER A 70 8.06 16.45 0.21
N THR A 71 7.93 17.49 1.01
CA THR A 71 8.48 17.47 2.37
C THR A 71 8.01 16.24 3.14
N GLU A 72 6.70 16.04 3.16
CA GLU A 72 6.12 14.83 3.72
C GLU A 72 6.36 13.67 2.77
N ASN A 73 7.01 12.63 3.27
CA ASN A 73 7.32 11.47 2.47
C ASN A 73 6.05 10.75 2.09
N SER A 74 5.04 10.85 2.94
CA SER A 74 3.76 10.21 2.71
C SER A 74 2.87 11.04 1.78
N LYS A 75 3.24 12.29 1.58
CA LYS A 75 2.47 13.16 0.70
C LYS A 75 3.15 13.30 -0.66
N LYS A 76 4.18 12.50 -0.89
CA LYS A 76 4.89 12.55 -2.16
C LYS A 76 4.18 11.69 -3.19
N ILE A 77 4.10 10.40 -2.90
CA ILE A 77 3.55 9.46 -3.84
C ILE A 77 2.03 9.52 -3.81
N ILE A 78 1.45 9.42 -4.97
CA ILE A 78 0.01 9.46 -5.12
C ILE A 78 -0.53 8.04 -5.27
N CYS A 79 -1.66 7.77 -4.65
CA CYS A 79 -2.36 6.52 -4.84
C CYS A 79 -3.81 6.79 -5.21
N THR A 80 -4.34 6.05 -6.16
CA THR A 80 -5.73 6.18 -6.51
C THR A 80 -6.40 4.83 -6.72
N CYS A 81 -7.16 4.39 -5.74
CA CYS A 81 -8.03 3.24 -5.92
C CYS A 81 -9.37 3.74 -6.44
N LYS A 82 -9.79 3.17 -7.54
CA LYS A 82 -10.87 3.73 -8.33
C LYS A 82 -12.22 3.09 -7.99
N GLU A 83 -13.24 3.44 -8.76
CA GLU A 83 -14.56 2.88 -8.57
C GLU A 83 -14.57 1.35 -8.73
N PRO A 84 -13.89 0.79 -9.76
CA PRO A 84 -13.80 -0.67 -9.94
C PRO A 84 -13.04 -1.37 -8.81
N THR A 85 -12.65 -0.62 -7.79
CA THR A 85 -11.89 -1.20 -6.70
C THR A 85 -12.59 -0.98 -5.36
N PRO A 86 -13.14 -2.07 -4.79
CA PRO A 86 -13.84 -2.07 -3.50
C PRO A 86 -13.24 -1.16 -2.38
N ASN A 87 -11.91 -1.00 -2.28
CA ASN A 87 -11.35 -0.17 -1.19
C ASN A 87 -9.94 0.36 -1.47
N ALA A 88 -9.54 1.32 -0.64
CA ALA A 88 -8.16 1.82 -0.59
C ALA A 88 -7.66 1.75 0.86
N TYR A 89 -6.77 0.81 1.14
CA TYR A 89 -6.21 0.66 2.47
C TYR A 89 -5.08 1.63 2.63
N TYR A 90 -5.05 2.34 3.76
CA TYR A 90 -3.93 3.22 4.05
C TYR A 90 -3.77 4.22 2.91
N GLU A 91 -4.88 4.88 2.60
CA GLU A 91 -4.95 5.93 1.59
C GLU A 91 -4.89 5.37 0.17
N GLY A 92 -4.40 4.16 0.03
CA GLY A 92 -4.25 3.55 -1.27
C GLY A 92 -2.99 2.70 -1.38
N VAL A 93 -2.39 2.40 -0.23
CA VAL A 93 -1.30 1.42 -0.18
C VAL A 93 -1.84 0.05 -0.57
N PHE A 94 -3.13 -0.14 -0.34
CA PHE A 94 -3.81 -1.38 -0.71
C PHE A 94 -5.27 -1.10 -1.00
N CYS A 95 -6.02 -2.19 -1.06
CA CYS A 95 -7.41 -2.18 -1.35
C CYS A 95 -8.10 -3.22 -0.47
N SER A 96 -9.43 -3.31 -0.47
CA SER A 96 -10.18 -4.22 0.40
C SER A 96 -11.63 -4.30 -0.04
N SER A 97 -12.41 -5.18 0.58
CA SER A 97 -13.82 -5.25 0.27
C SER A 97 -14.55 -4.09 0.96
N SER A 98 -14.15 -2.88 0.59
CA SER A 98 -14.63 -1.62 1.18
C SER A 98 -14.43 -1.58 2.71
N SER A 99 -15.02 -0.58 3.35
CA SER A 99 -14.89 -0.41 4.78
C SER A 99 -16.26 -0.36 5.45
N GLY A 1 -6.15 -3.75 -12.84
CA GLY A 1 -7.40 -3.31 -12.15
C GLY A 1 -8.07 -4.45 -11.41
N VAL A 2 -7.50 -4.82 -10.28
CA VAL A 2 -8.04 -5.92 -9.47
C VAL A 2 -9.19 -5.40 -8.61
N ASP A 3 -9.85 -6.32 -7.94
CA ASP A 3 -10.98 -6.02 -7.07
C ASP A 3 -10.59 -6.14 -5.60
N PRO A 4 -10.22 -5.00 -5.00
CA PRO A 4 -9.81 -4.84 -3.59
C PRO A 4 -10.50 -5.71 -2.53
N LYS A 5 -11.70 -6.24 -2.77
CA LYS A 5 -12.51 -6.98 -1.76
C LYS A 5 -11.78 -8.11 -0.99
N HIS A 6 -10.48 -8.20 -1.20
CA HIS A 6 -9.58 -9.21 -0.63
C HIS A 6 -9.37 -9.04 0.87
N VAL A 7 -10.33 -8.50 1.59
CA VAL A 7 -10.11 -8.14 3.01
C VAL A 7 -9.51 -9.25 3.86
N CYS A 8 -9.05 -8.85 5.05
CA CYS A 8 -8.13 -9.65 5.84
C CYS A 8 -8.69 -9.96 7.21
N VAL A 9 -8.01 -10.88 7.90
CA VAL A 9 -8.48 -11.38 9.18
C VAL A 9 -7.39 -11.27 10.25
N ASP A 10 -6.32 -12.01 10.04
CA ASP A 10 -5.24 -12.12 11.00
C ASP A 10 -4.21 -11.02 10.84
N THR A 11 -3.51 -11.00 9.71
CA THR A 11 -2.50 -9.97 9.42
C THR A 11 -1.50 -9.79 10.56
N ARG A 12 -1.08 -10.91 11.13
CA ARG A 12 -0.07 -10.92 12.19
C ARG A 12 1.32 -10.86 11.56
N ASP A 13 1.38 -11.30 10.31
CA ASP A 13 2.62 -11.31 9.53
C ASP A 13 2.98 -9.90 9.09
N ILE A 14 2.06 -8.98 9.35
CA ILE A 14 2.15 -7.63 8.85
C ILE A 14 3.03 -6.77 9.79
N PRO A 15 4.22 -6.39 9.29
CA PRO A 15 5.24 -5.63 10.04
C PRO A 15 4.80 -4.22 10.45
N LYS A 16 5.72 -3.50 11.10
CA LYS A 16 5.46 -2.12 11.47
C LYS A 16 5.52 -1.23 10.24
N ASN A 17 4.86 -0.08 10.35
CA ASN A 17 4.76 0.90 9.28
C ASN A 17 4.20 0.28 8.00
N ALA A 18 3.68 -0.92 8.14
CA ALA A 18 3.14 -1.66 7.05
C ALA A 18 1.64 -1.82 7.25
N GLY A 19 0.91 -1.58 6.18
CA GLY A 19 -0.52 -1.76 6.21
C GLY A 19 -0.89 -3.22 6.07
N CYS A 20 -2.09 -3.57 6.48
CA CYS A 20 -2.48 -4.96 6.45
C CYS A 20 -3.45 -5.23 5.30
N PHE A 21 -3.25 -6.37 4.62
CA PHE A 21 -4.08 -6.74 3.49
C PHE A 21 -4.09 -8.25 3.33
N ARG A 22 -5.15 -8.78 2.78
CA ARG A 22 -5.24 -10.17 2.38
C ARG A 22 -5.48 -10.20 0.89
N ASP A 23 -5.04 -11.24 0.20
CA ASP A 23 -5.41 -11.37 -1.20
C ASP A 23 -6.45 -12.48 -1.34
N ASP A 24 -7.16 -12.45 -2.47
CA ASP A 24 -8.27 -13.36 -2.74
C ASP A 24 -7.84 -14.83 -2.67
N ASP A 25 -6.53 -15.06 -2.83
CA ASP A 25 -5.97 -16.42 -2.75
C ASP A 25 -6.12 -16.97 -1.33
N GLY A 26 -6.15 -16.07 -0.36
CA GLY A 26 -6.13 -16.48 1.03
C GLY A 26 -4.84 -16.09 1.70
N THR A 27 -3.97 -15.48 0.91
CA THR A 27 -2.67 -15.06 1.38
C THR A 27 -2.75 -13.70 2.06
N LYS A 28 -2.13 -13.57 3.22
CA LYS A 28 -2.05 -12.26 3.86
C LYS A 28 -0.84 -11.53 3.35
N GLU A 29 -1.03 -10.30 3.03
CA GLU A 29 0.02 -9.46 2.52
C GLU A 29 0.21 -8.26 3.39
N TRP A 30 1.29 -7.59 3.11
CA TRP A 30 1.60 -6.35 3.73
C TRP A 30 2.40 -5.52 2.76
N ARG A 31 2.25 -4.23 2.87
CA ARG A 31 2.92 -3.29 2.03
C ARG A 31 3.39 -2.17 2.87
N CYS A 32 4.20 -1.33 2.29
CA CYS A 32 4.83 -0.29 3.03
C CYS A 32 4.16 0.99 2.64
N LEU A 33 3.71 1.68 3.68
CA LEU A 33 2.87 2.87 3.58
C LEU A 33 3.34 3.86 2.52
N LEU A 34 2.53 4.87 2.26
CA LEU A 34 2.79 5.79 1.17
C LEU A 34 4.11 6.51 1.38
N GLY A 35 5.01 6.33 0.42
CA GLY A 35 6.32 6.89 0.53
C GLY A 35 7.19 6.14 1.51
N TYR A 36 6.84 4.89 1.77
CA TYR A 36 7.64 4.03 2.62
C TYR A 36 8.40 3.00 1.80
N LYS A 37 9.24 2.23 2.49
CA LYS A 37 10.05 1.20 1.87
C LYS A 37 10.37 0.13 2.90
N LYS A 38 10.83 -1.04 2.48
CA LYS A 38 11.26 -2.05 3.42
C LYS A 38 12.65 -1.72 3.96
N GLY A 39 12.72 -1.41 5.25
CA GLY A 39 13.97 -0.93 5.80
C GLY A 39 14.61 -1.91 6.76
N GLU A 40 13.86 -2.29 7.78
CA GLU A 40 14.42 -3.07 8.88
C GLU A 40 14.18 -4.57 8.70
N GLY A 41 14.24 -5.02 7.44
CA GLY A 41 14.04 -6.43 7.13
C GLY A 41 12.60 -6.86 7.27
N ASN A 42 11.97 -7.25 6.15
CA ASN A 42 10.55 -7.60 6.11
C ASN A 42 9.73 -6.66 6.97
N THR A 43 9.75 -5.39 6.60
CA THR A 43 9.16 -4.33 7.38
C THR A 43 8.95 -3.12 6.51
N CYS A 44 8.60 -2.02 7.12
CA CYS A 44 8.44 -0.79 6.39
C CYS A 44 8.93 0.39 7.21
N VAL A 45 9.49 1.38 6.52
CA VAL A 45 9.98 2.60 7.12
C VAL A 45 9.76 3.76 6.18
N GLU A 46 9.78 4.96 6.71
CA GLU A 46 9.60 6.18 5.93
C GLU A 46 10.74 6.35 4.92
N ASN A 47 10.41 6.10 3.66
CA ASN A 47 11.34 6.31 2.57
C ASN A 47 11.23 7.76 2.11
N ASN A 48 12.18 8.58 2.54
CA ASN A 48 12.05 10.03 2.43
C ASN A 48 12.36 10.53 1.03
N ASN A 49 12.29 9.63 0.07
CA ASN A 49 12.48 9.95 -1.33
C ASN A 49 11.83 8.84 -2.16
N PRO A 50 10.50 8.77 -2.11
CA PRO A 50 9.76 7.68 -2.71
C PRO A 50 9.57 7.86 -4.21
N THR A 51 9.72 6.77 -4.92
CA THR A 51 9.59 6.77 -6.35
C THR A 51 8.49 5.77 -6.72
N CYS A 52 7.81 6.01 -7.83
CA CYS A 52 6.76 5.13 -8.25
C CYS A 52 7.40 3.95 -8.97
N ASP A 53 6.58 2.97 -9.38
CA ASP A 53 7.07 1.73 -10.02
C ASP A 53 7.63 0.77 -8.99
N ILE A 54 8.41 1.32 -8.06
CA ILE A 54 9.06 0.53 -7.02
C ILE A 54 8.26 0.65 -5.74
N ASN A 55 7.66 -0.47 -5.35
CA ASN A 55 6.75 -0.49 -4.20
C ASN A 55 5.54 0.36 -4.52
N ASN A 56 5.45 0.73 -5.80
CA ASN A 56 4.43 1.65 -6.28
C ASN A 56 4.51 2.97 -5.50
N GLY A 57 5.71 3.28 -5.00
CA GLY A 57 5.92 4.46 -4.18
C GLY A 57 5.24 4.34 -2.84
N GLY A 58 5.00 3.11 -2.42
CA GLY A 58 4.33 2.86 -1.17
C GLY A 58 2.83 2.71 -1.36
N CYS A 59 2.45 2.50 -2.61
CA CYS A 59 1.05 2.38 -3.01
C CYS A 59 0.77 0.95 -3.46
N ASP A 60 -0.47 0.68 -3.80
CA ASP A 60 -0.86 -0.64 -4.30
C ASP A 60 -0.97 -0.58 -5.81
N PRO A 61 -0.54 -1.64 -6.51
CA PRO A 61 -0.59 -1.72 -7.98
C PRO A 61 -1.95 -1.34 -8.58
N THR A 62 -3.01 -1.44 -7.77
CA THR A 62 -4.33 -0.98 -8.21
C THR A 62 -4.44 0.54 -8.05
N ALA A 63 -3.83 1.04 -6.98
CA ALA A 63 -3.76 2.45 -6.69
C ALA A 63 -2.65 3.11 -7.51
N SER A 64 -3.00 3.56 -8.71
CA SER A 64 -2.04 4.16 -9.64
C SER A 64 -1.23 5.28 -8.99
N CYS A 65 0.02 4.98 -8.68
CA CYS A 65 0.93 5.92 -8.02
C CYS A 65 1.45 7.01 -8.96
N GLN A 66 1.83 8.12 -8.36
CA GLN A 66 2.53 9.19 -9.06
C GLN A 66 3.77 9.58 -8.27
N ASN A 67 4.88 9.79 -8.96
CA ASN A 67 6.14 10.13 -8.31
C ASN A 67 6.24 11.64 -8.09
N ALA A 68 6.42 12.03 -6.84
CA ALA A 68 6.49 13.43 -6.47
C ALA A 68 7.28 13.61 -5.19
N GLU A 69 7.67 14.84 -4.91
CA GLU A 69 8.36 15.16 -3.68
C GLU A 69 7.50 16.09 -2.83
N SER A 70 7.52 15.85 -1.54
CA SER A 70 6.62 16.51 -0.60
C SER A 70 7.26 16.56 0.78
N THR A 71 6.65 17.24 1.73
CA THR A 71 7.18 17.28 3.08
C THR A 71 6.85 15.97 3.81
N GLU A 72 5.70 15.40 3.46
CA GLU A 72 5.28 14.12 4.01
C GLU A 72 5.65 13.03 3.03
N ASN A 73 6.24 11.96 3.53
CA ASN A 73 6.58 10.82 2.69
C ASN A 73 5.34 10.23 2.07
N SER A 74 4.24 10.34 2.79
CA SER A 74 2.99 9.75 2.37
C SER A 74 2.24 10.67 1.39
N LYS A 75 2.61 11.96 1.39
CA LYS A 75 1.92 12.93 0.56
C LYS A 75 2.72 13.24 -0.70
N LYS A 76 3.81 12.51 -0.91
CA LYS A 76 4.60 12.68 -2.11
C LYS A 76 4.00 11.85 -3.22
N ILE A 77 3.92 10.55 -2.97
CA ILE A 77 3.38 9.64 -3.94
C ILE A 77 1.86 9.72 -3.92
N ILE A 78 1.28 9.74 -5.09
CA ILE A 78 -0.17 9.83 -5.22
C ILE A 78 -0.74 8.48 -5.61
N CYS A 79 -1.54 7.91 -4.73
CA CYS A 79 -2.17 6.64 -4.99
C CYS A 79 -3.54 6.88 -5.64
N THR A 80 -3.91 6.02 -6.58
CA THR A 80 -5.15 6.21 -7.29
C THR A 80 -5.97 4.92 -7.36
N CYS A 81 -6.99 4.83 -6.53
CA CYS A 81 -7.91 3.71 -6.60
C CYS A 81 -9.13 4.13 -7.42
N LYS A 82 -9.59 3.25 -8.28
CA LYS A 82 -10.54 3.61 -9.32
C LYS A 82 -11.88 2.89 -9.15
N GLU A 83 -12.77 3.06 -10.12
CA GLU A 83 -14.11 2.49 -10.05
C GLU A 83 -14.12 0.98 -9.73
N PRO A 84 -13.29 0.15 -10.39
CA PRO A 84 -13.29 -1.29 -10.14
C PRO A 84 -12.70 -1.68 -8.79
N THR A 85 -12.45 -0.70 -7.91
CA THR A 85 -11.76 -1.01 -6.66
C THR A 85 -12.63 -0.73 -5.42
N PRO A 86 -13.12 -1.82 -4.77
CA PRO A 86 -13.80 -1.78 -3.47
C PRO A 86 -13.23 -0.81 -2.41
N ASN A 87 -11.90 -0.58 -2.36
CA ASN A 87 -11.34 0.28 -1.30
C ASN A 87 -9.92 0.76 -1.59
N ALA A 88 -9.46 1.70 -0.77
CA ALA A 88 -8.05 2.09 -0.68
C ALA A 88 -7.61 2.01 0.78
N TYR A 89 -6.74 1.07 1.08
CA TYR A 89 -6.24 0.88 2.42
C TYR A 89 -5.03 1.76 2.64
N TYR A 90 -4.93 2.36 3.82
CA TYR A 90 -3.80 3.21 4.14
C TYR A 90 -3.61 4.24 3.04
N GLU A 91 -4.73 4.85 2.66
CA GLU A 91 -4.77 5.98 1.72
C GLU A 91 -4.55 5.56 0.26
N GLY A 92 -3.91 4.43 0.05
CA GLY A 92 -3.43 4.11 -1.28
C GLY A 92 -2.45 2.96 -1.30
N VAL A 93 -2.19 2.38 -0.16
CA VAL A 93 -1.18 1.34 -0.04
C VAL A 93 -1.75 -0.01 -0.43
N PHE A 94 -3.04 -0.16 -0.26
CA PHE A 94 -3.74 -1.39 -0.67
C PHE A 94 -5.12 -1.05 -1.06
N CYS A 95 -5.89 -2.07 -1.34
CA CYS A 95 -7.27 -1.92 -1.63
C CYS A 95 -8.03 -3.15 -1.15
N SER A 96 -9.00 -2.93 -0.28
CA SER A 96 -9.82 -3.98 0.35
C SER A 96 -11.31 -3.86 0.00
N SER A 97 -12.15 -4.77 0.50
CA SER A 97 -13.60 -4.71 0.23
C SER A 97 -14.24 -3.57 1.02
N SER A 98 -13.69 -2.38 0.86
CA SER A 98 -14.07 -1.20 1.63
C SER A 98 -13.62 -1.35 3.09
N SER A 99 -14.24 -2.26 3.82
CA SER A 99 -13.87 -2.52 5.20
C SER A 99 -14.27 -3.93 5.59
N GLY A 1 -6.37 -3.37 -12.78
CA GLY A 1 -7.11 -3.19 -11.50
C GLY A 1 -7.84 -4.45 -11.08
N VAL A 2 -7.59 -4.88 -9.86
CA VAL A 2 -8.26 -6.04 -9.29
C VAL A 2 -9.42 -5.57 -8.41
N ASP A 3 -10.08 -6.48 -7.74
CA ASP A 3 -11.21 -6.14 -6.87
C ASP A 3 -10.83 -6.27 -5.40
N PRO A 4 -10.43 -5.14 -4.78
CA PRO A 4 -9.98 -5.00 -3.38
C PRO A 4 -10.60 -5.90 -2.31
N LYS A 5 -11.78 -6.45 -2.53
CA LYS A 5 -12.50 -7.30 -1.53
C LYS A 5 -11.69 -8.51 -0.98
N HIS A 6 -10.39 -8.51 -1.25
CA HIS A 6 -9.39 -9.52 -0.81
C HIS A 6 -9.18 -9.52 0.70
N VAL A 7 -10.21 -9.16 1.44
CA VAL A 7 -10.17 -8.96 2.89
C VAL A 7 -9.25 -9.92 3.67
N CYS A 8 -8.52 -9.35 4.64
CA CYS A 8 -7.61 -10.11 5.50
C CYS A 8 -8.21 -10.30 6.87
N VAL A 9 -7.62 -11.22 7.63
CA VAL A 9 -8.14 -11.59 8.93
C VAL A 9 -7.03 -11.57 9.98
N ASP A 10 -5.92 -12.22 9.66
CA ASP A 10 -4.84 -12.44 10.61
C ASP A 10 -3.84 -11.27 10.60
N THR A 11 -3.08 -11.16 9.52
CA THR A 11 -2.11 -10.08 9.35
C THR A 11 -1.10 -10.01 10.51
N ARG A 12 -0.72 -11.17 11.04
CA ARG A 12 0.29 -11.22 12.09
C ARG A 12 1.68 -11.13 11.48
N ASP A 13 1.74 -11.41 10.19
CA ASP A 13 2.99 -11.34 9.43
C ASP A 13 3.27 -9.91 9.01
N ILE A 14 2.33 -9.04 9.32
CA ILE A 14 2.40 -7.64 8.90
C ILE A 14 3.29 -6.83 9.85
N PRO A 15 4.45 -6.37 9.33
CA PRO A 15 5.44 -5.61 10.10
C PRO A 15 5.00 -4.20 10.50
N LYS A 16 5.92 -3.52 11.16
CA LYS A 16 5.74 -2.12 11.56
C LYS A 16 5.59 -1.21 10.37
N ASN A 17 4.72 -0.18 10.52
CA ASN A 17 4.57 0.88 9.52
C ASN A 17 4.01 0.32 8.21
N ALA A 18 3.58 -0.91 8.28
CA ALA A 18 3.05 -1.61 7.15
C ALA A 18 1.55 -1.77 7.30
N GLY A 19 0.83 -1.50 6.24
CA GLY A 19 -0.58 -1.72 6.22
C GLY A 19 -0.89 -3.19 6.02
N CYS A 20 -2.07 -3.63 6.40
CA CYS A 20 -2.37 -5.04 6.33
C CYS A 20 -3.38 -5.31 5.22
N PHE A 21 -3.14 -6.39 4.48
CA PHE A 21 -3.95 -6.74 3.34
C PHE A 21 -3.91 -8.25 3.13
N ARG A 22 -4.94 -8.81 2.53
CA ARG A 22 -4.90 -10.17 2.04
C ARG A 22 -5.15 -10.11 0.55
N ASP A 23 -4.60 -11.02 -0.22
CA ASP A 23 -4.96 -11.05 -1.62
C ASP A 23 -5.94 -12.19 -1.88
N ASP A 24 -6.56 -12.17 -3.05
CA ASP A 24 -7.55 -13.17 -3.44
C ASP A 24 -6.92 -14.56 -3.47
N ASP A 25 -5.60 -14.58 -3.56
CA ASP A 25 -4.84 -15.82 -3.49
C ASP A 25 -4.96 -16.46 -2.11
N GLY A 26 -5.18 -15.63 -1.10
CA GLY A 26 -5.29 -16.12 0.25
C GLY A 26 -4.08 -15.76 1.09
N THR A 27 -3.09 -15.16 0.44
CA THR A 27 -1.90 -14.71 1.11
C THR A 27 -2.12 -13.36 1.78
N LYS A 28 -1.76 -13.25 3.06
CA LYS A 28 -1.80 -11.98 3.73
C LYS A 28 -0.58 -11.19 3.32
N GLU A 29 -0.81 -10.05 2.77
CA GLU A 29 0.24 -9.20 2.32
C GLU A 29 0.39 -8.01 3.23
N TRP A 30 1.46 -7.33 3.00
CA TRP A 30 1.76 -6.11 3.70
C TRP A 30 2.60 -5.25 2.82
N ARG A 31 2.38 -3.98 2.93
CA ARG A 31 3.08 -3.02 2.14
C ARG A 31 3.46 -1.90 3.03
N CYS A 32 4.28 -1.06 2.51
CA CYS A 32 4.85 -0.03 3.32
C CYS A 32 4.20 1.25 2.89
N LEU A 33 3.62 1.91 3.89
CA LEU A 33 2.73 3.07 3.73
C LEU A 33 3.17 4.06 2.66
N LEU A 34 2.30 5.01 2.37
CA LEU A 34 2.55 5.95 1.28
C LEU A 34 3.86 6.65 1.44
N GLY A 35 4.74 6.48 0.47
CA GLY A 35 6.05 7.07 0.52
C GLY A 35 6.96 6.36 1.52
N TYR A 36 6.65 5.13 1.82
CA TYR A 36 7.47 4.31 2.71
C TYR A 36 8.26 3.25 1.93
N LYS A 37 9.06 2.47 2.66
CA LYS A 37 9.89 1.45 2.07
C LYS A 37 10.21 0.38 3.11
N LYS A 38 10.82 -0.70 2.65
CA LYS A 38 11.34 -1.71 3.54
C LYS A 38 12.70 -1.32 4.06
N GLY A 39 12.80 -1.12 5.38
CA GLY A 39 14.04 -0.64 5.96
C GLY A 39 14.59 -1.54 7.05
N GLU A 40 13.71 -2.08 7.87
CA GLU A 40 14.15 -2.85 9.04
C GLU A 40 14.41 -4.31 8.65
N GLY A 41 14.15 -4.64 7.39
CA GLY A 41 14.25 -6.02 6.94
C GLY A 41 12.93 -6.75 7.12
N ASN A 42 12.18 -6.90 6.02
CA ASN A 42 10.78 -7.32 6.08
C ASN A 42 10.04 -6.43 7.06
N THR A 43 10.04 -5.14 6.76
CA THR A 43 9.44 -4.14 7.62
C THR A 43 9.26 -2.87 6.81
N CYS A 44 8.67 -1.85 7.41
CA CYS A 44 8.38 -0.63 6.68
C CYS A 44 8.81 0.59 7.48
N VAL A 45 9.28 1.59 6.75
CA VAL A 45 9.74 2.85 7.34
C VAL A 45 9.54 3.96 6.32
N GLU A 46 9.59 5.20 6.79
CA GLU A 46 9.42 6.35 5.93
C GLU A 46 10.54 6.45 4.90
N ASN A 47 10.16 6.35 3.63
CA ASN A 47 11.10 6.46 2.52
C ASN A 47 11.25 7.92 2.15
N ASN A 48 12.43 8.46 2.36
CA ASN A 48 12.66 9.86 2.18
C ASN A 48 12.83 10.21 0.70
N ASN A 49 12.62 9.24 -0.17
CA ASN A 49 12.67 9.44 -1.61
C ASN A 49 11.89 8.32 -2.30
N PRO A 50 10.57 8.32 -2.14
CA PRO A 50 9.73 7.26 -2.66
C PRO A 50 9.57 7.32 -4.17
N THR A 51 9.70 6.16 -4.80
CA THR A 51 9.53 6.04 -6.23
C THR A 51 8.42 5.04 -6.51
N CYS A 52 7.72 5.24 -7.61
CA CYS A 52 6.67 4.33 -8.01
C CYS A 52 7.26 3.12 -8.74
N ASP A 53 6.41 2.12 -9.01
CA ASP A 53 6.82 0.78 -9.46
C ASP A 53 7.33 -0.04 -8.29
N ILE A 54 8.19 0.58 -7.50
CA ILE A 54 8.79 -0.07 -6.35
C ILE A 54 7.95 0.19 -5.14
N ASN A 55 7.23 -0.84 -4.70
CA ASN A 55 6.27 -0.70 -3.61
C ASN A 55 5.13 0.20 -4.07
N ASN A 56 5.12 0.47 -5.38
CA ASN A 56 4.21 1.41 -6.00
C ASN A 56 4.38 2.80 -5.34
N GLY A 57 5.55 3.02 -4.75
CA GLY A 57 5.80 4.25 -4.01
C GLY A 57 5.09 4.25 -2.67
N GLY A 58 4.69 3.07 -2.23
CA GLY A 58 3.96 2.94 -0.99
C GLY A 58 2.48 2.81 -1.25
N CYS A 59 2.14 2.55 -2.50
CA CYS A 59 0.75 2.51 -2.93
C CYS A 59 0.35 1.09 -3.33
N ASP A 60 -0.92 0.94 -3.72
CA ASP A 60 -1.47 -0.35 -4.15
C ASP A 60 -1.46 -0.40 -5.67
N PRO A 61 -1.14 -1.57 -6.26
CA PRO A 61 -1.06 -1.75 -7.70
C PRO A 61 -2.31 -1.31 -8.45
N THR A 62 -3.45 -1.28 -7.76
CA THR A 62 -4.67 -0.76 -8.35
C THR A 62 -4.74 0.75 -8.16
N ALA A 63 -4.11 1.22 -7.10
CA ALA A 63 -4.00 2.63 -6.82
C ALA A 63 -2.99 3.29 -7.76
N SER A 64 -3.50 4.00 -8.77
CA SER A 64 -2.65 4.68 -9.74
C SER A 64 -1.63 5.57 -9.03
N CYS A 65 -0.37 5.11 -9.02
CA CYS A 65 0.71 5.82 -8.36
C CYS A 65 1.34 6.87 -9.25
N GLN A 66 1.81 7.94 -8.62
CA GLN A 66 2.65 8.93 -9.26
C GLN A 66 3.77 9.30 -8.31
N ASN A 67 5.02 9.11 -8.75
CA ASN A 67 6.16 9.37 -7.92
C ASN A 67 6.44 10.87 -7.84
N ALA A 68 6.61 11.35 -6.62
CA ALA A 68 6.76 12.78 -6.39
C ALA A 68 7.71 13.05 -5.23
N GLU A 69 8.14 14.29 -5.13
CA GLU A 69 8.94 14.73 -4.01
C GLU A 69 8.18 15.79 -3.23
N SER A 70 8.28 15.73 -1.92
CA SER A 70 7.60 16.64 -1.02
C SER A 70 8.38 16.70 0.30
N THR A 71 7.98 17.56 1.21
CA THR A 71 8.62 17.61 2.52
C THR A 71 8.36 16.31 3.26
N GLU A 72 7.07 15.99 3.39
CA GLU A 72 6.64 14.71 3.94
C GLU A 72 6.98 13.61 2.96
N ASN A 73 7.58 12.53 3.45
CA ASN A 73 7.84 11.37 2.62
C ASN A 73 6.52 10.73 2.24
N SER A 74 5.56 10.79 3.15
CA SER A 74 4.30 10.09 2.98
C SER A 74 3.33 10.88 2.10
N LYS A 75 3.59 12.17 1.97
CA LYS A 75 2.71 13.02 1.17
C LYS A 75 3.30 13.27 -0.21
N LYS A 76 4.18 12.37 -0.64
CA LYS A 76 4.79 12.49 -1.95
C LYS A 76 4.02 11.68 -2.99
N ILE A 77 3.93 10.39 -2.76
CA ILE A 77 3.41 9.48 -3.76
C ILE A 77 1.89 9.54 -3.81
N ILE A 78 1.37 9.48 -5.01
CA ILE A 78 -0.06 9.53 -5.25
C ILE A 78 -0.61 8.11 -5.41
N CYS A 79 -1.74 7.83 -4.78
CA CYS A 79 -2.41 6.57 -4.95
C CYS A 79 -3.87 6.79 -5.33
N THR A 80 -4.35 5.98 -6.25
CA THR A 80 -5.68 6.13 -6.77
C THR A 80 -6.43 4.81 -6.91
N CYS A 81 -7.30 4.52 -5.96
CA CYS A 81 -8.20 3.38 -6.10
C CYS A 81 -9.52 3.90 -6.67
N LYS A 82 -10.11 3.12 -7.56
CA LYS A 82 -11.17 3.60 -8.43
C LYS A 82 -12.50 2.91 -8.16
N GLU A 83 -13.49 3.18 -9.01
CA GLU A 83 -14.83 2.61 -8.87
C GLU A 83 -14.80 1.07 -8.84
N PRO A 84 -14.10 0.40 -9.78
CA PRO A 84 -14.03 -1.08 -9.81
C PRO A 84 -13.26 -1.67 -8.64
N THR A 85 -12.89 -0.82 -7.69
CA THR A 85 -12.08 -1.29 -6.57
C THR A 85 -12.76 -0.95 -5.23
N PRO A 86 -13.29 -2.01 -4.56
CA PRO A 86 -13.93 -1.94 -3.24
C PRO A 86 -13.34 -0.91 -2.24
N ASN A 87 -12.01 -0.86 -2.07
CA ASN A 87 -11.44 0.05 -1.05
C ASN A 87 -10.04 0.55 -1.40
N ALA A 88 -9.64 1.64 -0.75
CA ALA A 88 -8.26 2.09 -0.71
C ALA A 88 -7.76 2.04 0.74
N TYR A 89 -6.91 1.07 1.03
CA TYR A 89 -6.41 0.83 2.36
C TYR A 89 -5.20 1.69 2.64
N TYR A 90 -5.19 2.38 3.78
CA TYR A 90 -4.10 3.30 4.11
C TYR A 90 -3.92 4.30 3.00
N GLU A 91 -5.03 4.98 2.69
CA GLU A 91 -5.07 6.05 1.70
C GLU A 91 -4.88 5.52 0.27
N GLY A 92 -4.58 4.25 0.17
CA GLY A 92 -4.37 3.64 -1.13
C GLY A 92 -3.06 2.88 -1.21
N VAL A 93 -2.51 2.51 -0.06
CA VAL A 93 -1.38 1.58 -0.02
C VAL A 93 -1.87 0.21 -0.43
N PHE A 94 -3.15 -0.01 -0.21
CA PHE A 94 -3.81 -1.23 -0.64
C PHE A 94 -5.23 -0.93 -0.99
N CYS A 95 -5.95 -1.99 -1.14
CA CYS A 95 -7.36 -1.97 -1.39
C CYS A 95 -7.98 -3.01 -0.46
N SER A 96 -9.29 -3.09 -0.34
CA SER A 96 -9.93 -4.06 0.54
C SER A 96 -11.44 -4.10 0.33
N SER A 97 -12.09 -5.01 1.04
CA SER A 97 -13.52 -5.26 0.86
C SER A 97 -14.40 -4.16 1.43
N SER A 98 -14.30 -2.98 0.86
CA SER A 98 -15.17 -1.88 1.26
C SER A 98 -16.23 -1.67 0.18
N SER A 99 -17.30 -0.98 0.54
CA SER A 99 -18.37 -0.69 -0.40
C SER A 99 -19.04 0.62 -0.03
N GLY A 1 -6.13 -3.62 -12.88
CA GLY A 1 -7.10 -3.44 -11.77
C GLY A 1 -7.63 -4.77 -11.27
N VAL A 2 -7.94 -4.82 -9.98
CA VAL A 2 -8.46 -6.03 -9.35
C VAL A 2 -9.69 -5.67 -8.53
N ASP A 3 -10.20 -6.63 -7.78
CA ASP A 3 -11.33 -6.42 -6.89
C ASP A 3 -10.87 -6.47 -5.45
N PRO A 4 -10.54 -5.32 -4.87
CA PRO A 4 -10.14 -5.17 -3.46
C PRO A 4 -10.83 -6.07 -2.42
N LYS A 5 -12.03 -6.58 -2.69
CA LYS A 5 -12.83 -7.45 -1.76
C LYS A 5 -12.04 -8.61 -1.09
N HIS A 6 -10.74 -8.66 -1.30
CA HIS A 6 -9.82 -9.69 -0.78
C HIS A 6 -9.80 -9.71 0.74
N VAL A 7 -10.27 -8.62 1.32
CA VAL A 7 -10.36 -8.42 2.79
C VAL A 7 -9.06 -8.71 3.52
N CYS A 8 -9.14 -8.71 4.84
CA CYS A 8 -8.06 -9.14 5.68
C CYS A 8 -8.59 -9.64 7.02
N VAL A 9 -7.99 -10.69 7.54
CA VAL A 9 -8.48 -11.32 8.76
C VAL A 9 -7.37 -11.44 9.81
N ASP A 10 -6.25 -11.99 9.40
CA ASP A 10 -5.17 -12.29 10.34
C ASP A 10 -4.12 -11.20 10.32
N THR A 11 -3.35 -11.15 9.23
CA THR A 11 -2.32 -10.12 9.04
C THR A 11 -1.36 -10.02 10.24
N ARG A 12 -1.00 -11.19 10.77
CA ARG A 12 -0.03 -11.27 11.86
C ARG A 12 1.39 -11.13 11.32
N ASP A 13 1.53 -11.42 10.03
CA ASP A 13 2.81 -11.30 9.34
C ASP A 13 3.10 -9.85 9.01
N ILE A 14 2.09 -9.01 9.18
CA ILE A 14 2.14 -7.62 8.75
C ILE A 14 2.94 -6.76 9.74
N PRO A 15 4.12 -6.29 9.28
CA PRO A 15 5.06 -5.48 10.08
C PRO A 15 4.60 -4.05 10.38
N LYS A 16 5.46 -3.34 11.12
CA LYS A 16 5.28 -1.93 11.43
C LYS A 16 5.28 -1.07 10.18
N ASN A 17 4.44 -0.02 10.20
CA ASN A 17 4.38 0.97 9.12
C ASN A 17 3.91 0.33 7.84
N ALA A 18 3.41 -0.88 7.96
CA ALA A 18 2.91 -1.62 6.84
C ALA A 18 1.42 -1.83 6.99
N GLY A 19 0.70 -1.61 5.90
CA GLY A 19 -0.73 -1.81 5.92
C GLY A 19 -1.08 -3.27 5.84
N CYS A 20 -2.27 -3.66 6.27
CA CYS A 20 -2.62 -5.05 6.29
C CYS A 20 -3.59 -5.39 5.16
N PHE A 21 -3.32 -6.48 4.46
CA PHE A 21 -4.14 -6.90 3.33
C PHE A 21 -4.15 -8.42 3.21
N ARG A 22 -5.20 -8.96 2.65
CA ARG A 22 -5.25 -10.36 2.23
C ARG A 22 -5.49 -10.40 0.75
N ASP A 23 -4.94 -11.35 0.05
CA ASP A 23 -5.26 -11.52 -1.35
C ASP A 23 -6.38 -12.54 -1.51
N ASP A 24 -7.02 -12.55 -2.68
CA ASP A 24 -8.12 -13.45 -2.96
C ASP A 24 -7.66 -14.90 -2.90
N ASP A 25 -6.36 -15.10 -3.10
CA ASP A 25 -5.75 -16.41 -3.03
C ASP A 25 -5.79 -16.97 -1.60
N GLY A 26 -5.80 -16.07 -0.63
CA GLY A 26 -5.77 -16.50 0.76
C GLY A 26 -4.50 -16.04 1.45
N THR A 27 -3.56 -15.55 0.66
CA THR A 27 -2.30 -15.04 1.18
C THR A 27 -2.47 -13.65 1.78
N LYS A 28 -2.03 -13.47 3.01
CA LYS A 28 -2.05 -12.15 3.62
C LYS A 28 -0.79 -11.42 3.23
N GLU A 29 -0.96 -10.18 2.88
CA GLU A 29 0.13 -9.38 2.40
C GLU A 29 0.30 -8.15 3.22
N TRP A 30 1.42 -7.51 2.98
CA TRP A 30 1.74 -6.26 3.59
C TRP A 30 2.56 -5.43 2.64
N ARG A 31 2.38 -4.15 2.72
CA ARG A 31 3.07 -3.20 1.89
C ARG A 31 3.45 -2.06 2.76
N CYS A 32 4.25 -1.21 2.22
CA CYS A 32 4.82 -0.16 3.01
C CYS A 32 4.13 1.09 2.61
N LEU A 33 3.66 1.78 3.63
CA LEU A 33 2.78 2.92 3.50
C LEU A 33 3.24 3.93 2.47
N LEU A 34 2.42 4.93 2.21
CA LEU A 34 2.70 5.88 1.15
C LEU A 34 4.01 6.60 1.39
N GLY A 35 4.95 6.37 0.49
CA GLY A 35 6.26 6.95 0.62
C GLY A 35 7.17 6.16 1.53
N TYR A 36 6.70 5.01 1.97
CA TYR A 36 7.48 4.13 2.83
C TYR A 36 8.27 3.09 2.04
N LYS A 37 9.15 2.39 2.75
CA LYS A 37 10.01 1.38 2.16
C LYS A 37 10.36 0.36 3.23
N LYS A 38 10.80 -0.82 2.83
CA LYS A 38 11.28 -1.81 3.78
C LYS A 38 12.61 -1.39 4.36
N GLY A 39 12.61 -1.06 5.65
CA GLY A 39 13.82 -0.54 6.27
C GLY A 39 14.35 -1.46 7.35
N GLU A 40 13.49 -1.81 8.30
CA GLU A 40 13.89 -2.61 9.44
C GLU A 40 14.40 -3.98 9.02
N GLY A 41 13.48 -4.80 8.55
CA GLY A 41 13.80 -6.13 8.07
C GLY A 41 12.53 -6.94 7.96
N ASN A 42 11.97 -6.98 6.74
CA ASN A 42 10.59 -7.40 6.57
C ASN A 42 9.72 -6.47 7.36
N THR A 43 9.75 -5.19 6.98
CA THR A 43 9.10 -4.14 7.74
C THR A 43 9.03 -2.91 6.87
N CYS A 44 8.48 -1.83 7.39
CA CYS A 44 8.39 -0.62 6.62
C CYS A 44 8.77 0.59 7.47
N VAL A 45 9.31 1.60 6.80
CA VAL A 45 9.71 2.85 7.42
C VAL A 45 9.50 4.00 6.46
N GLU A 46 9.51 5.21 6.98
CA GLU A 46 9.32 6.41 6.17
C GLU A 46 10.47 6.63 5.22
N ASN A 47 10.29 6.15 4.00
CA ASN A 47 11.24 6.38 2.93
C ASN A 47 11.13 7.81 2.44
N ASN A 48 11.96 8.68 2.99
CA ASN A 48 11.86 10.12 2.73
C ASN A 48 12.33 10.51 1.33
N ASN A 49 12.16 9.57 0.40
CA ASN A 49 12.47 9.78 -1.01
C ASN A 49 11.80 8.67 -1.83
N PRO A 50 10.47 8.72 -1.93
CA PRO A 50 9.69 7.67 -2.56
C PRO A 50 9.57 7.86 -4.07
N THR A 51 9.74 6.76 -4.79
CA THR A 51 9.64 6.76 -6.22
C THR A 51 8.58 5.77 -6.65
N CYS A 52 7.96 5.99 -7.80
CA CYS A 52 7.07 5.02 -8.37
C CYS A 52 7.91 3.95 -9.07
N ASP A 53 7.27 2.92 -9.62
CA ASP A 53 7.94 1.71 -10.14
C ASP A 53 8.26 0.76 -9.00
N ILE A 54 8.74 1.32 -7.92
CA ILE A 54 9.28 0.56 -6.81
C ILE A 54 8.34 0.64 -5.63
N ASN A 55 7.68 -0.48 -5.34
CA ASN A 55 6.70 -0.54 -4.26
C ASN A 55 5.53 0.36 -4.59
N ASN A 56 5.49 0.80 -5.85
CA ASN A 56 4.52 1.76 -6.35
C ASN A 56 4.58 3.04 -5.50
N GLY A 57 5.77 3.33 -4.96
CA GLY A 57 5.93 4.48 -4.08
C GLY A 57 5.21 4.29 -2.76
N GLY A 58 4.98 3.04 -2.39
CA GLY A 58 4.28 2.73 -1.17
C GLY A 58 2.79 2.57 -1.42
N CYS A 59 2.45 2.35 -2.68
CA CYS A 59 1.06 2.25 -3.10
C CYS A 59 0.74 0.85 -3.58
N ASP A 60 -0.52 0.62 -3.94
CA ASP A 60 -0.96 -0.67 -4.45
C ASP A 60 -1.01 -0.60 -5.97
N PRO A 61 -0.63 -1.72 -6.64
CA PRO A 61 -0.63 -1.80 -8.10
C PRO A 61 -1.95 -1.36 -8.75
N THR A 62 -3.05 -1.44 -8.00
CA THR A 62 -4.33 -0.96 -8.48
C THR A 62 -4.41 0.56 -8.31
N ALA A 63 -3.83 1.04 -7.22
CA ALA A 63 -3.77 2.45 -6.92
C ALA A 63 -2.81 3.15 -7.88
N SER A 64 -3.38 3.93 -8.79
CA SER A 64 -2.58 4.70 -9.74
C SER A 64 -1.65 5.65 -8.99
N CYS A 65 -0.40 5.25 -8.88
CA CYS A 65 0.60 6.00 -8.15
C CYS A 65 1.22 7.12 -9.00
N GLN A 66 1.62 8.17 -8.30
CA GLN A 66 2.35 9.27 -8.90
C GLN A 66 3.63 9.50 -8.11
N ASN A 67 4.73 9.62 -8.81
CA ASN A 67 6.01 9.88 -8.16
C ASN A 67 6.23 11.38 -8.06
N ALA A 68 6.31 11.86 -6.84
CA ALA A 68 6.44 13.28 -6.57
C ALA A 68 7.36 13.50 -5.37
N GLU A 69 7.82 14.73 -5.21
CA GLU A 69 8.74 15.05 -4.13
C GLU A 69 8.16 16.13 -3.21
N SER A 70 8.42 15.98 -1.92
CA SER A 70 7.96 16.89 -0.89
C SER A 70 8.87 16.76 0.32
N THR A 71 8.49 17.35 1.43
CA THR A 71 9.19 17.11 2.69
C THR A 71 8.57 15.91 3.42
N GLU A 72 7.46 15.42 2.88
CA GLU A 72 6.69 14.33 3.48
C GLU A 72 6.48 13.21 2.48
N ASN A 73 7.19 12.09 2.66
CA ASN A 73 7.04 10.97 1.74
C ASN A 73 5.61 10.48 1.68
N SER A 74 4.84 10.74 2.71
CA SER A 74 3.50 10.18 2.80
C SER A 74 2.49 10.96 1.98
N LYS A 75 2.87 12.16 1.54
CA LYS A 75 2.00 12.94 0.68
C LYS A 75 2.71 13.30 -0.64
N LYS A 76 3.79 12.58 -0.93
CA LYS A 76 4.47 12.73 -2.20
C LYS A 76 3.82 11.85 -3.24
N ILE A 77 3.74 10.58 -2.91
CA ILE A 77 3.18 9.61 -3.81
C ILE A 77 1.69 9.62 -3.72
N ILE A 78 1.06 9.75 -4.86
CA ILE A 78 -0.40 9.77 -4.93
C ILE A 78 -0.91 8.43 -5.40
N CYS A 79 -1.66 7.76 -4.54
CA CYS A 79 -2.28 6.50 -4.89
C CYS A 79 -3.71 6.74 -5.35
N THR A 80 -4.17 5.93 -6.29
CA THR A 80 -5.51 6.07 -6.79
C THR A 80 -6.23 4.73 -6.95
N CYS A 81 -7.09 4.43 -5.99
CA CYS A 81 -8.02 3.33 -6.15
C CYS A 81 -9.34 3.92 -6.63
N LYS A 82 -10.04 3.19 -7.48
CA LYS A 82 -11.13 3.76 -8.25
C LYS A 82 -12.48 3.13 -7.93
N GLU A 83 -13.49 3.50 -8.68
CA GLU A 83 -14.84 2.98 -8.50
C GLU A 83 -14.90 1.44 -8.67
N PRO A 84 -14.24 0.85 -9.69
CA PRO A 84 -14.21 -0.61 -9.86
C PRO A 84 -13.41 -1.33 -8.77
N THR A 85 -12.98 -0.60 -7.76
CA THR A 85 -12.18 -1.20 -6.70
C THR A 85 -12.78 -0.91 -5.32
N PRO A 86 -13.30 -1.96 -4.66
CA PRO A 86 -13.92 -1.91 -3.32
C PRO A 86 -13.25 -1.00 -2.26
N ASN A 87 -11.93 -0.82 -2.30
CA ASN A 87 -11.23 -0.12 -1.23
C ASN A 87 -9.87 0.43 -1.64
N ALA A 88 -9.38 1.35 -0.81
CA ALA A 88 -7.98 1.77 -0.81
C ALA A 88 -7.49 1.80 0.63
N TYR A 89 -6.69 0.82 1.01
CA TYR A 89 -6.20 0.72 2.37
C TYR A 89 -5.03 1.65 2.53
N TYR A 90 -5.05 2.46 3.57
CA TYR A 90 -3.96 3.40 3.79
C TYR A 90 -3.84 4.30 2.59
N GLU A 91 -4.97 4.94 2.27
CA GLU A 91 -5.08 5.91 1.17
C GLU A 91 -5.06 5.22 -0.19
N GLY A 92 -4.29 4.15 -0.27
CA GLY A 92 -4.16 3.41 -1.50
C GLY A 92 -2.89 2.59 -1.52
N VAL A 93 -2.50 2.09 -0.35
CA VAL A 93 -1.36 1.19 -0.25
C VAL A 93 -1.80 -0.21 -0.66
N PHE A 94 -3.10 -0.46 -0.47
CA PHE A 94 -3.74 -1.70 -0.93
C PHE A 94 -5.17 -1.42 -1.33
N CYS A 95 -5.89 -2.46 -1.64
CA CYS A 95 -7.30 -2.36 -1.87
C CYS A 95 -8.03 -3.57 -1.29
N SER A 96 -8.92 -3.30 -0.35
CA SER A 96 -9.62 -4.31 0.48
C SER A 96 -11.14 -4.37 0.20
N SER A 97 -11.84 -5.27 0.90
CA SER A 97 -13.29 -5.50 0.72
C SER A 97 -14.08 -4.22 0.52
N SER A 98 -13.62 -3.17 1.19
CA SER A 98 -14.34 -1.90 1.32
C SER A 98 -13.59 -1.01 2.30
N SER A 99 -13.41 -1.50 3.52
CA SER A 99 -12.67 -0.80 4.55
C SER A 99 -12.64 -1.69 5.80
N GLY A 1 -7.37 -2.98 -13.23
CA GLY A 1 -7.66 -3.09 -11.79
C GLY A 1 -7.96 -4.52 -11.37
N VAL A 2 -8.12 -4.71 -10.08
CA VAL A 2 -8.48 -5.99 -9.51
C VAL A 2 -9.73 -5.82 -8.66
N ASP A 3 -10.07 -6.83 -7.88
CA ASP A 3 -11.17 -6.73 -6.96
C ASP A 3 -10.68 -6.81 -5.54
N PRO A 4 -10.35 -5.65 -4.96
CA PRO A 4 -9.92 -5.47 -3.57
C PRO A 4 -10.58 -6.36 -2.50
N LYS A 5 -11.76 -6.93 -2.78
CA LYS A 5 -12.50 -7.87 -1.88
C LYS A 5 -11.64 -8.99 -1.22
N HIS A 6 -10.34 -8.90 -1.39
CA HIS A 6 -9.30 -9.78 -0.86
C HIS A 6 -9.23 -9.77 0.69
N VAL A 7 -10.36 -9.58 1.34
CA VAL A 7 -10.45 -9.37 2.81
C VAL A 7 -9.46 -10.17 3.64
N CYS A 8 -8.98 -9.51 4.69
CA CYS A 8 -7.93 -10.03 5.53
C CYS A 8 -8.47 -10.55 6.86
N VAL A 9 -7.87 -11.62 7.33
CA VAL A 9 -8.25 -12.22 8.59
C VAL A 9 -7.29 -11.81 9.69
N ASP A 10 -6.05 -12.25 9.56
CA ASP A 10 -5.06 -12.10 10.61
C ASP A 10 -4.25 -10.83 10.46
N THR A 11 -3.40 -10.80 9.43
CA THR A 11 -2.51 -9.66 9.19
C THR A 11 -1.70 -9.29 10.44
N ARG A 12 -1.36 -10.31 11.22
CA ARG A 12 -0.55 -10.13 12.41
C ARG A 12 0.92 -10.19 12.03
N ASP A 13 1.16 -10.81 10.89
CA ASP A 13 2.49 -10.95 10.31
C ASP A 13 2.94 -9.62 9.74
N ILE A 14 1.98 -8.72 9.59
CA ILE A 14 2.19 -7.43 8.98
C ILE A 14 3.03 -6.53 9.89
N PRO A 15 4.23 -6.16 9.43
CA PRO A 15 5.20 -5.37 10.19
C PRO A 15 4.73 -3.96 10.51
N LYS A 16 5.58 -3.22 11.24
CA LYS A 16 5.28 -1.83 11.56
C LYS A 16 5.38 -0.97 10.31
N ASN A 17 4.69 0.15 10.34
CA ASN A 17 4.64 1.12 9.22
C ASN A 17 4.12 0.46 7.96
N ALA A 18 3.60 -0.74 8.10
CA ALA A 18 3.10 -1.51 7.00
C ALA A 18 1.59 -1.68 7.13
N GLY A 19 0.91 -1.44 6.03
CA GLY A 19 -0.53 -1.66 6.01
C GLY A 19 -0.83 -3.13 5.86
N CYS A 20 -2.02 -3.55 6.24
CA CYS A 20 -2.34 -4.96 6.23
C CYS A 20 -3.30 -5.29 5.11
N PHE A 21 -2.99 -6.35 4.37
CA PHE A 21 -3.82 -6.76 3.26
C PHE A 21 -3.82 -8.29 3.15
N ARG A 22 -4.87 -8.82 2.60
CA ARG A 22 -4.93 -10.21 2.22
C ARG A 22 -5.14 -10.25 0.73
N ASP A 23 -4.63 -11.25 0.06
CA ASP A 23 -5.05 -11.47 -1.31
C ASP A 23 -6.08 -12.57 -1.32
N ASP A 24 -7.02 -12.51 -2.26
CA ASP A 24 -8.15 -13.43 -2.28
C ASP A 24 -7.68 -14.84 -2.65
N ASP A 25 -6.41 -14.97 -3.00
CA ASP A 25 -5.78 -16.26 -3.17
C ASP A 25 -5.66 -16.97 -1.82
N GLY A 26 -5.56 -16.17 -0.76
CA GLY A 26 -5.50 -16.70 0.58
C GLY A 26 -4.21 -16.35 1.31
N THR A 27 -3.48 -15.38 0.78
CA THR A 27 -2.23 -14.96 1.39
C THR A 27 -2.37 -13.56 2.00
N LYS A 28 -1.90 -13.39 3.23
CA LYS A 28 -1.92 -12.07 3.85
C LYS A 28 -0.64 -11.33 3.50
N GLU A 29 -0.81 -10.20 2.87
CA GLU A 29 0.30 -9.38 2.43
C GLU A 29 0.40 -8.11 3.24
N TRP A 30 1.51 -7.45 3.07
CA TRP A 30 1.75 -6.18 3.71
C TRP A 30 2.59 -5.33 2.79
N ARG A 31 2.37 -4.06 2.86
CA ARG A 31 3.07 -3.10 2.05
C ARG A 31 3.47 -1.96 2.92
N CYS A 32 4.25 -1.10 2.37
CA CYS A 32 4.83 -0.04 3.13
C CYS A 32 4.11 1.21 2.74
N LEU A 33 3.65 1.89 3.77
CA LEU A 33 2.76 3.04 3.66
C LEU A 33 3.21 4.05 2.62
N LEU A 34 2.41 5.07 2.41
CA LEU A 34 2.68 6.02 1.35
C LEU A 34 4.01 6.72 1.54
N GLY A 35 4.90 6.47 0.60
CA GLY A 35 6.24 7.02 0.70
C GLY A 35 7.11 6.25 1.67
N TYR A 36 6.67 5.08 2.05
CA TYR A 36 7.44 4.21 2.90
C TYR A 36 8.20 3.17 2.07
N LYS A 37 9.02 2.37 2.75
CA LYS A 37 9.84 1.36 2.10
C LYS A 37 10.20 0.27 3.09
N LYS A 38 10.54 -0.89 2.60
CA LYS A 38 11.09 -1.94 3.45
C LYS A 38 12.49 -1.58 3.92
N GLY A 39 12.65 -1.42 5.23
CA GLY A 39 13.91 -0.97 5.76
C GLY A 39 14.48 -1.88 6.83
N GLU A 40 13.62 -2.38 7.70
CA GLU A 40 14.06 -3.16 8.85
C GLU A 40 14.27 -4.63 8.47
N GLY A 41 13.85 -4.99 7.26
CA GLY A 41 13.91 -6.38 6.83
C GLY A 41 12.59 -7.06 7.08
N ASN A 42 11.77 -7.17 6.04
CA ASN A 42 10.36 -7.54 6.20
C ASN A 42 9.72 -6.58 7.18
N THR A 43 9.77 -5.30 6.84
CA THR A 43 9.30 -4.24 7.72
C THR A 43 9.30 -2.96 6.92
N CYS A 44 8.63 -1.94 7.39
CA CYS A 44 8.51 -0.73 6.61
C CYS A 44 8.92 0.48 7.44
N VAL A 45 9.39 1.50 6.75
CA VAL A 45 9.88 2.73 7.36
C VAL A 45 9.64 3.89 6.41
N GLU A 46 9.76 5.10 6.93
CA GLU A 46 9.56 6.31 6.13
C GLU A 46 10.67 6.45 5.09
N ASN A 47 10.32 6.19 3.83
CA ASN A 47 11.24 6.37 2.72
C ASN A 47 11.17 7.80 2.25
N ASN A 48 12.08 8.63 2.74
CA ASN A 48 11.98 10.07 2.53
C ASN A 48 12.39 10.49 1.12
N ASN A 49 12.27 9.55 0.20
CA ASN A 49 12.50 9.78 -1.22
C ASN A 49 11.78 8.69 -2.00
N PRO A 50 10.44 8.70 -1.98
CA PRO A 50 9.63 7.64 -2.56
C PRO A 50 9.51 7.77 -4.07
N THR A 51 9.69 6.66 -4.74
CA THR A 51 9.62 6.60 -6.18
C THR A 51 8.54 5.61 -6.58
N CYS A 52 7.95 5.85 -7.74
CA CYS A 52 7.00 4.90 -8.29
C CYS A 52 7.78 3.78 -8.96
N ASP A 53 7.08 2.75 -9.44
CA ASP A 53 7.70 1.53 -9.98
C ASP A 53 8.14 0.59 -8.85
N ILE A 54 8.55 1.17 -7.73
CA ILE A 54 9.03 0.39 -6.61
C ILE A 54 8.08 0.53 -5.45
N ASN A 55 7.34 -0.55 -5.18
CA ASN A 55 6.35 -0.56 -4.12
C ASN A 55 5.21 0.38 -4.48
N ASN A 56 5.21 0.80 -5.74
CA ASN A 56 4.27 1.80 -6.24
C ASN A 56 4.41 3.08 -5.39
N GLY A 57 5.60 3.31 -4.85
CA GLY A 57 5.83 4.45 -3.98
C GLY A 57 5.13 4.30 -2.65
N GLY A 58 4.74 3.07 -2.33
CA GLY A 58 4.01 2.81 -1.11
C GLY A 58 2.53 2.69 -1.37
N CYS A 59 2.18 2.50 -2.63
CA CYS A 59 0.80 2.47 -3.06
C CYS A 59 0.41 1.09 -3.58
N ASP A 60 -0.85 0.96 -3.96
CA ASP A 60 -1.40 -0.28 -4.46
C ASP A 60 -1.41 -0.24 -5.99
N PRO A 61 -1.11 -1.39 -6.62
CA PRO A 61 -1.01 -1.50 -8.07
C PRO A 61 -2.22 -0.93 -8.82
N THR A 62 -3.40 -0.99 -8.19
CA THR A 62 -4.59 -0.42 -8.80
C THR A 62 -4.73 1.05 -8.43
N ALA A 63 -4.11 1.42 -7.31
CA ALA A 63 -4.01 2.82 -6.93
C ALA A 63 -2.95 3.50 -7.78
N SER A 64 -3.37 4.07 -8.91
CA SER A 64 -2.45 4.68 -9.87
C SER A 64 -1.52 5.67 -9.19
N CYS A 65 -0.25 5.30 -9.11
CA CYS A 65 0.73 6.06 -8.36
C CYS A 65 1.46 7.09 -9.21
N GLN A 66 1.84 8.18 -8.55
CA GLN A 66 2.65 9.23 -9.15
C GLN A 66 3.78 9.59 -8.20
N ASN A 67 5.02 9.50 -8.67
CA ASN A 67 6.17 9.82 -7.88
C ASN A 67 6.37 11.33 -7.76
N ALA A 68 6.79 11.76 -6.58
CA ALA A 68 6.96 13.18 -6.30
C ALA A 68 7.84 13.38 -5.07
N GLU A 69 8.34 14.60 -4.90
CA GLU A 69 9.20 14.91 -3.77
C GLU A 69 8.57 15.96 -2.83
N SER A 70 8.84 15.80 -1.54
CA SER A 70 8.40 16.72 -0.50
C SER A 70 9.23 16.48 0.75
N THR A 71 8.85 17.11 1.85
CA THR A 71 9.43 16.75 3.14
C THR A 71 8.70 15.54 3.72
N GLU A 72 7.47 15.36 3.27
CA GLU A 72 6.60 14.31 3.78
C GLU A 72 6.41 13.22 2.75
N ASN A 73 7.10 12.12 2.91
CA ASN A 73 6.99 11.01 1.96
C ASN A 73 5.56 10.49 1.84
N SER A 74 4.73 10.77 2.84
CA SER A 74 3.40 10.21 2.87
C SER A 74 2.41 11.02 2.03
N LYS A 75 2.84 12.19 1.57
CA LYS A 75 2.02 13.00 0.70
C LYS A 75 2.74 13.35 -0.59
N LYS A 76 3.82 12.62 -0.86
CA LYS A 76 4.53 12.77 -2.13
C LYS A 76 3.88 11.91 -3.18
N ILE A 77 3.77 10.64 -2.86
CA ILE A 77 3.23 9.68 -3.80
C ILE A 77 1.71 9.76 -3.82
N ILE A 78 1.18 9.67 -5.02
CA ILE A 78 -0.26 9.77 -5.23
C ILE A 78 -0.82 8.40 -5.54
N CYS A 79 -1.81 7.98 -4.77
CA CYS A 79 -2.47 6.71 -5.02
C CYS A 79 -3.94 6.91 -5.30
N THR A 80 -4.44 6.20 -6.29
CA THR A 80 -5.82 6.32 -6.68
C THR A 80 -6.48 4.97 -6.96
N CYS A 81 -7.31 4.52 -6.04
CA CYS A 81 -8.18 3.38 -6.28
C CYS A 81 -9.50 3.91 -6.84
N LYS A 82 -10.16 3.10 -7.65
CA LYS A 82 -11.25 3.59 -8.47
C LYS A 82 -12.52 2.77 -8.28
N GLU A 83 -13.51 3.06 -9.10
CA GLU A 83 -14.82 2.39 -9.01
C GLU A 83 -14.72 0.86 -9.00
N PRO A 84 -13.96 0.24 -9.92
CA PRO A 84 -13.85 -1.23 -9.97
C PRO A 84 -13.15 -1.83 -8.77
N THR A 85 -12.77 -1.00 -7.80
CA THR A 85 -12.01 -1.47 -6.67
C THR A 85 -12.75 -1.21 -5.35
N PRO A 86 -13.21 -2.30 -4.70
CA PRO A 86 -13.92 -2.29 -3.41
C PRO A 86 -13.32 -1.37 -2.33
N ASN A 87 -12.03 -1.04 -2.39
CA ASN A 87 -11.40 -0.33 -1.29
C ASN A 87 -10.08 0.32 -1.67
N ALA A 88 -9.63 1.22 -0.80
CA ALA A 88 -8.26 1.72 -0.80
C ALA A 88 -7.77 1.83 0.64
N TYR A 89 -6.89 0.93 1.04
CA TYR A 89 -6.39 0.90 2.40
C TYR A 89 -5.21 1.83 2.54
N TYR A 90 -5.14 2.52 3.66
CA TYR A 90 -4.01 3.40 3.94
C TYR A 90 -3.81 4.38 2.79
N GLU A 91 -4.90 5.07 2.45
CA GLU A 91 -4.90 6.14 1.47
C GLU A 91 -4.72 5.64 0.04
N GLY A 92 -4.43 4.37 -0.11
CA GLY A 92 -4.12 3.84 -1.43
C GLY A 92 -2.92 2.92 -1.44
N VAL A 93 -2.52 2.41 -0.26
CA VAL A 93 -1.42 1.46 -0.19
C VAL A 93 -1.91 0.09 -0.65
N PHE A 94 -3.20 -0.16 -0.45
CA PHE A 94 -3.83 -1.40 -0.91
C PHE A 94 -5.24 -1.15 -1.32
N CYS A 95 -5.91 -2.23 -1.69
CA CYS A 95 -7.32 -2.21 -1.93
C CYS A 95 -7.97 -3.49 -1.40
N SER A 96 -8.89 -3.31 -0.47
CA SER A 96 -9.51 -4.39 0.33
C SER A 96 -11.03 -4.54 0.09
N SER A 97 -11.63 -5.48 0.80
CA SER A 97 -13.07 -5.68 0.73
C SER A 97 -13.83 -4.53 1.38
N SER A 98 -13.88 -3.40 0.68
CA SER A 98 -14.63 -2.20 1.10
C SER A 98 -14.10 -1.59 2.40
N SER A 99 -14.00 -0.27 2.42
CA SER A 99 -13.57 0.45 3.60
C SER A 99 -14.64 0.36 4.68
N GLY A 1 -7.05 -2.65 -12.80
CA GLY A 1 -8.19 -2.61 -11.85
C GLY A 1 -8.58 -3.99 -11.36
N VAL A 2 -8.30 -4.25 -10.08
CA VAL A 2 -8.66 -5.52 -9.45
C VAL A 2 -9.79 -5.27 -8.46
N ASP A 3 -10.26 -6.33 -7.80
CA ASP A 3 -11.34 -6.22 -6.83
C ASP A 3 -10.82 -6.33 -5.41
N PRO A 4 -10.51 -5.18 -4.78
CA PRO A 4 -10.10 -5.07 -3.38
C PRO A 4 -10.81 -5.98 -2.36
N LYS A 5 -11.98 -6.52 -2.68
CA LYS A 5 -12.76 -7.44 -1.81
C LYS A 5 -11.93 -8.60 -1.19
N HIS A 6 -10.64 -8.59 -1.41
CA HIS A 6 -9.69 -9.60 -0.95
C HIS A 6 -9.67 -9.67 0.57
N VAL A 7 -10.14 -8.59 1.18
CA VAL A 7 -10.24 -8.41 2.64
C VAL A 7 -8.95 -8.67 3.39
N CYS A 8 -9.07 -8.75 4.70
CA CYS A 8 -7.98 -9.15 5.57
C CYS A 8 -8.55 -9.71 6.86
N VAL A 9 -7.94 -10.75 7.39
CA VAL A 9 -8.50 -11.46 8.54
C VAL A 9 -7.49 -11.57 9.68
N ASP A 10 -6.29 -12.00 9.35
CA ASP A 10 -5.27 -12.29 10.36
C ASP A 10 -4.24 -11.17 10.40
N THR A 11 -3.38 -11.14 9.39
CA THR A 11 -2.41 -10.07 9.20
C THR A 11 -1.56 -9.82 10.46
N ARG A 12 -1.15 -10.90 11.13
CA ARG A 12 -0.26 -10.79 12.26
C ARG A 12 1.20 -10.76 11.78
N ASP A 13 1.41 -11.23 10.56
CA ASP A 13 2.72 -11.18 9.91
C ASP A 13 2.98 -9.78 9.39
N ILE A 14 1.96 -8.94 9.50
CA ILE A 14 2.01 -7.57 9.02
C ILE A 14 2.75 -6.68 10.03
N PRO A 15 3.94 -6.21 9.63
CA PRO A 15 4.84 -5.40 10.47
C PRO A 15 4.33 -3.99 10.74
N LYS A 16 5.14 -3.22 11.46
CA LYS A 16 4.85 -1.83 11.75
C LYS A 16 5.00 -0.98 10.48
N ASN A 17 4.35 0.19 10.48
CA ASN A 17 4.35 1.11 9.34
C ASN A 17 3.90 0.43 8.05
N ALA A 18 3.34 -0.75 8.21
CA ALA A 18 2.90 -1.53 7.08
C ALA A 18 1.41 -1.76 7.16
N GLY A 19 0.74 -1.56 6.04
CA GLY A 19 -0.68 -1.79 5.99
C GLY A 19 -0.97 -3.27 5.82
N CYS A 20 -2.15 -3.71 6.19
CA CYS A 20 -2.47 -5.11 6.12
C CYS A 20 -3.42 -5.40 4.97
N PHE A 21 -3.22 -6.53 4.31
CA PHE A 21 -4.03 -6.91 3.17
C PHE A 21 -4.09 -8.43 3.03
N ARG A 22 -5.18 -8.93 2.48
CA ARG A 22 -5.25 -10.31 2.04
C ARG A 22 -5.37 -10.28 0.53
N ASP A 23 -4.82 -11.24 -0.17
CA ASP A 23 -5.05 -11.33 -1.60
C ASP A 23 -6.11 -12.39 -1.85
N ASP A 24 -6.79 -12.32 -3.00
CA ASP A 24 -7.90 -13.24 -3.29
C ASP A 24 -7.37 -14.65 -3.50
N ASP A 25 -6.05 -14.78 -3.52
CA ASP A 25 -5.38 -16.07 -3.51
C ASP A 25 -5.53 -16.75 -2.14
N GLY A 26 -5.65 -15.92 -1.10
CA GLY A 26 -5.71 -16.44 0.25
C GLY A 26 -4.51 -16.00 1.07
N THR A 27 -3.48 -15.54 0.38
CA THR A 27 -2.27 -15.06 1.03
C THR A 27 -2.47 -13.69 1.65
N LYS A 28 -1.96 -13.48 2.86
CA LYS A 28 -2.01 -12.17 3.48
C LYS A 28 -0.71 -11.46 3.21
N GLU A 29 -0.83 -10.20 2.88
CA GLU A 29 0.29 -9.39 2.50
C GLU A 29 0.38 -8.15 3.33
N TRP A 30 1.51 -7.50 3.16
CA TRP A 30 1.76 -6.23 3.79
C TRP A 30 2.65 -5.40 2.88
N ARG A 31 2.46 -4.12 2.96
CA ARG A 31 3.20 -3.18 2.14
C ARG A 31 3.63 -2.05 3.00
N CYS A 32 4.44 -1.22 2.45
CA CYS A 32 5.02 -0.15 3.19
C CYS A 32 4.35 1.09 2.74
N LEU A 33 3.83 1.79 3.73
CA LEU A 33 2.97 2.95 3.57
C LEU A 33 3.48 3.95 2.53
N LEU A 34 2.70 4.96 2.26
CA LEU A 34 3.02 5.90 1.21
C LEU A 34 4.35 6.59 1.47
N GLY A 35 5.30 6.31 0.59
CA GLY A 35 6.61 6.87 0.73
C GLY A 35 7.47 6.09 1.72
N TYR A 36 6.97 4.96 2.15
CA TYR A 36 7.68 4.08 3.05
C TYR A 36 8.45 3.00 2.29
N LYS A 37 9.16 2.18 3.03
CA LYS A 37 9.94 1.08 2.45
C LYS A 37 10.31 0.08 3.54
N LYS A 38 10.73 -1.12 3.14
CA LYS A 38 11.24 -2.09 4.10
C LYS A 38 12.61 -1.66 4.60
N GLY A 39 12.65 -1.23 5.85
CA GLY A 39 13.86 -0.71 6.43
C GLY A 39 14.40 -1.59 7.52
N GLU A 40 13.50 -2.06 8.37
CA GLU A 40 13.87 -2.94 9.47
C GLU A 40 14.13 -4.35 8.93
N GLY A 41 13.79 -4.54 7.66
CA GLY A 41 13.89 -5.85 7.05
C GLY A 41 12.54 -6.34 6.60
N ASN A 42 11.84 -6.98 7.52
CA ASN A 42 10.48 -7.44 7.30
C ASN A 42 9.58 -6.46 8.01
N THR A 43 9.65 -5.22 7.59
CA THR A 43 9.03 -4.13 8.31
C THR A 43 9.08 -2.91 7.43
N CYS A 44 8.36 -1.88 7.78
CA CYS A 44 8.34 -0.70 6.95
C CYS A 44 8.74 0.53 7.75
N VAL A 45 9.32 1.49 7.05
CA VAL A 45 9.81 2.72 7.64
C VAL A 45 9.61 3.85 6.66
N GLU A 46 9.69 5.07 7.15
CA GLU A 46 9.60 6.24 6.31
C GLU A 46 10.83 6.34 5.41
N ASN A 47 10.66 5.86 4.19
CA ASN A 47 11.70 5.95 3.15
C ASN A 47 11.99 7.41 2.84
N ASN A 48 10.94 8.23 2.90
CA ASN A 48 11.03 9.69 2.87
C ASN A 48 11.38 10.21 1.47
N ASN A 49 11.56 9.28 0.54
CA ASN A 49 11.94 9.61 -0.83
C ASN A 49 11.43 8.50 -1.73
N PRO A 50 10.14 8.51 -2.00
CA PRO A 50 9.47 7.44 -2.71
C PRO A 50 9.44 7.66 -4.22
N THR A 51 9.65 6.58 -4.94
CA THR A 51 9.60 6.59 -6.39
C THR A 51 8.55 5.60 -6.87
N CYS A 52 7.99 5.87 -8.04
CA CYS A 52 7.05 4.95 -8.64
C CYS A 52 7.85 3.84 -9.34
N ASP A 53 7.15 2.76 -9.73
CA ASP A 53 7.77 1.56 -10.29
C ASP A 53 8.30 0.65 -9.19
N ILE A 54 8.65 1.22 -8.06
CA ILE A 54 9.16 0.45 -6.93
C ILE A 54 8.24 0.60 -5.74
N ASN A 55 7.56 -0.49 -5.40
CA ASN A 55 6.60 -0.52 -4.31
C ASN A 55 5.43 0.40 -4.63
N ASN A 56 5.37 0.80 -5.90
CA ASN A 56 4.39 1.76 -6.38
C ASN A 56 4.51 3.07 -5.60
N GLY A 57 5.68 3.32 -5.02
CA GLY A 57 5.89 4.48 -4.18
C GLY A 57 5.24 4.31 -2.82
N GLY A 58 4.91 3.06 -2.51
CA GLY A 58 4.22 2.76 -1.27
C GLY A 58 2.73 2.60 -1.50
N CYS A 59 2.37 2.41 -2.76
CA CYS A 59 0.97 2.36 -3.17
C CYS A 59 0.58 0.97 -3.64
N ASP A 60 -0.68 0.83 -4.01
CA ASP A 60 -1.23 -0.45 -4.47
C ASP A 60 -1.22 -0.46 -5.99
N PRO A 61 -0.87 -1.61 -6.58
CA PRO A 61 -0.78 -1.78 -8.04
C PRO A 61 -1.99 -1.24 -8.79
N THR A 62 -3.16 -1.21 -8.14
CA THR A 62 -4.35 -0.64 -8.76
C THR A 62 -4.40 0.87 -8.53
N ALA A 63 -3.91 1.30 -7.36
CA ALA A 63 -3.81 2.70 -7.04
C ALA A 63 -2.90 3.41 -8.03
N SER A 64 -3.47 4.33 -8.79
CA SER A 64 -2.71 5.10 -9.78
C SER A 64 -1.60 5.90 -9.12
N CYS A 65 -0.38 5.38 -9.24
CA CYS A 65 0.80 5.99 -8.65
C CYS A 65 1.28 7.23 -9.41
N GLN A 66 1.99 8.08 -8.67
CA GLN A 66 2.77 9.15 -9.25
C GLN A 66 4.02 9.35 -8.41
N ASN A 67 5.16 9.45 -9.06
CA ASN A 67 6.39 9.72 -8.38
C ASN A 67 6.61 11.22 -8.30
N ALA A 68 6.96 11.68 -7.12
CA ALA A 68 7.07 13.09 -6.85
C ALA A 68 7.88 13.32 -5.59
N GLU A 69 8.29 14.55 -5.36
CA GLU A 69 9.00 14.89 -4.14
C GLU A 69 8.14 15.79 -3.25
N SER A 70 8.36 15.67 -1.95
CA SER A 70 7.58 16.40 -0.95
C SER A 70 8.31 16.37 0.38
N THR A 71 7.93 17.26 1.29
CA THR A 71 8.47 17.21 2.65
C THR A 71 7.96 15.98 3.38
N GLU A 72 6.90 15.38 2.83
CA GLU A 72 6.29 14.20 3.42
C GLU A 72 6.28 13.08 2.41
N ASN A 73 7.05 12.03 2.66
CA ASN A 73 7.07 10.85 1.79
C ASN A 73 5.67 10.33 1.48
N SER A 74 4.71 10.61 2.35
CA SER A 74 3.37 10.07 2.17
C SER A 74 2.48 10.99 1.34
N LYS A 75 2.99 12.18 0.98
CA LYS A 75 2.18 13.14 0.25
C LYS A 75 2.56 13.22 -1.22
N LYS A 76 3.82 12.92 -1.54
CA LYS A 76 4.30 13.16 -2.90
C LYS A 76 3.89 12.05 -3.85
N ILE A 77 3.84 10.82 -3.37
CA ILE A 77 3.35 9.74 -4.20
C ILE A 77 1.83 9.73 -4.15
N ILE A 78 1.24 9.68 -5.31
CA ILE A 78 -0.20 9.66 -5.43
C ILE A 78 -0.67 8.23 -5.65
N CYS A 79 -1.73 7.84 -4.97
CA CYS A 79 -2.36 6.57 -5.19
C CYS A 79 -3.86 6.73 -5.35
N THR A 80 -4.40 6.06 -6.35
CA THR A 80 -5.80 6.18 -6.66
C THR A 80 -6.46 4.81 -6.85
N CYS A 81 -7.29 4.43 -5.90
CA CYS A 81 -8.16 3.29 -6.09
C CYS A 81 -9.49 3.80 -6.64
N LYS A 82 -10.02 3.09 -7.60
CA LYS A 82 -11.07 3.62 -8.45
C LYS A 82 -12.44 3.03 -8.12
N GLU A 83 -13.44 3.38 -8.93
CA GLU A 83 -14.81 2.90 -8.73
C GLU A 83 -14.87 1.37 -8.68
N PRO A 84 -14.24 0.64 -9.63
CA PRO A 84 -14.26 -0.82 -9.63
C PRO A 84 -13.43 -1.45 -8.51
N THR A 85 -13.03 -0.65 -7.54
CA THR A 85 -12.17 -1.17 -6.48
C THR A 85 -12.76 -0.87 -5.08
N PRO A 86 -13.28 -1.93 -4.43
CA PRO A 86 -13.84 -1.89 -3.06
C PRO A 86 -13.15 -0.96 -2.05
N ASN A 87 -11.81 -0.89 -1.99
CA ASN A 87 -11.17 -0.06 -0.96
C ASN A 87 -9.82 0.49 -1.38
N ALA A 88 -9.38 1.47 -0.60
CA ALA A 88 -8.01 1.91 -0.61
C ALA A 88 -7.53 1.97 0.85
N TYR A 89 -6.71 1.00 1.22
CA TYR A 89 -6.17 0.93 2.58
C TYR A 89 -4.97 1.85 2.66
N TYR A 90 -4.87 2.62 3.74
CA TYR A 90 -3.71 3.46 3.95
C TYR A 90 -3.52 4.40 2.78
N GLU A 91 -4.59 5.11 2.46
CA GLU A 91 -4.61 6.14 1.42
C GLU A 91 -4.52 5.53 0.02
N GLY A 92 -4.32 4.23 -0.04
CA GLY A 92 -4.21 3.54 -1.31
C GLY A 92 -2.95 2.72 -1.43
N VAL A 93 -2.39 2.32 -0.28
CA VAL A 93 -1.28 1.38 -0.26
C VAL A 93 -1.78 0.01 -0.69
N PHE A 94 -3.08 -0.21 -0.48
CA PHE A 94 -3.74 -1.43 -0.94
C PHE A 94 -5.14 -1.12 -1.37
N CYS A 95 -5.66 -1.93 -2.25
CA CYS A 95 -7.06 -1.95 -2.52
C CYS A 95 -7.64 -3.17 -1.85
N SER A 96 -8.61 -2.96 -0.99
CA SER A 96 -8.92 -3.92 0.07
C SER A 96 -10.41 -4.07 0.38
N SER A 97 -10.67 -4.94 1.34
CA SER A 97 -12.01 -5.39 1.77
C SER A 97 -13.11 -4.33 1.71
N SER A 98 -12.73 -3.07 1.90
CA SER A 98 -13.64 -1.97 2.23
C SER A 98 -14.18 -2.14 3.66
N SER A 99 -14.65 -3.34 3.98
CA SER A 99 -15.08 -3.68 5.33
C SER A 99 -14.96 -5.20 5.54
N GLY A 1 -6.68 -3.48 -12.78
CA GLY A 1 -6.17 -4.11 -11.54
C GLY A 1 -7.09 -5.21 -11.06
N VAL A 2 -7.02 -5.50 -9.77
CA VAL A 2 -7.85 -6.53 -9.16
C VAL A 2 -8.95 -5.86 -8.33
N ASP A 3 -9.85 -6.66 -7.81
CA ASP A 3 -10.95 -6.19 -7.00
C ASP A 3 -10.66 -6.43 -5.52
N PRO A 4 -10.30 -5.35 -4.83
CA PRO A 4 -10.00 -5.26 -3.39
C PRO A 4 -10.73 -6.19 -2.41
N LYS A 5 -11.89 -6.75 -2.78
CA LYS A 5 -12.68 -7.70 -1.93
C LYS A 5 -11.85 -8.82 -1.22
N HIS A 6 -10.54 -8.76 -1.34
CA HIS A 6 -9.58 -9.71 -0.77
C HIS A 6 -9.63 -9.72 0.75
N VAL A 7 -10.21 -8.66 1.31
CA VAL A 7 -10.34 -8.43 2.75
C VAL A 7 -9.03 -8.53 3.51
N CYS A 8 -9.12 -8.42 4.82
CA CYS A 8 -8.02 -8.72 5.71
C CYS A 8 -8.59 -9.09 7.07
N VAL A 9 -8.07 -10.15 7.66
CA VAL A 9 -8.62 -10.67 8.89
C VAL A 9 -7.56 -10.77 9.98
N ASP A 10 -6.42 -11.31 9.62
CA ASP A 10 -5.38 -11.62 10.60
C ASP A 10 -4.26 -10.62 10.51
N THR A 11 -3.51 -10.68 9.42
CA THR A 11 -2.45 -9.71 9.14
C THR A 11 -1.50 -9.51 10.33
N ARG A 12 -1.16 -10.61 10.99
CA ARG A 12 -0.18 -10.59 12.07
C ARG A 12 1.22 -10.71 11.49
N ASP A 13 1.28 -11.13 10.23
CA ASP A 13 2.52 -11.22 9.47
C ASP A 13 2.92 -9.84 8.97
N ILE A 14 2.07 -8.87 9.27
CA ILE A 14 2.19 -7.52 8.75
C ILE A 14 3.07 -6.67 9.68
N PRO A 15 4.24 -6.26 9.16
CA PRO A 15 5.24 -5.49 9.92
C PRO A 15 4.79 -4.08 10.28
N LYS A 16 5.66 -3.35 10.98
CA LYS A 16 5.38 -1.97 11.36
C LYS A 16 5.48 -1.03 10.17
N ASN A 17 4.77 0.09 10.27
CA ASN A 17 4.67 1.10 9.20
C ASN A 17 4.06 0.50 7.96
N ALA A 18 3.60 -0.71 8.08
CA ALA A 18 3.04 -1.43 6.97
C ALA A 18 1.56 -1.65 7.19
N GLY A 19 0.79 -1.37 6.15
CA GLY A 19 -0.64 -1.57 6.22
C GLY A 19 -0.99 -3.03 6.07
N CYS A 20 -2.18 -3.42 6.50
CA CYS A 20 -2.55 -4.81 6.48
C CYS A 20 -3.50 -5.11 5.33
N PHE A 21 -3.32 -6.27 4.70
CA PHE A 21 -4.13 -6.67 3.58
C PHE A 21 -4.14 -8.20 3.47
N ARG A 22 -5.18 -8.76 2.88
CA ARG A 22 -5.18 -10.16 2.50
C ARG A 22 -5.42 -10.20 1.01
N ASP A 23 -4.83 -11.15 0.31
CA ASP A 23 -5.17 -11.32 -1.10
C ASP A 23 -6.21 -12.42 -1.22
N ASP A 24 -6.91 -12.48 -2.35
CA ASP A 24 -7.92 -13.50 -2.58
C ASP A 24 -7.25 -14.87 -2.76
N ASP A 25 -5.93 -14.83 -2.90
CA ASP A 25 -5.10 -16.03 -2.88
C ASP A 25 -5.14 -16.66 -1.50
N GLY A 26 -5.37 -15.83 -0.48
CA GLY A 26 -5.39 -16.30 0.89
C GLY A 26 -4.22 -15.75 1.69
N THR A 27 -3.19 -15.32 0.99
CA THR A 27 -2.02 -14.76 1.63
C THR A 27 -2.32 -13.38 2.20
N LYS A 28 -1.99 -13.17 3.47
CA LYS A 28 -2.14 -11.86 4.08
C LYS A 28 -0.94 -11.04 3.70
N GLU A 29 -1.18 -10.02 2.91
CA GLU A 29 -0.12 -9.17 2.44
C GLU A 29 0.05 -7.95 3.31
N TRP A 30 1.15 -7.30 3.09
CA TRP A 30 1.46 -6.06 3.72
C TRP A 30 2.25 -5.23 2.74
N ARG A 31 2.11 -3.95 2.85
CA ARG A 31 2.81 -3.03 2.00
C ARG A 31 3.31 -1.90 2.85
N CYS A 32 4.14 -1.10 2.27
CA CYS A 32 4.83 -0.09 3.00
C CYS A 32 4.19 1.21 2.63
N LEU A 33 3.76 1.91 3.66
CA LEU A 33 2.90 3.07 3.55
C LEU A 33 3.33 4.07 2.52
N LEU A 34 2.49 5.06 2.30
CA LEU A 34 2.70 6.02 1.23
C LEU A 34 4.02 6.72 1.38
N GLY A 35 4.92 6.44 0.45
CA GLY A 35 6.24 7.02 0.49
C GLY A 35 7.19 6.25 1.38
N TYR A 36 6.77 5.07 1.85
CA TYR A 36 7.62 4.25 2.68
C TYR A 36 8.35 3.19 1.87
N LYS A 37 9.12 2.36 2.57
CA LYS A 37 9.95 1.35 1.92
C LYS A 37 10.28 0.22 2.90
N LYS A 38 10.63 -0.94 2.35
CA LYS A 38 11.09 -2.05 3.17
C LYS A 38 12.52 -1.82 3.63
N GLY A 39 12.70 -1.67 4.94
CA GLY A 39 14.01 -1.32 5.47
C GLY A 39 14.56 -2.33 6.45
N GLU A 40 13.73 -2.72 7.42
CA GLU A 40 14.16 -3.62 8.50
C GLU A 40 14.28 -5.05 8.01
N GLY A 41 13.96 -5.28 6.75
CA GLY A 41 13.85 -6.63 6.24
C GLY A 41 12.45 -7.17 6.46
N ASN A 42 11.67 -7.26 5.39
CA ASN A 42 10.25 -7.61 5.48
C ASN A 42 9.55 -6.67 6.46
N THR A 43 9.47 -5.40 6.11
CA THR A 43 8.98 -4.36 7.00
C THR A 43 8.71 -3.09 6.22
N CYS A 44 8.44 -2.02 6.94
CA CYS A 44 8.29 -0.73 6.32
C CYS A 44 8.83 0.36 7.23
N VAL A 45 9.33 1.42 6.59
CA VAL A 45 9.85 2.60 7.24
C VAL A 45 9.72 3.77 6.27
N GLU A 46 9.83 4.97 6.81
CA GLU A 46 9.68 6.17 6.02
C GLU A 46 10.79 6.33 4.99
N ASN A 47 10.41 6.25 3.73
CA ASN A 47 11.36 6.40 2.64
C ASN A 47 11.38 7.84 2.19
N ASN A 48 12.47 8.51 2.52
CA ASN A 48 12.60 9.93 2.33
C ASN A 48 12.84 10.29 0.86
N ASN A 49 12.60 9.33 -0.03
CA ASN A 49 12.75 9.54 -1.45
C ASN A 49 11.93 8.50 -2.21
N PRO A 50 10.59 8.60 -2.14
CA PRO A 50 9.71 7.63 -2.75
C PRO A 50 9.46 7.88 -4.24
N THR A 51 9.59 6.81 -4.99
CA THR A 51 9.32 6.82 -6.42
C THR A 51 8.26 5.77 -6.72
N CYS A 52 7.48 5.96 -7.77
CA CYS A 52 6.47 5.00 -8.13
C CYS A 52 7.13 3.85 -8.89
N ASP A 53 6.35 2.81 -9.21
CA ASP A 53 6.86 1.56 -9.80
C ASP A 53 7.52 0.68 -8.75
N ILE A 54 8.29 1.31 -7.87
CA ILE A 54 8.98 0.59 -6.81
C ILE A 54 8.19 0.71 -5.53
N ASN A 55 7.55 -0.39 -5.15
CA ASN A 55 6.65 -0.41 -4.01
C ASN A 55 5.44 0.45 -4.34
N ASN A 56 5.33 0.79 -5.63
CA ASN A 56 4.32 1.70 -6.13
C ASN A 56 4.42 3.04 -5.41
N GLY A 57 5.62 3.33 -4.90
CA GLY A 57 5.82 4.52 -4.09
C GLY A 57 5.11 4.42 -2.75
N GLY A 58 4.92 3.20 -2.30
CA GLY A 58 4.24 2.96 -1.05
C GLY A 58 2.74 2.80 -1.25
N CYS A 59 2.35 2.55 -2.49
CA CYS A 59 0.96 2.45 -2.87
C CYS A 59 0.63 1.02 -3.29
N ASP A 60 -0.62 0.79 -3.65
CA ASP A 60 -1.06 -0.54 -4.08
C ASP A 60 -1.10 -0.56 -5.60
N PRO A 61 -0.65 -1.68 -6.20
CA PRO A 61 -0.60 -1.85 -7.66
C PRO A 61 -1.89 -1.43 -8.37
N THR A 62 -3.03 -1.50 -7.67
CA THR A 62 -4.29 -1.03 -8.23
C THR A 62 -4.40 0.49 -8.09
N ALA A 63 -3.91 1.00 -6.97
CA ALA A 63 -3.87 2.42 -6.70
C ALA A 63 -2.84 3.10 -7.60
N SER A 64 -3.32 3.68 -8.69
CA SER A 64 -2.46 4.31 -9.68
C SER A 64 -1.54 5.36 -9.04
N CYS A 65 -0.25 5.03 -8.99
CA CYS A 65 0.73 5.84 -8.28
C CYS A 65 1.37 6.92 -9.15
N GLN A 66 1.74 8.00 -8.50
CA GLN A 66 2.56 9.05 -9.10
C GLN A 66 3.68 9.44 -8.14
N ASN A 67 4.90 9.58 -8.64
CA ASN A 67 6.02 9.97 -7.83
C ASN A 67 6.10 11.48 -7.70
N ALA A 68 6.48 11.94 -6.52
CA ALA A 68 6.58 13.36 -6.22
C ALA A 68 7.52 13.59 -5.05
N GLU A 69 7.92 14.83 -4.85
CA GLU A 69 8.84 15.19 -3.80
C GLU A 69 8.20 16.18 -2.83
N SER A 70 8.50 16.04 -1.55
CA SER A 70 7.98 16.91 -0.50
C SER A 70 8.76 16.71 0.80
N THR A 71 8.56 17.58 1.78
CA THR A 71 9.24 17.41 3.06
C THR A 71 8.74 16.15 3.76
N GLU A 72 7.45 15.92 3.65
CA GLU A 72 6.83 14.72 4.15
C GLU A 72 7.04 13.60 3.13
N ASN A 73 7.63 12.51 3.57
CA ASN A 73 7.87 11.38 2.70
C ASN A 73 6.53 10.74 2.32
N SER A 74 5.57 10.89 3.23
CA SER A 74 4.28 10.24 3.10
C SER A 74 3.34 11.00 2.16
N LYS A 75 3.54 12.31 2.03
CA LYS A 75 2.63 13.13 1.25
C LYS A 75 3.10 13.24 -0.19
N LYS A 76 4.22 12.61 -0.51
CA LYS A 76 4.81 12.73 -1.84
C LYS A 76 4.04 11.93 -2.87
N ILE A 77 3.93 10.64 -2.64
CA ILE A 77 3.38 9.74 -3.64
C ILE A 77 1.86 9.80 -3.67
N ILE A 78 1.32 9.72 -4.86
CA ILE A 78 -0.12 9.76 -5.08
C ILE A 78 -0.62 8.37 -5.42
N CYS A 79 -1.68 7.96 -4.74
CA CYS A 79 -2.31 6.68 -5.01
C CYS A 79 -3.77 6.88 -5.41
N THR A 80 -4.25 6.06 -6.31
CA THR A 80 -5.60 6.20 -6.83
C THR A 80 -6.33 4.86 -6.90
N CYS A 81 -7.35 4.70 -6.06
CA CYS A 81 -8.25 3.59 -6.21
C CYS A 81 -9.41 4.03 -7.10
N LYS A 82 -9.95 3.11 -7.86
CA LYS A 82 -10.89 3.44 -8.91
C LYS A 82 -12.25 2.79 -8.65
N GLU A 83 -13.18 2.91 -9.59
CA GLU A 83 -14.51 2.34 -9.42
C GLU A 83 -14.47 0.81 -9.22
N PRO A 84 -13.73 0.05 -10.05
CA PRO A 84 -13.64 -1.41 -9.92
C PRO A 84 -12.95 -1.87 -8.65
N THR A 85 -12.59 -0.94 -7.77
CA THR A 85 -11.83 -1.29 -6.58
C THR A 85 -12.63 -1.00 -5.30
N PRO A 86 -13.13 -2.07 -4.66
CA PRO A 86 -13.89 -2.04 -3.40
C PRO A 86 -13.31 -1.16 -2.28
N ASN A 87 -12.02 -0.81 -2.32
CA ASN A 87 -11.40 -0.11 -1.20
C ASN A 87 -10.08 0.57 -1.56
N ALA A 88 -9.62 1.41 -0.65
CA ALA A 88 -8.24 1.87 -0.62
C ALA A 88 -7.78 1.97 0.83
N TYR A 89 -6.92 1.04 1.23
CA TYR A 89 -6.43 0.98 2.59
C TYR A 89 -5.24 1.90 2.73
N TYR A 90 -5.18 2.62 3.83
CA TYR A 90 -4.06 3.50 4.10
C TYR A 90 -3.87 4.47 2.94
N GLU A 91 -4.99 5.10 2.55
CA GLU A 91 -5.01 6.16 1.55
C GLU A 91 -4.81 5.64 0.13
N GLY A 92 -4.37 4.40 -0.01
CA GLY A 92 -4.03 3.88 -1.32
C GLY A 92 -2.86 2.93 -1.30
N VAL A 93 -2.51 2.44 -0.12
CA VAL A 93 -1.43 1.48 0.01
C VAL A 93 -1.93 0.09 -0.36
N PHE A 94 -3.23 -0.12 -0.20
CA PHE A 94 -3.88 -1.37 -0.59
C PHE A 94 -5.27 -1.09 -1.01
N CYS A 95 -5.95 -2.12 -1.42
CA CYS A 95 -7.35 -2.04 -1.68
C CYS A 95 -8.02 -3.35 -1.21
N SER A 96 -8.95 -3.18 -0.28
CA SER A 96 -9.59 -4.28 0.49
C SER A 96 -11.10 -4.39 0.23
N SER A 97 -11.73 -5.37 0.86
CA SER A 97 -13.17 -5.48 0.78
C SER A 97 -13.80 -4.55 1.79
N SER A 98 -13.97 -3.30 1.39
CA SER A 98 -14.74 -2.36 2.22
C SER A 98 -16.12 -2.95 2.46
N SER A 99 -16.73 -3.44 1.39
CA SER A 99 -18.00 -4.11 1.46
C SER A 99 -18.17 -4.97 0.21
N GLY A 1 -6.29 -3.79 -12.59
CA GLY A 1 -6.90 -3.56 -11.27
C GLY A 1 -7.65 -4.80 -10.77
N VAL A 2 -7.37 -5.19 -9.55
CA VAL A 2 -8.03 -6.35 -8.94
C VAL A 2 -9.29 -5.87 -8.20
N ASP A 3 -9.90 -6.76 -7.43
CA ASP A 3 -11.08 -6.44 -6.67
C ASP A 3 -10.78 -6.44 -5.19
N PRO A 4 -10.41 -5.28 -4.65
CA PRO A 4 -10.01 -5.09 -3.26
C PRO A 4 -10.75 -5.91 -2.18
N LYS A 5 -11.99 -6.34 -2.44
CA LYS A 5 -12.82 -7.08 -1.45
C LYS A 5 -12.16 -8.34 -0.85
N HIS A 6 -10.88 -8.53 -1.12
CA HIS A 6 -10.07 -9.64 -0.64
C HIS A 6 -9.98 -9.66 0.88
N VAL A 7 -10.38 -8.53 1.49
CA VAL A 7 -10.41 -8.31 2.96
C VAL A 7 -9.07 -8.50 3.63
N CYS A 8 -9.11 -8.56 4.96
CA CYS A 8 -7.95 -8.91 5.76
C CYS A 8 -8.40 -9.53 7.07
N VAL A 9 -7.82 -10.68 7.38
CA VAL A 9 -8.27 -11.46 8.53
C VAL A 9 -7.20 -11.54 9.60
N ASP A 10 -6.01 -11.93 9.19
CA ASP A 10 -4.95 -12.27 10.13
C ASP A 10 -3.92 -11.16 10.15
N THR A 11 -3.10 -11.10 9.10
CA THR A 11 -2.12 -10.04 8.93
C THR A 11 -1.24 -9.84 10.16
N ARG A 12 -0.95 -10.95 10.84
CA ARG A 12 -0.10 -10.92 12.02
C ARG A 12 1.36 -10.91 11.61
N ASP A 13 1.62 -11.30 10.37
CA ASP A 13 2.95 -11.24 9.79
C ASP A 13 3.28 -9.82 9.38
N ILE A 14 2.24 -9.01 9.27
CA ILE A 14 2.35 -7.65 8.79
C ILE A 14 3.25 -6.80 9.70
N PRO A 15 4.41 -6.40 9.15
CA PRO A 15 5.43 -5.65 9.87
C PRO A 15 5.06 -4.20 10.20
N LYS A 16 6.01 -3.51 10.82
CA LYS A 16 5.87 -2.11 11.18
C LYS A 16 5.74 -1.21 9.97
N ASN A 17 4.93 -0.17 10.13
CA ASN A 17 4.71 0.86 9.09
C ASN A 17 4.17 0.23 7.83
N ALA A 18 3.72 -1.00 7.96
CA ALA A 18 3.17 -1.73 6.86
C ALA A 18 1.68 -1.91 7.06
N GLY A 19 0.93 -1.71 6.00
CA GLY A 19 -0.49 -1.92 6.05
C GLY A 19 -0.82 -3.39 5.85
N CYS A 20 -1.99 -3.81 6.26
CA CYS A 20 -2.33 -5.22 6.19
C CYS A 20 -3.37 -5.50 5.10
N PHE A 21 -3.14 -6.53 4.29
CA PHE A 21 -4.06 -6.91 3.22
C PHE A 21 -4.19 -8.43 3.13
N ARG A 22 -5.33 -8.91 2.67
CA ARG A 22 -5.50 -10.31 2.27
C ARG A 22 -5.65 -10.32 0.77
N ASP A 23 -5.16 -11.34 0.11
CA ASP A 23 -5.35 -11.44 -1.33
C ASP A 23 -6.36 -12.54 -1.66
N ASP A 24 -6.74 -12.66 -2.93
CA ASP A 24 -7.68 -13.69 -3.36
C ASP A 24 -7.18 -15.08 -2.96
N ASP A 25 -5.87 -15.24 -2.97
CA ASP A 25 -5.24 -16.53 -2.65
C ASP A 25 -5.49 -16.92 -1.20
N GLY A 26 -5.88 -15.94 -0.40
CA GLY A 26 -6.02 -16.15 1.02
C GLY A 26 -4.77 -15.72 1.75
N THR A 27 -3.79 -15.32 0.96
CA THR A 27 -2.54 -14.78 1.47
C THR A 27 -2.78 -13.49 2.21
N LYS A 28 -1.97 -13.20 3.21
CA LYS A 28 -2.00 -11.91 3.85
C LYS A 28 -0.75 -11.16 3.50
N GLU A 29 -0.92 -10.15 2.72
CA GLU A 29 0.19 -9.39 2.22
C GLU A 29 0.36 -8.12 3.00
N TRP A 30 1.52 -7.54 2.83
CA TRP A 30 1.84 -6.29 3.44
C TRP A 30 2.67 -5.46 2.49
N ARG A 31 2.51 -4.19 2.61
CA ARG A 31 3.22 -3.22 1.82
C ARG A 31 3.63 -2.11 2.73
N CYS A 32 4.41 -1.23 2.20
CA CYS A 32 4.97 -0.19 3.00
C CYS A 32 4.23 1.06 2.63
N LEU A 33 3.78 1.73 3.68
CA LEU A 33 2.89 2.88 3.58
C LEU A 33 3.33 3.88 2.52
N LEU A 34 2.49 4.87 2.26
CA LEU A 34 2.74 5.80 1.18
C LEU A 34 4.07 6.51 1.35
N GLY A 35 4.95 6.29 0.40
CA GLY A 35 6.28 6.88 0.46
C GLY A 35 7.17 6.18 1.46
N TYR A 36 6.79 4.97 1.83
CA TYR A 36 7.60 4.15 2.70
C TYR A 36 8.38 3.10 1.91
N LYS A 37 9.22 2.36 2.62
CA LYS A 37 10.07 1.37 2.00
C LYS A 37 10.44 0.32 3.04
N LYS A 38 10.95 -0.82 2.61
CA LYS A 38 11.45 -1.80 3.55
C LYS A 38 12.82 -1.40 4.08
N GLY A 39 12.89 -1.16 5.38
CA GLY A 39 14.12 -0.67 5.96
C GLY A 39 14.69 -1.62 6.99
N GLU A 40 13.88 -2.03 7.94
CA GLU A 40 14.35 -2.80 9.07
C GLU A 40 14.15 -4.31 8.87
N GLY A 41 14.25 -4.76 7.62
CA GLY A 41 14.24 -6.19 7.32
C GLY A 41 12.89 -6.84 7.42
N ASN A 42 12.24 -7.04 6.27
CA ASN A 42 10.85 -7.49 6.23
C ASN A 42 10.01 -6.57 7.07
N THR A 43 10.12 -5.28 6.78
CA THR A 43 9.49 -4.26 7.59
C THR A 43 9.54 -2.95 6.83
N CYS A 44 8.68 -2.03 7.21
CA CYS A 44 8.57 -0.79 6.46
C CYS A 44 8.96 0.40 7.32
N VAL A 45 9.48 1.42 6.66
CA VAL A 45 9.93 2.65 7.29
C VAL A 45 9.71 3.81 6.34
N GLU A 46 9.82 5.03 6.85
CA GLU A 46 9.62 6.23 6.02
C GLU A 46 10.73 6.37 4.99
N ASN A 47 10.36 6.22 3.72
CA ASN A 47 11.30 6.41 2.64
C ASN A 47 11.27 7.87 2.20
N ASN A 48 12.36 8.59 2.50
CA ASN A 48 12.37 10.05 2.37
C ASN A 48 12.49 10.52 0.93
N ASN A 49 12.36 9.59 0.00
CA ASN A 49 12.44 9.88 -1.42
C ASN A 49 11.76 8.75 -2.19
N PRO A 50 10.43 8.70 -2.13
CA PRO A 50 9.66 7.62 -2.70
C PRO A 50 9.47 7.78 -4.20
N THR A 51 9.63 6.69 -4.91
CA THR A 51 9.51 6.69 -6.34
C THR A 51 8.45 5.69 -6.78
N CYS A 52 7.80 5.97 -7.87
CA CYS A 52 6.89 5.02 -8.48
C CYS A 52 7.72 4.02 -9.31
N ASP A 53 7.11 2.88 -9.67
CA ASP A 53 7.80 1.71 -10.27
C ASP A 53 8.18 0.76 -9.16
N ILE A 54 8.58 1.32 -8.05
CA ILE A 54 9.18 0.58 -6.97
C ILE A 54 8.29 0.62 -5.75
N ASN A 55 7.69 -0.53 -5.44
CA ASN A 55 6.74 -0.62 -4.34
C ASN A 55 5.53 0.24 -4.63
N ASN A 56 5.40 0.62 -5.91
CA ASN A 56 4.37 1.53 -6.37
C ASN A 56 4.47 2.86 -5.62
N GLY A 57 5.67 3.16 -5.09
CA GLY A 57 5.87 4.34 -4.27
C GLY A 57 5.23 4.20 -2.90
N GLY A 58 5.05 2.97 -2.48
CA GLY A 58 4.39 2.70 -1.21
C GLY A 58 2.90 2.57 -1.39
N CYS A 59 2.49 2.34 -2.63
CA CYS A 59 1.10 2.26 -3.00
C CYS A 59 0.75 0.84 -3.45
N ASP A 60 -0.51 0.61 -3.76
CA ASP A 60 -0.97 -0.70 -4.19
C ASP A 60 -1.08 -0.72 -5.71
N PRO A 61 -0.72 -1.85 -6.35
CA PRO A 61 -0.78 -1.99 -7.80
C PRO A 61 -2.13 -1.58 -8.40
N THR A 62 -3.19 -1.63 -7.60
CA THR A 62 -4.50 -1.17 -8.03
C THR A 62 -4.55 0.36 -7.99
N ALA A 63 -3.93 0.92 -6.96
CA ALA A 63 -3.84 2.34 -6.76
C ALA A 63 -2.91 2.99 -7.77
N SER A 64 -3.47 3.86 -8.61
CA SER A 64 -2.70 4.61 -9.57
C SER A 64 -1.69 5.52 -8.85
N CYS A 65 -0.44 5.06 -8.82
CA CYS A 65 0.64 5.75 -8.17
C CYS A 65 1.13 6.96 -8.96
N GLN A 66 1.44 8.03 -8.25
CA GLN A 66 2.04 9.21 -8.83
C GLN A 66 3.31 9.56 -8.07
N ASN A 67 4.39 9.77 -8.79
CA ASN A 67 5.70 10.01 -8.19
C ASN A 67 5.90 11.51 -7.93
N ALA A 68 6.40 11.85 -6.74
CA ALA A 68 6.52 13.25 -6.34
C ALA A 68 7.39 13.40 -5.09
N GLU A 69 7.82 14.63 -4.84
CA GLU A 69 8.56 14.97 -3.64
C GLU A 69 7.72 15.92 -2.78
N SER A 70 7.98 15.92 -1.47
CA SER A 70 7.19 16.69 -0.54
C SER A 70 7.97 16.88 0.77
N THR A 71 7.32 17.46 1.77
CA THR A 71 7.89 17.51 3.12
C THR A 71 7.47 16.25 3.90
N GLU A 72 6.50 15.54 3.37
CA GLU A 72 5.92 14.37 4.00
C GLU A 72 6.13 13.13 3.16
N ASN A 73 6.96 12.21 3.62
CA ASN A 73 7.20 10.96 2.92
C ASN A 73 5.90 10.29 2.49
N SER A 74 4.84 10.49 3.26
CA SER A 74 3.58 9.86 2.97
C SER A 74 2.66 10.74 2.13
N LYS A 75 3.10 11.96 1.84
CA LYS A 75 2.29 12.88 1.05
C LYS A 75 3.02 13.26 -0.24
N LYS A 76 3.87 12.36 -0.71
CA LYS A 76 4.55 12.55 -1.99
C LYS A 76 3.87 11.72 -3.06
N ILE A 77 3.84 10.42 -2.82
CA ILE A 77 3.25 9.50 -3.77
C ILE A 77 1.75 9.51 -3.64
N ILE A 78 1.09 9.53 -4.77
CA ILE A 78 -0.36 9.54 -4.80
C ILE A 78 -0.87 8.17 -5.22
N CYS A 79 -1.70 7.59 -4.38
CA CYS A 79 -2.32 6.32 -4.69
C CYS A 79 -3.78 6.53 -5.06
N THR A 80 -4.25 5.83 -6.06
CA THR A 80 -5.63 5.95 -6.46
C THR A 80 -6.29 4.61 -6.76
N CYS A 81 -7.11 4.14 -5.85
CA CYS A 81 -7.97 3.01 -6.12
C CYS A 81 -9.30 3.54 -6.64
N LYS A 82 -9.72 3.02 -7.77
CA LYS A 82 -10.82 3.58 -8.54
C LYS A 82 -12.15 2.88 -8.24
N GLU A 83 -13.17 3.24 -8.99
CA GLU A 83 -14.52 2.68 -8.79
C GLU A 83 -14.55 1.15 -8.83
N PRO A 84 -13.91 0.48 -9.82
CA PRO A 84 -13.91 -0.99 -9.88
C PRO A 84 -13.21 -1.63 -8.70
N THR A 85 -12.63 -0.82 -7.82
CA THR A 85 -11.87 -1.35 -6.71
C THR A 85 -12.49 -0.92 -5.38
N PRO A 86 -13.11 -1.91 -4.69
CA PRO A 86 -13.79 -1.71 -3.40
C PRO A 86 -13.12 -0.73 -2.40
N ASN A 87 -11.80 -0.76 -2.25
CA ASN A 87 -11.15 0.01 -1.19
C ASN A 87 -9.74 0.48 -1.53
N ALA A 88 -9.29 1.47 -0.78
CA ALA A 88 -7.90 1.89 -0.71
C ALA A 88 -7.45 1.92 0.74
N TYR A 89 -6.63 0.94 1.13
CA TYR A 89 -6.17 0.81 2.51
C TYR A 89 -4.97 1.70 2.72
N TYR A 90 -4.91 2.34 3.87
CA TYR A 90 -3.79 3.23 4.17
C TYR A 90 -3.65 4.22 3.04
N GLU A 91 -4.80 4.85 2.71
CA GLU A 91 -4.89 5.90 1.71
C GLU A 91 -4.82 5.34 0.28
N GLY A 92 -4.31 4.13 0.14
CA GLY A 92 -4.16 3.51 -1.17
C GLY A 92 -2.94 2.62 -1.26
N VAL A 93 -2.35 2.31 -0.11
CA VAL A 93 -1.26 1.35 -0.05
C VAL A 93 -1.77 -0.03 -0.43
N PHE A 94 -3.05 -0.26 -0.21
CA PHE A 94 -3.71 -1.50 -0.63
C PHE A 94 -5.14 -1.22 -0.98
N CYS A 95 -5.87 -2.29 -1.08
CA CYS A 95 -7.26 -2.27 -1.36
C CYS A 95 -7.96 -3.23 -0.37
N SER A 96 -9.29 -3.26 -0.33
CA SER A 96 -10.03 -4.12 0.61
C SER A 96 -11.53 -4.10 0.32
N SER A 97 -12.29 -4.89 1.07
CA SER A 97 -13.73 -5.01 0.84
C SER A 97 -14.51 -3.82 1.38
N SER A 98 -14.28 -2.66 0.80
CA SER A 98 -14.97 -1.46 1.25
C SER A 98 -15.87 -0.88 0.16
N SER A 99 -16.35 0.33 0.41
CA SER A 99 -17.12 1.09 -0.55
C SER A 99 -16.96 2.58 -0.25
N GLY A 1 -7.05 -4.13 -12.19
CA GLY A 1 -6.41 -5.41 -11.79
C GLY A 1 -7.37 -6.29 -11.02
N VAL A 2 -6.99 -6.67 -9.81
CA VAL A 2 -7.87 -7.46 -8.97
C VAL A 2 -8.77 -6.53 -8.17
N ASP A 3 -9.89 -7.05 -7.75
CA ASP A 3 -10.88 -6.30 -7.02
C ASP A 3 -10.61 -6.43 -5.53
N PRO A 4 -10.32 -5.31 -4.86
CA PRO A 4 -10.13 -5.19 -3.40
C PRO A 4 -11.02 -6.06 -2.50
N LYS A 5 -12.07 -6.68 -3.01
CA LYS A 5 -12.93 -7.61 -2.22
C LYS A 5 -12.15 -8.69 -1.41
N HIS A 6 -10.82 -8.63 -1.45
CA HIS A 6 -9.95 -9.62 -0.82
C HIS A 6 -10.16 -9.63 0.70
N VAL A 7 -10.40 -8.44 1.24
CA VAL A 7 -10.50 -8.15 2.68
C VAL A 7 -9.48 -8.87 3.58
N CYS A 8 -8.96 -8.12 4.54
CA CYS A 8 -7.97 -8.65 5.45
C CYS A 8 -8.62 -8.98 6.79
N VAL A 9 -8.32 -10.17 7.29
CA VAL A 9 -8.99 -10.71 8.46
C VAL A 9 -8.09 -10.68 9.68
N ASP A 10 -6.84 -11.04 9.46
CA ASP A 10 -5.90 -11.31 10.53
C ASP A 10 -4.68 -10.40 10.42
N THR A 11 -3.94 -10.55 9.33
CA THR A 11 -2.77 -9.72 9.05
C THR A 11 -1.81 -9.65 10.24
N ARG A 12 -1.50 -10.83 10.78
CA ARG A 12 -0.59 -10.94 11.91
C ARG A 12 0.85 -10.89 11.43
N ASP A 13 1.06 -11.28 10.19
CA ASP A 13 2.38 -11.26 9.56
C ASP A 13 2.76 -9.84 9.16
N ILE A 14 1.81 -8.94 9.35
CA ILE A 14 1.93 -7.57 8.88
C ILE A 14 2.77 -6.72 9.84
N PRO A 15 3.95 -6.31 9.37
CA PRO A 15 4.93 -5.52 10.14
C PRO A 15 4.47 -4.11 10.49
N LYS A 16 5.35 -3.38 11.18
CA LYS A 16 5.11 -1.98 11.50
C LYS A 16 5.22 -1.12 10.25
N ASN A 17 4.59 0.04 10.31
CA ASN A 17 4.56 1.01 9.20
C ASN A 17 4.02 0.39 7.92
N ALA A 18 3.47 -0.79 8.07
CA ALA A 18 2.94 -1.56 6.97
C ALA A 18 1.45 -1.71 7.14
N GLY A 19 0.72 -1.40 6.09
CA GLY A 19 -0.72 -1.55 6.11
C GLY A 19 -1.11 -3.01 5.99
N CYS A 20 -2.31 -3.35 6.40
CA CYS A 20 -2.71 -4.72 6.42
C CYS A 20 -3.62 -5.05 5.24
N PHE A 21 -3.33 -6.15 4.57
CA PHE A 21 -4.06 -6.53 3.37
C PHE A 21 -4.17 -8.05 3.27
N ARG A 22 -5.19 -8.51 2.59
CA ARG A 22 -5.27 -9.89 2.17
C ARG A 22 -5.29 -9.87 0.66
N ASP A 23 -4.66 -10.83 0.01
CA ASP A 23 -4.74 -10.90 -1.43
C ASP A 23 -5.72 -11.99 -1.81
N ASP A 24 -6.11 -12.00 -3.07
CA ASP A 24 -7.30 -12.71 -3.52
C ASP A 24 -7.06 -14.22 -3.53
N ASP A 25 -5.80 -14.58 -3.43
CA ASP A 25 -5.40 -15.99 -3.43
C ASP A 25 -5.58 -16.58 -2.04
N GLY A 26 -5.71 -15.72 -1.03
CA GLY A 26 -5.89 -16.17 0.32
C GLY A 26 -4.70 -15.81 1.20
N THR A 27 -3.70 -15.18 0.61
CA THR A 27 -2.51 -14.77 1.35
C THR A 27 -2.72 -13.40 1.97
N LYS A 28 -2.36 -13.25 3.24
CA LYS A 28 -2.39 -11.93 3.84
C LYS A 28 -1.13 -11.20 3.46
N GLU A 29 -1.31 -10.04 2.90
CA GLU A 29 -0.22 -9.24 2.43
C GLU A 29 -0.02 -8.01 3.27
N TRP A 30 1.07 -7.37 3.02
CA TRP A 30 1.41 -6.14 3.67
C TRP A 30 2.28 -5.33 2.73
N ARG A 31 2.11 -4.05 2.81
CA ARG A 31 2.82 -3.12 1.96
C ARG A 31 3.26 -1.99 2.82
N CYS A 32 4.06 -1.14 2.25
CA CYS A 32 4.67 -0.09 3.01
C CYS A 32 3.97 1.17 2.65
N LEU A 33 3.55 1.87 3.69
CA LEU A 33 2.71 3.05 3.59
C LEU A 33 3.18 4.06 2.53
N LEU A 34 2.38 5.08 2.29
CA LEU A 34 2.66 6.01 1.21
C LEU A 34 3.97 6.73 1.46
N GLY A 35 4.92 6.54 0.57
CA GLY A 35 6.23 7.11 0.74
C GLY A 35 7.08 6.31 1.71
N TYR A 36 6.72 5.05 1.87
CA TYR A 36 7.46 4.13 2.72
C TYR A 36 8.18 3.07 1.89
N LYS A 37 8.99 2.25 2.55
CA LYS A 37 9.76 1.22 1.89
C LYS A 37 10.16 0.17 2.91
N LYS A 38 10.47 -1.04 2.45
CA LYS A 38 11.00 -2.07 3.34
C LYS A 38 12.42 -1.72 3.77
N GLY A 39 12.63 -1.61 5.08
CA GLY A 39 13.93 -1.20 5.58
C GLY A 39 14.48 -2.14 6.63
N GLU A 40 13.65 -2.46 7.61
CA GLU A 40 14.08 -3.27 8.74
C GLU A 40 14.43 -4.69 8.30
N GLY A 41 13.47 -5.34 7.66
CA GLY A 41 13.61 -6.72 7.25
C GLY A 41 12.28 -7.41 7.39
N ASN A 42 11.53 -7.50 6.29
CA ASN A 42 10.11 -7.80 6.35
C ASN A 42 9.43 -6.77 7.22
N THR A 43 9.50 -5.51 6.78
CA THR A 43 9.00 -4.40 7.57
C THR A 43 8.94 -3.16 6.69
N CYS A 44 8.42 -2.08 7.22
CA CYS A 44 8.31 -0.85 6.45
C CYS A 44 8.78 0.34 7.25
N VAL A 45 9.31 1.34 6.54
CA VAL A 45 9.83 2.55 7.14
C VAL A 45 9.63 3.72 6.19
N GLU A 46 9.78 4.92 6.70
CA GLU A 46 9.58 6.13 5.92
C GLU A 46 10.68 6.32 4.88
N ASN A 47 10.32 6.08 3.62
CA ASN A 47 11.22 6.28 2.50
C ASN A 47 11.21 7.75 2.10
N ASN A 48 12.29 8.45 2.42
CA ASN A 48 12.33 9.91 2.31
C ASN A 48 12.30 10.40 0.87
N ASN A 49 12.37 9.49 -0.08
CA ASN A 49 12.44 9.85 -1.48
C ASN A 49 11.78 8.76 -2.31
N PRO A 50 10.46 8.70 -2.25
CA PRO A 50 9.69 7.64 -2.85
C PRO A 50 9.38 7.88 -4.32
N THR A 51 9.54 6.83 -5.10
CA THR A 51 9.27 6.86 -6.52
C THR A 51 8.24 5.79 -6.85
N CYS A 52 7.50 5.99 -7.92
CA CYS A 52 6.61 4.95 -8.40
C CYS A 52 7.44 3.92 -9.15
N ASP A 53 6.83 2.81 -9.56
CA ASP A 53 7.53 1.66 -10.17
C ASP A 53 8.18 0.78 -9.09
N ILE A 54 8.62 1.42 -8.02
CA ILE A 54 9.23 0.71 -6.91
C ILE A 54 8.35 0.81 -5.68
N ASN A 55 7.71 -0.32 -5.35
CA ASN A 55 6.76 -0.37 -4.24
C ASN A 55 5.56 0.50 -4.54
N ASN A 56 5.47 0.90 -5.81
CA ASN A 56 4.46 1.85 -6.26
C ASN A 56 4.53 3.14 -5.42
N GLY A 57 5.71 3.44 -4.87
CA GLY A 57 5.89 4.59 -4.02
C GLY A 57 5.23 4.41 -2.66
N GLY A 58 4.99 3.16 -2.28
CA GLY A 58 4.33 2.87 -1.05
C GLY A 58 2.83 2.71 -1.27
N CYS A 59 2.50 2.38 -2.50
CA CYS A 59 1.12 2.28 -2.96
C CYS A 59 0.78 0.86 -3.38
N ASP A 60 -0.47 0.66 -3.76
CA ASP A 60 -0.95 -0.65 -4.21
C ASP A 60 -1.01 -0.66 -5.72
N PRO A 61 -0.54 -1.76 -6.35
CA PRO A 61 -0.54 -1.93 -7.81
C PRO A 61 -1.89 -1.65 -8.47
N THR A 62 -2.98 -1.84 -7.72
CA THR A 62 -4.31 -1.55 -8.24
C THR A 62 -4.59 -0.05 -8.21
N ALA A 63 -3.93 0.62 -7.28
CA ALA A 63 -4.04 2.05 -7.12
C ALA A 63 -3.00 2.75 -7.99
N SER A 64 -3.44 3.75 -8.74
CA SER A 64 -2.55 4.50 -9.63
C SER A 64 -1.66 5.44 -8.82
N CYS A 65 -0.37 5.11 -8.75
CA CYS A 65 0.58 5.92 -8.01
C CYS A 65 1.01 7.15 -8.78
N GLN A 66 1.11 8.25 -8.07
CA GLN A 66 1.65 9.48 -8.60
C GLN A 66 2.98 9.79 -7.90
N ASN A 67 4.07 9.70 -8.64
CA ASN A 67 5.39 9.96 -8.11
C ASN A 67 5.63 11.46 -7.96
N ALA A 68 6.20 11.86 -6.83
CA ALA A 68 6.45 13.27 -6.57
C ALA A 68 7.43 13.44 -5.42
N GLU A 69 7.95 14.64 -5.28
CA GLU A 69 8.81 14.99 -4.17
C GLU A 69 8.05 15.88 -3.19
N SER A 70 8.43 15.84 -1.92
CA SER A 70 7.73 16.58 -0.87
C SER A 70 8.61 16.67 0.36
N THR A 71 8.27 17.56 1.28
CA THR A 71 8.96 17.62 2.57
C THR A 71 8.55 16.43 3.42
N GLU A 72 7.38 15.88 3.12
CA GLU A 72 6.86 14.73 3.83
C GLU A 72 6.95 13.51 2.95
N ASN A 73 7.81 12.57 3.31
CA ASN A 73 7.95 11.29 2.61
C ASN A 73 6.60 10.68 2.30
N SER A 74 5.63 10.94 3.16
CA SER A 74 4.33 10.32 3.05
C SER A 74 3.29 11.27 2.42
N LYS A 75 3.76 12.40 1.89
CA LYS A 75 2.86 13.36 1.26
C LYS A 75 3.25 13.68 -0.18
N LYS A 76 4.26 12.97 -0.71
CA LYS A 76 4.65 13.19 -2.09
C LYS A 76 4.06 12.12 -2.99
N ILE A 77 3.95 10.90 -2.50
CA ILE A 77 3.31 9.86 -3.29
C ILE A 77 1.82 9.85 -3.02
N ILE A 78 1.08 9.74 -4.08
CA ILE A 78 -0.38 9.72 -4.04
C ILE A 78 -0.86 8.51 -4.79
N CYS A 79 -1.93 7.89 -4.35
CA CYS A 79 -2.48 6.77 -5.08
C CYS A 79 -3.95 6.92 -5.36
N THR A 80 -4.32 6.44 -6.52
CA THR A 80 -5.69 6.47 -6.99
C THR A 80 -6.27 5.06 -7.03
N CYS A 81 -7.21 4.79 -6.16
CA CYS A 81 -7.96 3.56 -6.23
C CYS A 81 -9.19 3.81 -7.11
N LYS A 82 -9.41 2.90 -8.03
CA LYS A 82 -10.26 3.18 -9.17
C LYS A 82 -11.67 2.64 -8.99
N GLU A 83 -12.48 2.79 -10.03
CA GLU A 83 -13.84 2.29 -10.02
C GLU A 83 -13.88 0.78 -9.72
N PRO A 84 -13.06 -0.05 -10.42
CA PRO A 84 -13.06 -1.50 -10.20
C PRO A 84 -12.37 -1.92 -8.90
N THR A 85 -12.25 -1.00 -7.95
CA THR A 85 -11.55 -1.32 -6.72
C THR A 85 -12.41 -1.03 -5.47
N PRO A 86 -13.01 -2.10 -4.91
CA PRO A 86 -13.77 -2.10 -3.64
C PRO A 86 -13.22 -1.23 -2.48
N ASN A 87 -11.92 -0.88 -2.46
CA ASN A 87 -11.42 -0.05 -1.36
C ASN A 87 -10.12 0.68 -1.69
N ALA A 88 -9.74 1.54 -0.74
CA ALA A 88 -8.40 2.10 -0.66
C ALA A 88 -7.92 2.02 0.79
N TYR A 89 -6.98 1.14 1.07
CA TYR A 89 -6.43 1.01 2.40
C TYR A 89 -5.20 1.89 2.51
N TYR A 90 -5.11 2.63 3.60
CA TYR A 90 -3.97 3.49 3.86
C TYR A 90 -3.72 4.45 2.70
N GLU A 91 -4.80 5.10 2.28
CA GLU A 91 -4.75 6.24 1.37
C GLU A 91 -4.29 5.88 -0.04
N GLY A 92 -4.04 4.61 -0.32
CA GLY A 92 -3.47 4.27 -1.60
C GLY A 92 -2.54 3.10 -1.53
N VAL A 93 -2.24 2.65 -0.31
CA VAL A 93 -1.28 1.58 -0.14
C VAL A 93 -1.89 0.24 -0.50
N PHE A 94 -3.20 0.12 -0.38
CA PHE A 94 -3.88 -1.11 -0.77
C PHE A 94 -5.24 -0.82 -1.28
N CYS A 95 -5.86 -1.84 -1.82
CA CYS A 95 -7.25 -1.82 -2.09
C CYS A 95 -7.85 -3.13 -1.60
N SER A 96 -8.75 -3.03 -0.64
CA SER A 96 -9.41 -4.17 -0.01
C SER A 96 -10.74 -3.77 0.57
N SER A 97 -11.77 -4.43 0.10
CA SER A 97 -13.16 -4.04 0.30
C SER A 97 -13.50 -3.76 1.76
N SER A 98 -12.70 -4.34 2.66
CA SER A 98 -12.80 -4.14 4.10
C SER A 98 -14.12 -4.65 4.68
N SER A 99 -14.22 -4.60 5.99
CA SER A 99 -15.42 -5.02 6.69
C SER A 99 -15.49 -4.29 8.03
#